data_7L23
# 
_entry.id   7L23 
# 
_audit_conform.dict_name       mmcif_pdbx.dic 
_audit_conform.dict_version    5.380 
_audit_conform.dict_location   http://mmcif.pdb.org/dictionaries/ascii/mmcif_pdbx.dic 
# 
loop_
_database_2.database_id 
_database_2.database_code 
_database_2.pdbx_database_accession 
_database_2.pdbx_DOI 
PDB   7L23         pdb_00007l23 10.2210/pdb7l23/pdb 
WWPDB D_1000253591 ?            ?                   
# 
_pdbx_database_related.db_name        PDB 
_pdbx_database_related.details        . 
_pdbx_database_related.db_id          6WC8 
_pdbx_database_related.content_type   unspecified 
# 
_pdbx_database_status.status_code                     REL 
_pdbx_database_status.status_code_sf                  REL 
_pdbx_database_status.status_code_mr                  ? 
_pdbx_database_status.entry_id                        7L23 
_pdbx_database_status.recvd_initial_deposition_date   2020-12-16 
_pdbx_database_status.SG_entry                        N 
_pdbx_database_status.deposit_site                    RCSB 
_pdbx_database_status.process_site                    RCSB 
_pdbx_database_status.status_code_cs                  ? 
_pdbx_database_status.status_code_nmr_data            ? 
_pdbx_database_status.methods_development_category    ? 
_pdbx_database_status.pdb_format_compatible           Y 
# 
loop_
_audit_author.name 
_audit_author.pdbx_ordinal 
_audit_author.identifier_ORCID 
'Gorman, M.A.' 1 0000-0003-3438-8245 
'Parker, M.W.' 2 0000-0002-3101-1138 
# 
_citation.abstract                  ? 
_citation.abstract_id_CAS           ? 
_citation.book_id_ISBN              ? 
_citation.book_publisher            ? 
_citation.book_publisher_city       ? 
_citation.book_title                ? 
_citation.coordinate_linkage        ? 
_citation.country                   ? 
_citation.database_id_Medline       ? 
_citation.details                   ? 
_citation.id                        primary 
_citation.journal_abbrev            'To Be Published' 
_citation.journal_id_ASTM           ? 
_citation.journal_id_CSD            0353 
_citation.journal_id_ISSN           ? 
_citation.journal_full              ? 
_citation.journal_issue             ? 
_citation.journal_volume            ? 
_citation.language                  ? 
_citation.page_first                ? 
_citation.page_last                 ? 
_citation.title                     
'Rapid development of potent inhibitors of the HIV integrase-LEDGF interaction by fragment-linking using off-rate screening' 
_citation.year                      ? 
_citation.database_id_CSD           ? 
_citation.pdbx_database_id_DOI      ? 
_citation.pdbx_database_id_PubMed   ? 
_citation.pdbx_database_id_patent   ? 
_citation.unpublished_flag          ? 
# 
loop_
_citation_author.citation_id 
_citation_author.name 
_citation_author.ordinal 
_citation_author.identifier_ORCID 
primary 'Chiew, B.'     1 ? 
primary 'Scanlon, M.J.' 2 ? 
# 
_cell.angle_alpha                  90.00 
_cell.angle_alpha_esd              ? 
_cell.angle_beta                   90.00 
_cell.angle_beta_esd               ? 
_cell.angle_gamma                  90.00 
_cell.angle_gamma_esd              ? 
_cell.entry_id                     7L23 
_cell.details                      ? 
_cell.formula_units_Z              ? 
_cell.length_a                     46.270 
_cell.length_a_esd                 ? 
_cell.length_b                     46.270 
_cell.length_b_esd                 ? 
_cell.length_c                     138.710 
_cell.length_c_esd                 ? 
_cell.volume                       ? 
_cell.volume_esd                   ? 
_cell.Z_PDB                        8 
_cell.reciprocal_angle_alpha       ? 
_cell.reciprocal_angle_beta        ? 
_cell.reciprocal_angle_gamma       ? 
_cell.reciprocal_angle_alpha_esd   ? 
_cell.reciprocal_angle_beta_esd    ? 
_cell.reciprocal_angle_gamma_esd   ? 
_cell.reciprocal_length_a          ? 
_cell.reciprocal_length_b          ? 
_cell.reciprocal_length_c          ? 
_cell.reciprocal_length_a_esd      ? 
_cell.reciprocal_length_b_esd      ? 
_cell.reciprocal_length_c_esd      ? 
_cell.pdbx_unique_axis             ? 
# 
_symmetry.entry_id                         7L23 
_symmetry.cell_setting                     ? 
_symmetry.Int_Tables_number                96 
_symmetry.space_group_name_Hall            ? 
_symmetry.space_group_name_H-M             'P 43 21 2' 
_symmetry.pdbx_full_space_group_name_H-M   ? 
# 
loop_
_entity.id 
_entity.type 
_entity.src_method 
_entity.pdbx_description 
_entity.formula_weight 
_entity.pdbx_number_of_molecules 
_entity.pdbx_ec 
_entity.pdbx_mutation 
_entity.pdbx_fragment 
_entity.details 
1 polymer     man Integrase                                                               16323.608 1  ? ? 'UNP residues 57-206' ? 
2 non-polymer syn 'SULFATE ION'                                                           96.063    2  ? ? ?                     ? 
3 non-polymer syn 'IODIDE ION'                                                            126.904   5  ? ? ?                     ? 
4 non-polymer syn '3-{[3-(carboxymethyl)-5-methyl-1-benzofuran-2-yl]ethynyl}benzoic acid' 334.322   1  ? ? ?                     ? 
5 water       nat water                                                                   18.015    17 ? ? ?                     ? 
# 
_entity_poly.entity_id                      1 
_entity_poly.type                           'polypeptide(L)' 
_entity_poly.nstd_linkage                   no 
_entity_poly.nstd_monomer                   no 
_entity_poly.pdbx_seq_one_letter_code       
;SPGIWQLDCTHLEGKVILVAVHVASGYIEAEVIPAETGQETAYFLLKLAGRWPVKTVHTDNGSNFTSTTVKAACEWAGIK
QEFGIPYNPQSQGVIESSNKELKKIIGQVRDQAEHLKTAVQMAVFIHNKKRKGGIGGYSAGERIVDIIAT
;
_entity_poly.pdbx_seq_one_letter_code_can   
;SPGIWQLDCTHLEGKVILVAVHVASGYIEAEVIPAETGQETAYFLLKLAGRWPVKTVHTDNGSNFTSTTVKAACEWAGIK
QEFGIPYNPQSQGVIESSNKELKKIIGQVRDQAEHLKTAVQMAVFIHNKKRKGGIGGYSAGERIVDIIAT
;
_entity_poly.pdbx_strand_id                 A 
_entity_poly.pdbx_target_identifier         ? 
# 
loop_
_entity_poly_seq.entity_id 
_entity_poly_seq.num 
_entity_poly_seq.mon_id 
_entity_poly_seq.hetero 
1 1   SER n 
1 2   PRO n 
1 3   GLY n 
1 4   ILE n 
1 5   TRP n 
1 6   GLN n 
1 7   LEU n 
1 8   ASP n 
1 9   CYS n 
1 10  THR n 
1 11  HIS n 
1 12  LEU n 
1 13  GLU n 
1 14  GLY n 
1 15  LYS n 
1 16  VAL n 
1 17  ILE n 
1 18  LEU n 
1 19  VAL n 
1 20  ALA n 
1 21  VAL n 
1 22  HIS n 
1 23  VAL n 
1 24  ALA n 
1 25  SER n 
1 26  GLY n 
1 27  TYR n 
1 28  ILE n 
1 29  GLU n 
1 30  ALA n 
1 31  GLU n 
1 32  VAL n 
1 33  ILE n 
1 34  PRO n 
1 35  ALA n 
1 36  GLU n 
1 37  THR n 
1 38  GLY n 
1 39  GLN n 
1 40  GLU n 
1 41  THR n 
1 42  ALA n 
1 43  TYR n 
1 44  PHE n 
1 45  LEU n 
1 46  LEU n 
1 47  LYS n 
1 48  LEU n 
1 49  ALA n 
1 50  GLY n 
1 51  ARG n 
1 52  TRP n 
1 53  PRO n 
1 54  VAL n 
1 55  LYS n 
1 56  THR n 
1 57  VAL n 
1 58  HIS n 
1 59  THR n 
1 60  ASP n 
1 61  ASN n 
1 62  GLY n 
1 63  SER n 
1 64  ASN n 
1 65  PHE n 
1 66  THR n 
1 67  SER n 
1 68  THR n 
1 69  THR n 
1 70  VAL n 
1 71  LYS n 
1 72  ALA n 
1 73  ALA n 
1 74  CYS n 
1 75  GLU n 
1 76  TRP n 
1 77  ALA n 
1 78  GLY n 
1 79  ILE n 
1 80  LYS n 
1 81  GLN n 
1 82  GLU n 
1 83  PHE n 
1 84  GLY n 
1 85  ILE n 
1 86  PRO n 
1 87  TYR n 
1 88  ASN n 
1 89  PRO n 
1 90  GLN n 
1 91  SER n 
1 92  GLN n 
1 93  GLY n 
1 94  VAL n 
1 95  ILE n 
1 96  GLU n 
1 97  SER n 
1 98  SER n 
1 99  ASN n 
1 100 LYS n 
1 101 GLU n 
1 102 LEU n 
1 103 LYS n 
1 104 LYS n 
1 105 ILE n 
1 106 ILE n 
1 107 GLY n 
1 108 GLN n 
1 109 VAL n 
1 110 ARG n 
1 111 ASP n 
1 112 GLN n 
1 113 ALA n 
1 114 GLU n 
1 115 HIS n 
1 116 LEU n 
1 117 LYS n 
1 118 THR n 
1 119 ALA n 
1 120 VAL n 
1 121 GLN n 
1 122 MET n 
1 123 ALA n 
1 124 VAL n 
1 125 PHE n 
1 126 ILE n 
1 127 HIS n 
1 128 ASN n 
1 129 LYS n 
1 130 LYS n 
1 131 ARG n 
1 132 LYS n 
1 133 GLY n 
1 134 GLY n 
1 135 ILE n 
1 136 GLY n 
1 137 GLY n 
1 138 TYR n 
1 139 SER n 
1 140 ALA n 
1 141 GLY n 
1 142 GLU n 
1 143 ARG n 
1 144 ILE n 
1 145 VAL n 
1 146 ASP n 
1 147 ILE n 
1 148 ILE n 
1 149 ALA n 
1 150 THR n 
# 
_entity_src_gen.entity_id                          1 
_entity_src_gen.pdbx_src_id                        1 
_entity_src_gen.pdbx_alt_source_flag               sample 
_entity_src_gen.pdbx_seq_type                      'Biological sequence' 
_entity_src_gen.pdbx_beg_seq_num                   1 
_entity_src_gen.pdbx_end_seq_num                   150 
_entity_src_gen.gene_src_common_name               ? 
_entity_src_gen.gene_src_genus                     ? 
_entity_src_gen.pdbx_gene_src_gene                 ? 
_entity_src_gen.gene_src_species                   ? 
_entity_src_gen.gene_src_strain                    ? 
_entity_src_gen.gene_src_tissue                    ? 
_entity_src_gen.gene_src_tissue_fraction           ? 
_entity_src_gen.gene_src_details                   ? 
_entity_src_gen.pdbx_gene_src_fragment             ? 
_entity_src_gen.pdbx_gene_src_scientific_name      'Human immunodeficiency virus 1' 
_entity_src_gen.pdbx_gene_src_ncbi_taxonomy_id     11676 
_entity_src_gen.pdbx_gene_src_variant              ? 
_entity_src_gen.pdbx_gene_src_cell_line            ? 
_entity_src_gen.pdbx_gene_src_atcc                 ? 
_entity_src_gen.pdbx_gene_src_organ                ? 
_entity_src_gen.pdbx_gene_src_organelle            ? 
_entity_src_gen.pdbx_gene_src_cell                 ? 
_entity_src_gen.pdbx_gene_src_cellular_location    ? 
_entity_src_gen.host_org_common_name               ? 
_entity_src_gen.pdbx_host_org_scientific_name      'Escherichia coli' 
_entity_src_gen.pdbx_host_org_ncbi_taxonomy_id     562 
_entity_src_gen.host_org_genus                     ? 
_entity_src_gen.pdbx_host_org_gene                 ? 
_entity_src_gen.pdbx_host_org_organ                ? 
_entity_src_gen.host_org_species                   ? 
_entity_src_gen.pdbx_host_org_tissue               ? 
_entity_src_gen.pdbx_host_org_tissue_fraction      ? 
_entity_src_gen.pdbx_host_org_strain               ? 
_entity_src_gen.pdbx_host_org_variant              ? 
_entity_src_gen.pdbx_host_org_cell_line            ? 
_entity_src_gen.pdbx_host_org_atcc                 ? 
_entity_src_gen.pdbx_host_org_culture_collection   ? 
_entity_src_gen.pdbx_host_org_cell                 ? 
_entity_src_gen.pdbx_host_org_organelle            ? 
_entity_src_gen.pdbx_host_org_cellular_location    ? 
_entity_src_gen.pdbx_host_org_vector_type          ? 
_entity_src_gen.pdbx_host_org_vector               ? 
_entity_src_gen.host_org_details                   ? 
_entity_src_gen.expression_system_id               ? 
_entity_src_gen.plasmid_name                       ? 
_entity_src_gen.plasmid_details                    ? 
_entity_src_gen.pdbx_description                   ? 
# 
_struct_ref.id                         1 
_struct_ref.db_name                    UNP 
_struct_ref.db_code                    Q76353_9HIV1 
_struct_ref.pdbx_db_accession          Q76353 
_struct_ref.pdbx_db_isoform            ? 
_struct_ref.entity_id                  1 
_struct_ref.pdbx_seq_one_letter_code   
;SPGIWQLDCTHLEGKVILVAVHVASGYIEAEVIPAETGQETAYFLLKLAGRWPVKTVHTDNGSNFTSTTVKAACWWAGIK
QEFGIPYNPQSQGVIESMNKELKKIIGQVRDQAEHLKTAVQMAVFIHNFKRKGGIGGYSAGERIVDIIAT
;
_struct_ref.pdbx_align_begin           57 
# 
_struct_ref_seq.align_id                      1 
_struct_ref_seq.ref_id                        1 
_struct_ref_seq.pdbx_PDB_id_code              7L23 
_struct_ref_seq.pdbx_strand_id                A 
_struct_ref_seq.seq_align_beg                 1 
_struct_ref_seq.pdbx_seq_align_beg_ins_code   ? 
_struct_ref_seq.seq_align_end                 150 
_struct_ref_seq.pdbx_seq_align_end_ins_code   ? 
_struct_ref_seq.pdbx_db_accession             Q76353 
_struct_ref_seq.db_align_beg                  57 
_struct_ref_seq.pdbx_db_align_beg_ins_code    ? 
_struct_ref_seq.db_align_end                  206 
_struct_ref_seq.pdbx_db_align_end_ins_code    ? 
_struct_ref_seq.pdbx_auth_seq_align_beg       57 
_struct_ref_seq.pdbx_auth_seq_align_end       206 
# 
loop_
_struct_ref_seq_dif.align_id 
_struct_ref_seq_dif.pdbx_pdb_id_code 
_struct_ref_seq_dif.mon_id 
_struct_ref_seq_dif.pdbx_pdb_strand_id 
_struct_ref_seq_dif.seq_num 
_struct_ref_seq_dif.pdbx_pdb_ins_code 
_struct_ref_seq_dif.pdbx_seq_db_name 
_struct_ref_seq_dif.pdbx_seq_db_accession_code 
_struct_ref_seq_dif.db_mon_id 
_struct_ref_seq_dif.pdbx_seq_db_seq_num 
_struct_ref_seq_dif.details 
_struct_ref_seq_dif.pdbx_auth_seq_num 
_struct_ref_seq_dif.pdbx_ordinal 
1 7L23 GLU A 75  ? UNP Q76353 TRP 131 conflict 131 1 
1 7L23 SER A 98  ? UNP Q76353 MET 154 conflict 154 2 
1 7L23 LYS A 129 ? UNP Q76353 PHE 185 conflict 185 3 
# 
loop_
_chem_comp.id 
_chem_comp.type 
_chem_comp.mon_nstd_flag 
_chem_comp.name 
_chem_comp.pdbx_synonyms 
_chem_comp.formula 
_chem_comp.formula_weight 
ALA 'L-peptide linking' y ALANINE                                                                 ? 'C3 H7 N O2'     89.093  
ARG 'L-peptide linking' y ARGININE                                                                ? 'C6 H15 N4 O2 1' 175.209 
ASN 'L-peptide linking' y ASPARAGINE                                                              ? 'C4 H8 N2 O3'    132.118 
ASP 'L-peptide linking' y 'ASPARTIC ACID'                                                         ? 'C4 H7 N O4'     133.103 
CYS 'L-peptide linking' y CYSTEINE                                                                ? 'C3 H7 N O2 S'   121.158 
GLN 'L-peptide linking' y GLUTAMINE                                                               ? 'C5 H10 N2 O3'   146.144 
GLU 'L-peptide linking' y 'GLUTAMIC ACID'                                                         ? 'C5 H9 N O4'     147.129 
GLY 'peptide linking'   y GLYCINE                                                                 ? 'C2 H5 N O2'     75.067  
HIS 'L-peptide linking' y HISTIDINE                                                               ? 'C6 H10 N3 O2 1' 156.162 
HOH non-polymer         . WATER                                                                   ? 'H2 O'           18.015  
ILE 'L-peptide linking' y ISOLEUCINE                                                              ? 'C6 H13 N O2'    131.173 
IOD non-polymer         . 'IODIDE ION'                                                            ? 'I -1'           126.904 
LEU 'L-peptide linking' y LEUCINE                                                                 ? 'C6 H13 N O2'    131.173 
LYS 'L-peptide linking' y LYSINE                                                                  ? 'C6 H15 N2 O2 1' 147.195 
MET 'L-peptide linking' y METHIONINE                                                              ? 'C5 H11 N O2 S'  149.211 
PHE 'L-peptide linking' y PHENYLALANINE                                                           ? 'C9 H11 N O2'    165.189 
PRO 'L-peptide linking' y PROLINE                                                                 ? 'C5 H9 N O2'     115.130 
SER 'L-peptide linking' y SERINE                                                                  ? 'C3 H7 N O3'     105.093 
SO4 non-polymer         . 'SULFATE ION'                                                           ? 'O4 S -2'        96.063  
THR 'L-peptide linking' y THREONINE                                                               ? 'C4 H9 N O3'     119.119 
TRP 'L-peptide linking' y TRYPTOPHAN                                                              ? 'C11 H12 N2 O2'  204.225 
TYR 'L-peptide linking' y TYROSINE                                                                ? 'C9 H11 N O3'    181.189 
VAL 'L-peptide linking' y VALINE                                                                  ? 'C5 H11 N O2'    117.146 
XFS non-polymer         . '3-{[3-(carboxymethyl)-5-methyl-1-benzofuran-2-yl]ethynyl}benzoic acid' ? 'C20 H14 O5'     334.322 
# 
_exptl.absorpt_coefficient_mu     ? 
_exptl.absorpt_correction_T_max   ? 
_exptl.absorpt_correction_T_min   ? 
_exptl.absorpt_correction_type    ? 
_exptl.absorpt_process_details    ? 
_exptl.entry_id                   7L23 
_exptl.crystals_number            1 
_exptl.details                    ? 
_exptl.method                     'X-RAY DIFFRACTION' 
_exptl.method_details             ? 
# 
_exptl_crystal.colour                      ? 
_exptl_crystal.density_diffrn              ? 
_exptl_crystal.density_Matthews            2.07 
_exptl_crystal.density_method              ? 
_exptl_crystal.density_percent_sol         45.91 
_exptl_crystal.description                 Bi-pyramid 
_exptl_crystal.F_000                       ? 
_exptl_crystal.id                          1 
_exptl_crystal.preparation                 ? 
_exptl_crystal.size_max                    ? 
_exptl_crystal.size_mid                    ? 
_exptl_crystal.size_min                    ? 
_exptl_crystal.size_rad                    ? 
_exptl_crystal.colour_lustre               ? 
_exptl_crystal.colour_modifier             ? 
_exptl_crystal.colour_primary              ? 
_exptl_crystal.density_meas                ? 
_exptl_crystal.density_meas_esd            ? 
_exptl_crystal.density_meas_gt             ? 
_exptl_crystal.density_meas_lt             ? 
_exptl_crystal.density_meas_temp           ? 
_exptl_crystal.density_meas_temp_esd       ? 
_exptl_crystal.density_meas_temp_gt        ? 
_exptl_crystal.density_meas_temp_lt        ? 
_exptl_crystal.pdbx_crystal_image_url      ? 
_exptl_crystal.pdbx_crystal_image_format   ? 
_exptl_crystal.pdbx_mosaicity              ? 
_exptl_crystal.pdbx_mosaicity_esd          ? 
# 
_exptl_crystal_grow.apparatus       ? 
_exptl_crystal_grow.atmosphere      ? 
_exptl_crystal_grow.crystal_id      1 
_exptl_crystal_grow.details         ? 
_exptl_crystal_grow.method          'VAPOR DIFFUSION, HANGING DROP' 
_exptl_crystal_grow.method_ref      ? 
_exptl_crystal_grow.pH              ? 
_exptl_crystal_grow.pressure        ? 
_exptl_crystal_grow.pressure_esd    ? 
_exptl_crystal_grow.seeding         ? 
_exptl_crystal_grow.seeding_ref     ? 
_exptl_crystal_grow.temp            294 
_exptl_crystal_grow.temp_details    ? 
_exptl_crystal_grow.temp_esd        ? 
_exptl_crystal_grow.time            ? 
_exptl_crystal_grow.pdbx_details    '2.2 M ammonium sulfate, 100 mM potassium iodide' 
_exptl_crystal_grow.pdbx_pH_range   ? 
# 
_diffrn.ambient_environment              ? 
_diffrn.ambient_temp                     100 
_diffrn.ambient_temp_details             ? 
_diffrn.ambient_temp_esd                 ? 
_diffrn.crystal_id                       1 
_diffrn.crystal_support                  ? 
_diffrn.crystal_treatment                ? 
_diffrn.details                          ? 
_diffrn.id                               1 
_diffrn.ambient_pressure                 ? 
_diffrn.ambient_pressure_esd             ? 
_diffrn.ambient_pressure_gt              ? 
_diffrn.ambient_pressure_lt              ? 
_diffrn.ambient_temp_gt                  ? 
_diffrn.ambient_temp_lt                  ? 
_diffrn.pdbx_serial_crystal_experiment   N 
# 
_diffrn_detector.details                      'AXCO Capillary optics' 
_diffrn_detector.detector                     'IMAGE PLATE' 
_diffrn_detector.diffrn_id                    1 
_diffrn_detector.type                         'RIGAKU RAXIS IV++' 
_diffrn_detector.area_resol_mean              ? 
_diffrn_detector.dtime                        ? 
_diffrn_detector.pdbx_frames_total            ? 
_diffrn_detector.pdbx_collection_time_total   ? 
_diffrn_detector.pdbx_collection_date         2015-03-18 
_diffrn_detector.pdbx_frequency               ? 
# 
_diffrn_radiation.collimation                      ? 
_diffrn_radiation.diffrn_id                        1 
_diffrn_radiation.filter_edge                      ? 
_diffrn_radiation.inhomogeneity                    ? 
_diffrn_radiation.monochromator                    'Ni filter' 
_diffrn_radiation.polarisn_norm                    ? 
_diffrn_radiation.polarisn_ratio                   ? 
_diffrn_radiation.probe                            ? 
_diffrn_radiation.type                             ? 
_diffrn_radiation.xray_symbol                      ? 
_diffrn_radiation.wavelength_id                    1 
_diffrn_radiation.pdbx_monochromatic_or_laue_m_l   M 
_diffrn_radiation.pdbx_wavelength_list             ? 
_diffrn_radiation.pdbx_wavelength                  ? 
_diffrn_radiation.pdbx_diffrn_protocol             'SINGLE WAVELENGTH' 
_diffrn_radiation.pdbx_analyzer                    ? 
_diffrn_radiation.pdbx_scattering_type             x-ray 
# 
_diffrn_radiation_wavelength.id           1 
_diffrn_radiation_wavelength.wavelength   1.5418 
_diffrn_radiation_wavelength.wt           1.0 
# 
_diffrn_source.current                     ? 
_diffrn_source.details                     ? 
_diffrn_source.diffrn_id                   1 
_diffrn_source.power                       ? 
_diffrn_source.size                        ? 
_diffrn_source.source                      'ROTATING ANODE' 
_diffrn_source.target                      ? 
_diffrn_source.type                        'RIGAKU MICROMAX-007 HF' 
_diffrn_source.voltage                     ? 
_diffrn_source.take-off_angle              ? 
_diffrn_source.pdbx_wavelength_list        1.5418 
_diffrn_source.pdbx_wavelength             ? 
_diffrn_source.pdbx_synchrotron_beamline   ? 
_diffrn_source.pdbx_synchrotron_site       ? 
# 
_reflns.B_iso_Wilson_estimate                          36.1 
_reflns.entry_id                                       7L23 
_reflns.data_reduction_details                         ? 
_reflns.data_reduction_method                          ? 
_reflns.d_resolution_high                              2.260 
_reflns.d_resolution_low                               34.680 
_reflns.details                                        ? 
_reflns.limit_h_max                                    ? 
_reflns.limit_h_min                                    ? 
_reflns.limit_k_max                                    ? 
_reflns.limit_k_min                                    ? 
_reflns.limit_l_max                                    ? 
_reflns.limit_l_min                                    ? 
_reflns.number_all                                     ? 
_reflns.number_obs                                     7697 
_reflns.observed_criterion                             ? 
_reflns.observed_criterion_F_max                       ? 
_reflns.observed_criterion_F_min                       ? 
_reflns.observed_criterion_I_max                       ? 
_reflns.observed_criterion_I_min                       ? 
_reflns.observed_criterion_sigma_F                     ? 
_reflns.observed_criterion_sigma_I                     ? 
_reflns.percent_possible_obs                           99.800 
_reflns.R_free_details                                 ? 
_reflns.Rmerge_F_all                                   ? 
_reflns.Rmerge_F_obs                                   ? 
_reflns.Friedel_coverage                               ? 
_reflns.number_gt                                      ? 
_reflns.threshold_expression                           ? 
_reflns.pdbx_redundancy                                4.800 
_reflns.pdbx_Rmerge_I_obs                              0.041 
_reflns.pdbx_Rmerge_I_all                              ? 
_reflns.pdbx_Rsym_value                                ? 
_reflns.pdbx_netI_over_av_sigmaI                       ? 
_reflns.pdbx_netI_over_sigmaI                          18.100 
_reflns.pdbx_res_netI_over_av_sigmaI_2                 ? 
_reflns.pdbx_res_netI_over_sigmaI_2                    ? 
_reflns.pdbx_chi_squared                               ? 
_reflns.pdbx_scaling_rejects                           ? 
_reflns.pdbx_d_res_high_opt                            ? 
_reflns.pdbx_d_res_low_opt                             ? 
_reflns.pdbx_d_res_opt_method                          ? 
_reflns.phase_calculation_details                      ? 
_reflns.pdbx_Rrim_I_all                                0.046 
_reflns.pdbx_Rpim_I_all                                0.020 
_reflns.pdbx_d_opt                                     ? 
_reflns.pdbx_number_measured_all                       ? 
_reflns.pdbx_diffrn_id                                 1 
_reflns.pdbx_ordinal                                   1 
_reflns.pdbx_CC_half                                   0.999 
_reflns.pdbx_CC_star                                   ? 
_reflns.pdbx_R_split                                   ? 
_reflns.pdbx_aniso_diffraction_limit_axis_1_ortho[1]   ? 
_reflns.pdbx_aniso_diffraction_limit_axis_1_ortho[2]   ? 
_reflns.pdbx_aniso_diffraction_limit_axis_1_ortho[3]   ? 
_reflns.pdbx_aniso_diffraction_limit_axis_2_ortho[1]   ? 
_reflns.pdbx_aniso_diffraction_limit_axis_2_ortho[2]   ? 
_reflns.pdbx_aniso_diffraction_limit_axis_2_ortho[3]   ? 
_reflns.pdbx_aniso_diffraction_limit_axis_3_ortho[1]   ? 
_reflns.pdbx_aniso_diffraction_limit_axis_3_ortho[2]   ? 
_reflns.pdbx_aniso_diffraction_limit_axis_3_ortho[3]   ? 
_reflns.pdbx_aniso_diffraction_limit_1                 ? 
_reflns.pdbx_aniso_diffraction_limit_2                 ? 
_reflns.pdbx_aniso_diffraction_limit_3                 ? 
_reflns.pdbx_aniso_B_tensor_eigenvector_1_ortho[1]     ? 
_reflns.pdbx_aniso_B_tensor_eigenvector_1_ortho[2]     ? 
_reflns.pdbx_aniso_B_tensor_eigenvector_1_ortho[3]     ? 
_reflns.pdbx_aniso_B_tensor_eigenvector_2_ortho[1]     ? 
_reflns.pdbx_aniso_B_tensor_eigenvector_2_ortho[2]     ? 
_reflns.pdbx_aniso_B_tensor_eigenvector_2_ortho[3]     ? 
_reflns.pdbx_aniso_B_tensor_eigenvector_3_ortho[1]     ? 
_reflns.pdbx_aniso_B_tensor_eigenvector_3_ortho[2]     ? 
_reflns.pdbx_aniso_B_tensor_eigenvector_3_ortho[3]     ? 
_reflns.pdbx_aniso_B_tensor_eigenvalue_1               ? 
_reflns.pdbx_aniso_B_tensor_eigenvalue_2               ? 
_reflns.pdbx_aniso_B_tensor_eigenvalue_3               ? 
_reflns.pdbx_orthogonalization_convention              ? 
_reflns.pdbx_percent_possible_ellipsoidal              ? 
_reflns.pdbx_percent_possible_spherical                ? 
_reflns.pdbx_percent_possible_ellipsoidal_anomalous    ? 
_reflns.pdbx_percent_possible_spherical_anomalous      ? 
_reflns.pdbx_redundancy_anomalous                      ? 
_reflns.pdbx_CC_half_anomalous                         ? 
_reflns.pdbx_absDiff_over_sigma_anomalous              ? 
_reflns.pdbx_percent_possible_anomalous                ? 
_reflns.pdbx_observed_signal_threshold                 ? 
_reflns.pdbx_signal_type                               ? 
_reflns.pdbx_signal_details                            ? 
_reflns.pdbx_signal_software_id                        ? 
# 
_reflns_shell.d_res_high                                    2.260 
_reflns_shell.d_res_low                                     2.330 
_reflns_shell.meanI_over_sigI_all                           ? 
_reflns_shell.meanI_over_sigI_obs                           ? 
_reflns_shell.number_measured_all                           ? 
_reflns_shell.number_measured_obs                           ? 
_reflns_shell.number_possible                               ? 
_reflns_shell.number_unique_all                             ? 
_reflns_shell.number_unique_obs                             690 
_reflns_shell.percent_possible_all                          99.600 
_reflns_shell.percent_possible_obs                          ? 
_reflns_shell.Rmerge_F_all                                  ? 
_reflns_shell.Rmerge_F_obs                                  ? 
_reflns_shell.Rmerge_I_all                                  ? 
_reflns_shell.Rmerge_I_obs                                  0.198 
_reflns_shell.meanI_over_sigI_gt                            ? 
_reflns_shell.meanI_over_uI_all                             ? 
_reflns_shell.meanI_over_uI_gt                              ? 
_reflns_shell.number_measured_gt                            ? 
_reflns_shell.number_unique_gt                              ? 
_reflns_shell.percent_possible_gt                           ? 
_reflns_shell.Rmerge_F_gt                                   ? 
_reflns_shell.Rmerge_I_gt                                   ? 
_reflns_shell.pdbx_redundancy                               4.700 
_reflns_shell.pdbx_Rsym_value                               ? 
_reflns_shell.pdbx_chi_squared                              ? 
_reflns_shell.pdbx_netI_over_sigmaI_all                     ? 
_reflns_shell.pdbx_netI_over_sigmaI_obs                     ? 
_reflns_shell.pdbx_Rrim_I_all                               0.222 
_reflns_shell.pdbx_Rpim_I_all                               0.100 
_reflns_shell.pdbx_rejects                                  ? 
_reflns_shell.pdbx_ordinal                                  1 
_reflns_shell.pdbx_diffrn_id                                1 
_reflns_shell.pdbx_CC_half                                  0.989 
_reflns_shell.pdbx_CC_star                                  ? 
_reflns_shell.pdbx_R_split                                  ? 
_reflns_shell.pdbx_percent_possible_ellipsoidal             ? 
_reflns_shell.pdbx_percent_possible_spherical               ? 
_reflns_shell.pdbx_percent_possible_ellipsoidal_anomalous   ? 
_reflns_shell.pdbx_percent_possible_spherical_anomalous     ? 
_reflns_shell.pdbx_redundancy_anomalous                     ? 
_reflns_shell.pdbx_CC_half_anomalous                        ? 
_reflns_shell.pdbx_absDiff_over_sigma_anomalous             ? 
_reflns_shell.pdbx_percent_possible_anomalous               ? 
# 
_refine.aniso_B[1][1]                            1.10 
_refine.aniso_B[1][2]                            0.00 
_refine.aniso_B[1][3]                            -0.00 
_refine.aniso_B[2][2]                            1.10 
_refine.aniso_B[2][3]                            -0.00 
_refine.aniso_B[3][3]                            -2.19 
_refine.B_iso_max                                ? 
_refine.B_iso_mean                               45.786 
_refine.B_iso_min                                ? 
_refine.correlation_coeff_Fo_to_Fc               0.945 
_refine.correlation_coeff_Fo_to_Fc_free          0.901 
_refine.details                                  'HYDROGENS HAVE BEEN ADDED IN THE RIDING POSITIONS' 
_refine.diff_density_max                         ? 
_refine.diff_density_max_esd                     ? 
_refine.diff_density_min                         ? 
_refine.diff_density_min_esd                     ? 
_refine.diff_density_rms                         ? 
_refine.diff_density_rms_esd                     ? 
_refine.entry_id                                 7L23 
_refine.pdbx_refine_id                           'X-RAY DIFFRACTION' 
_refine.ls_abs_structure_details                 ? 
_refine.ls_abs_structure_Flack                   ? 
_refine.ls_abs_structure_Flack_esd               ? 
_refine.ls_abs_structure_Rogers                  ? 
_refine.ls_abs_structure_Rogers_esd              ? 
_refine.ls_d_res_high                            2.26 
_refine.ls_d_res_low                             34.70 
_refine.ls_extinction_coef                       ? 
_refine.ls_extinction_coef_esd                   ? 
_refine.ls_extinction_expression                 ? 
_refine.ls_extinction_method                     ? 
_refine.ls_goodness_of_fit_all                   ? 
_refine.ls_goodness_of_fit_all_esd               ? 
_refine.ls_goodness_of_fit_obs                   ? 
_refine.ls_goodness_of_fit_obs_esd               ? 
_refine.ls_hydrogen_treatment                    ? 
_refine.ls_matrix_type                           ? 
_refine.ls_number_constraints                    ? 
_refine.ls_number_parameters                     ? 
_refine.ls_number_reflns_all                     ? 
_refine.ls_number_reflns_obs                     6815 
_refine.ls_number_reflns_R_free                  800 
_refine.ls_number_reflns_R_work                  ? 
_refine.ls_number_restraints                     ? 
_refine.ls_percent_reflns_obs                    99.32 
_refine.ls_percent_reflns_R_free                 10.5 
_refine.ls_R_factor_all                          ? 
_refine.ls_R_factor_obs                          0.22265 
_refine.ls_R_factor_R_free                       0.27955 
_refine.ls_R_factor_R_free_error                 ? 
_refine.ls_R_factor_R_free_error_details         ? 
_refine.ls_R_factor_R_work                       0.21589 
_refine.ls_R_Fsqd_factor_obs                     ? 
_refine.ls_R_I_factor_obs                        ? 
_refine.ls_redundancy_reflns_all                 ? 
_refine.ls_redundancy_reflns_obs                 ? 
_refine.ls_restrained_S_all                      ? 
_refine.ls_restrained_S_obs                      ? 
_refine.ls_shift_over_esd_max                    ? 
_refine.ls_shift_over_esd_mean                   ? 
_refine.ls_structure_factor_coef                 ? 
_refine.ls_weighting_details                     ? 
_refine.ls_weighting_scheme                      ? 
_refine.ls_wR_factor_all                         ? 
_refine.ls_wR_factor_obs                         ? 
_refine.ls_wR_factor_R_free                      ? 
_refine.ls_wR_factor_R_work                      ? 
_refine.occupancy_max                            ? 
_refine.occupancy_min                            ? 
_refine.solvent_model_details                    MASK 
_refine.solvent_model_param_bsol                 ? 
_refine.solvent_model_param_ksol                 ? 
_refine.pdbx_R_complete                          ? 
_refine.ls_R_factor_gt                           ? 
_refine.ls_goodness_of_fit_gt                    ? 
_refine.ls_goodness_of_fit_ref                   ? 
_refine.ls_shift_over_su_max                     ? 
_refine.ls_shift_over_su_max_lt                  ? 
_refine.ls_shift_over_su_mean                    ? 
_refine.ls_shift_over_su_mean_lt                 ? 
_refine.pdbx_ls_sigma_I                          ? 
_refine.pdbx_ls_sigma_F                          ? 
_refine.pdbx_ls_sigma_Fsqd                       ? 
_refine.pdbx_data_cutoff_high_absF               ? 
_refine.pdbx_data_cutoff_high_rms_absF           ? 
_refine.pdbx_data_cutoff_low_absF                ? 
_refine.pdbx_isotropic_thermal_model             ? 
_refine.pdbx_ls_cross_valid_method               THROUGHOUT 
_refine.pdbx_method_to_determine_struct          'MOLECULAR REPLACEMENT' 
_refine.pdbx_starting_model                      3VQA 
_refine.pdbx_stereochemistry_target_values       'MAXIMUM LIKELIHOOD' 
_refine.pdbx_R_Free_selection_details            RANDOM 
_refine.pdbx_stereochem_target_val_spec_case     ? 
_refine.pdbx_overall_ESU_R                       0.346 
_refine.pdbx_overall_ESU_R_Free                  0.265 
_refine.pdbx_solvent_vdw_probe_radii             1.20 
_refine.pdbx_solvent_ion_probe_radii             0.80 
_refine.pdbx_solvent_shrinkage_radii             0.80 
_refine.pdbx_real_space_R                        ? 
_refine.pdbx_density_correlation                 ? 
_refine.pdbx_pd_number_of_powder_patterns        ? 
_refine.pdbx_pd_number_of_points                 ? 
_refine.pdbx_pd_meas_number_of_points            ? 
_refine.pdbx_pd_proc_ls_prof_R_factor            ? 
_refine.pdbx_pd_proc_ls_prof_wR_factor           ? 
_refine.pdbx_pd_Marquardt_correlation_coeff      ? 
_refine.pdbx_pd_Fsqrd_R_factor                   ? 
_refine.pdbx_pd_ls_matrix_band_width             ? 
_refine.pdbx_overall_phase_error                 ? 
_refine.pdbx_overall_SU_R_free_Cruickshank_DPI   ? 
_refine.pdbx_overall_SU_R_free_Blow_DPI          ? 
_refine.pdbx_overall_SU_R_Blow_DPI               ? 
_refine.pdbx_TLS_residual_ADP_flag               ? 
_refine.pdbx_diffrn_id                           1 
_refine.overall_SU_B                             7.270 
_refine.overall_SU_ML                            0.180 
_refine.overall_SU_R_Cruickshank_DPI             ? 
_refine.overall_SU_R_free                        ? 
_refine.overall_FOM_free_R_set                   ? 
_refine.overall_FOM_work_R_set                   ? 
_refine.pdbx_average_fsc_overall                 ? 
_refine.pdbx_average_fsc_work                    ? 
_refine.pdbx_average_fsc_free                    ? 
# 
_refine_hist.pdbx_refine_id                   'X-RAY DIFFRACTION' 
_refine_hist.cycle_id                         1 
_refine_hist.details                          ? 
_refine_hist.d_res_high                       2.26 
_refine_hist.d_res_low                        34.70 
_refine_hist.number_atoms_solvent             17 
_refine_hist.number_atoms_total               1106 
_refine_hist.number_reflns_all                ? 
_refine_hist.number_reflns_obs                ? 
_refine_hist.number_reflns_R_free             ? 
_refine_hist.number_reflns_R_work             ? 
_refine_hist.R_factor_all                     ? 
_refine_hist.R_factor_obs                     ? 
_refine_hist.R_factor_R_free                  ? 
_refine_hist.R_factor_R_work                  ? 
_refine_hist.pdbx_number_residues_total       ? 
_refine_hist.pdbx_B_iso_mean_ligand           ? 
_refine_hist.pdbx_B_iso_mean_solvent          ? 
_refine_hist.pdbx_number_atoms_protein        1049 
_refine_hist.pdbx_number_atoms_nucleic_acid   0 
_refine_hist.pdbx_number_atoms_ligand         40 
_refine_hist.pdbx_number_atoms_lipid          ? 
_refine_hist.pdbx_number_atoms_carb           ? 
_refine_hist.pdbx_pseudo_atom_details         ? 
# 
loop_
_refine_ls_restr.pdbx_refine_id 
_refine_ls_restr.criterion 
_refine_ls_restr.dev_ideal 
_refine_ls_restr.dev_ideal_target 
_refine_ls_restr.number 
_refine_ls_restr.rejects 
_refine_ls_restr.type 
_refine_ls_restr.weight 
_refine_ls_restr.pdbx_restraint_function 
'X-RAY DIFFRACTION' ? 0.009  0.013  1108 ? r_bond_refined_d             ? ? 
'X-RAY DIFFRACTION' ? 0.001  0.018  1059 ? r_bond_other_d               ? ? 
'X-RAY DIFFRACTION' ? 1.532  1.656  1501 ? r_angle_refined_deg          ? ? 
'X-RAY DIFFRACTION' ? 1.262  1.594  2437 ? r_angle_other_deg            ? ? 
'X-RAY DIFFRACTION' ? 8.339  5.000  137  ? r_dihedral_angle_1_deg       ? ? 
'X-RAY DIFFRACTION' ? 33.766 23.404 47   ? r_dihedral_angle_2_deg       ? ? 
'X-RAY DIFFRACTION' ? 19.607 15.000 189  ? r_dihedral_angle_3_deg       ? ? 
'X-RAY DIFFRACTION' ? 25.042 15.000 4    ? r_dihedral_angle_4_deg       ? ? 
'X-RAY DIFFRACTION' ? 0.065  0.200  147  ? r_chiral_restr               ? ? 
'X-RAY DIFFRACTION' ? 0.007  0.020  1233 ? r_gen_planes_refined         ? ? 
'X-RAY DIFFRACTION' ? 0.001  0.020  240  ? r_gen_planes_other           ? ? 
'X-RAY DIFFRACTION' ? ?      ?      ?    ? r_nbd_refined                ? ? 
'X-RAY DIFFRACTION' ? ?      ?      ?    ? r_nbd_other                  ? ? 
'X-RAY DIFFRACTION' ? ?      ?      ?    ? r_nbtor_refined              ? ? 
'X-RAY DIFFRACTION' ? ?      ?      ?    ? r_nbtor_other                ? ? 
'X-RAY DIFFRACTION' ? ?      ?      ?    ? r_xyhbond_nbd_refined        ? ? 
'X-RAY DIFFRACTION' ? ?      ?      ?    ? r_xyhbond_nbd_other          ? ? 
'X-RAY DIFFRACTION' ? ?      ?      ?    ? r_metal_ion_refined          ? ? 
'X-RAY DIFFRACTION' ? ?      ?      ?    ? r_metal_ion_other            ? ? 
'X-RAY DIFFRACTION' ? ?      ?      ?    ? r_symmetry_vdw_refined       ? ? 
'X-RAY DIFFRACTION' ? ?      ?      ?    ? r_symmetry_vdw_other         ? ? 
'X-RAY DIFFRACTION' ? ?      ?      ?    ? r_symmetry_hbond_refined     ? ? 
'X-RAY DIFFRACTION' ? ?      ?      ?    ? r_symmetry_hbond_other       ? ? 
'X-RAY DIFFRACTION' ? ?      ?      ?    ? r_symmetry_metal_ion_refined ? ? 
'X-RAY DIFFRACTION' ? ?      ?      ?    ? r_symmetry_metal_ion_other   ? ? 
'X-RAY DIFFRACTION' ? 3.890  4.566  548  ? r_mcbond_it                  ? ? 
'X-RAY DIFFRACTION' ? 3.870  4.559  547  ? r_mcbond_other               ? ? 
'X-RAY DIFFRACTION' ? 5.883  6.810  682  ? r_mcangle_it                 ? ? 
'X-RAY DIFFRACTION' ? 5.879  6.817  683  ? r_mcangle_other              ? ? 
'X-RAY DIFFRACTION' ? 4.626  5.080  559  ? r_scbond_it                  ? ? 
'X-RAY DIFFRACTION' ? 4.622  5.077  560  ? r_scbond_other               ? ? 
'X-RAY DIFFRACTION' ? ?      ?      ?    ? r_scangle_it                 ? ? 
'X-RAY DIFFRACTION' ? 7.277  7.383  819  ? r_scangle_other              ? ? 
'X-RAY DIFFRACTION' ? 10.615 52.087 1242 ? r_long_range_B_refined       ? ? 
'X-RAY DIFFRACTION' ? 10.612 52.081 1243 ? r_long_range_B_other         ? ? 
# 
_refine_ls_shell.pdbx_refine_id                   'X-RAY DIFFRACTION' 
_refine_ls_shell.d_res_high                       2.26 
_refine_ls_shell.d_res_low                        2.316 
_refine_ls_shell.number_reflns_all                ? 
_refine_ls_shell.number_reflns_obs                ? 
_refine_ls_shell.number_reflns_R_free             59 
_refine_ls_shell.number_reflns_R_work             472 
_refine_ls_shell.percent_reflns_obs               95.68 
_refine_ls_shell.percent_reflns_R_free            ? 
_refine_ls_shell.R_factor_all                     ? 
_refine_ls_shell.R_factor_obs                     ? 
_refine_ls_shell.R_factor_R_free                  0.337 
_refine_ls_shell.R_factor_R_free_error            ? 
_refine_ls_shell.R_factor_R_work                  0.274 
_refine_ls_shell.redundancy_reflns_all            ? 
_refine_ls_shell.redundancy_reflns_obs            ? 
_refine_ls_shell.wR_factor_all                    ? 
_refine_ls_shell.wR_factor_obs                    ? 
_refine_ls_shell.wR_factor_R_free                 ? 
_refine_ls_shell.wR_factor_R_work                 ? 
_refine_ls_shell.pdbx_R_complete                  ? 
_refine_ls_shell.pdbx_total_number_of_bins_used   ? 
_refine_ls_shell.pdbx_phase_error                 ? 
_refine_ls_shell.pdbx_fsc_work                    ? 
_refine_ls_shell.pdbx_fsc_free                    ? 
# 
_struct.entry_id                     7L23 
_struct.title                        
;HIV Integrase core domain in complex with inhibitor 2-(5-(3-fluorophenyl)-2-(2-(thiophen-2-yl)ethynyl)-1- benzofuran-3-yl)ethanoic acid
;
_struct.pdbx_model_details           ? 
_struct.pdbx_formula_weight          ? 
_struct.pdbx_formula_weight_method   ? 
_struct.pdbx_model_type_details      ? 
_struct.pdbx_CASP_flag               N 
# 
_struct_keywords.entry_id        7L23 
_struct_keywords.text            'Inhibitor, HIV Integrase, TRANSFERASE-TRANSFERASE INHIBITOR complex' 
_struct_keywords.pdbx_keywords   'TRANSFERASE/TRANSFERASE INHIBITOR' 
# 
loop_
_struct_asym.id 
_struct_asym.pdbx_blank_PDB_chainid_flag 
_struct_asym.pdbx_modified 
_struct_asym.entity_id 
_struct_asym.details 
A N N 1 ? 
B N N 2 ? 
C N N 2 ? 
D N N 3 ? 
E N N 3 ? 
F N N 3 ? 
G N N 3 ? 
H N N 3 ? 
I N N 4 ? 
J N N 5 ? 
# 
loop_
_struct_conf.conf_type_id 
_struct_conf.id 
_struct_conf.pdbx_PDB_helix_id 
_struct_conf.beg_label_comp_id 
_struct_conf.beg_label_asym_id 
_struct_conf.beg_label_seq_id 
_struct_conf.pdbx_beg_PDB_ins_code 
_struct_conf.end_label_comp_id 
_struct_conf.end_label_asym_id 
_struct_conf.end_label_seq_id 
_struct_conf.pdbx_end_PDB_ins_code 
_struct_conf.beg_auth_comp_id 
_struct_conf.beg_auth_asym_id 
_struct_conf.beg_auth_seq_id 
_struct_conf.end_auth_comp_id 
_struct_conf.end_auth_asym_id 
_struct_conf.end_auth_seq_id 
_struct_conf.pdbx_PDB_helix_class 
_struct_conf.details 
_struct_conf.pdbx_PDB_helix_length 
HELX_P HELX_P1 AA1 THR A 37  ? TRP A 52  ? THR A 93  TRP A 108 1 ? 16 
HELX_P HELX_P2 AA2 GLY A 62  ? THR A 66  ? GLY A 118 THR A 122 5 ? 5  
HELX_P HELX_P3 AA3 SER A 67  ? GLY A 78  ? SER A 123 GLY A 134 1 ? 12 
HELX_P HELX_P4 AA4 LYS A 100 ? ARG A 110 ? LYS A 156 ARG A 166 1 ? 11 
HELX_P HELX_P5 AA5 ASP A 111 ? ALA A 113 ? ASP A 167 ALA A 169 5 ? 3  
HELX_P HELX_P6 AA6 HIS A 115 ? LYS A 130 ? HIS A 171 LYS A 186 1 ? 16 
HELX_P HELX_P7 AA7 ARG A 131 ? ILE A 135 ? ARG A 187 ILE A 191 5 ? 5  
HELX_P HELX_P8 AA8 SER A 139 ? THR A 150 ? SER A 195 THR A 206 1 ? 12 
# 
_struct_conf_type.id          HELX_P 
_struct_conf_type.criteria    ? 
_struct_conf_type.reference   ? 
# 
_struct_sheet.id               AA1 
_struct_sheet.type             ? 
_struct_sheet.number_strands   5 
_struct_sheet.details          ? 
# 
loop_
_struct_sheet_order.sheet_id 
_struct_sheet_order.range_id_1 
_struct_sheet_order.range_id_2 
_struct_sheet_order.offset 
_struct_sheet_order.sense 
AA1 1 2 ? anti-parallel 
AA1 2 3 ? anti-parallel 
AA1 3 4 ? parallel      
AA1 4 5 ? parallel      
# 
loop_
_struct_sheet_range.sheet_id 
_struct_sheet_range.id 
_struct_sheet_range.beg_label_comp_id 
_struct_sheet_range.beg_label_asym_id 
_struct_sheet_range.beg_label_seq_id 
_struct_sheet_range.pdbx_beg_PDB_ins_code 
_struct_sheet_range.end_label_comp_id 
_struct_sheet_range.end_label_asym_id 
_struct_sheet_range.end_label_seq_id 
_struct_sheet_range.pdbx_end_PDB_ins_code 
_struct_sheet_range.beg_auth_comp_id 
_struct_sheet_range.beg_auth_asym_id 
_struct_sheet_range.beg_auth_seq_id 
_struct_sheet_range.end_auth_comp_id 
_struct_sheet_range.end_auth_asym_id 
_struct_sheet_range.end_auth_seq_id 
AA1 1 ILE A 28 ? ILE A 33 ? ILE A 84  ILE A 89  
AA1 2 LYS A 15 ? HIS A 22 ? LYS A 71  HIS A 78  
AA1 3 ILE A 4  ? LEU A 12 ? ILE A 60  LEU A 68  
AA1 4 THR A 56 ? THR A 59 ? THR A 112 THR A 115 
AA1 5 LYS A 80 ? PHE A 83 ? LYS A 136 PHE A 139 
# 
loop_
_pdbx_struct_sheet_hbond.sheet_id 
_pdbx_struct_sheet_hbond.range_id_1 
_pdbx_struct_sheet_hbond.range_id_2 
_pdbx_struct_sheet_hbond.range_1_label_atom_id 
_pdbx_struct_sheet_hbond.range_1_label_comp_id 
_pdbx_struct_sheet_hbond.range_1_label_asym_id 
_pdbx_struct_sheet_hbond.range_1_label_seq_id 
_pdbx_struct_sheet_hbond.range_1_PDB_ins_code 
_pdbx_struct_sheet_hbond.range_1_auth_atom_id 
_pdbx_struct_sheet_hbond.range_1_auth_comp_id 
_pdbx_struct_sheet_hbond.range_1_auth_asym_id 
_pdbx_struct_sheet_hbond.range_1_auth_seq_id 
_pdbx_struct_sheet_hbond.range_2_label_atom_id 
_pdbx_struct_sheet_hbond.range_2_label_comp_id 
_pdbx_struct_sheet_hbond.range_2_label_asym_id 
_pdbx_struct_sheet_hbond.range_2_label_seq_id 
_pdbx_struct_sheet_hbond.range_2_PDB_ins_code 
_pdbx_struct_sheet_hbond.range_2_auth_atom_id 
_pdbx_struct_sheet_hbond.range_2_auth_comp_id 
_pdbx_struct_sheet_hbond.range_2_auth_asym_id 
_pdbx_struct_sheet_hbond.range_2_auth_seq_id 
AA1 1 2 O GLU A 31 ? O GLU A 87  N LEU A 18 ? N LEU A 74  
AA1 2 3 O ILE A 17 ? O ILE A 73  N THR A 10 ? N THR A 66  
AA1 3 4 N TRP A 5  ? N TRP A 61  O THR A 56 ? O THR A 112 
AA1 4 5 N VAL A 57 ? N VAL A 113 O GLU A 82 ? O GLU A 138 
# 
_atom_sites.entry_id                    7L23 
_atom_sites.Cartn_transf_matrix[1][1]   ? 
_atom_sites.Cartn_transf_matrix[1][2]   ? 
_atom_sites.Cartn_transf_matrix[1][3]   ? 
_atom_sites.Cartn_transf_matrix[2][1]   ? 
_atom_sites.Cartn_transf_matrix[2][2]   ? 
_atom_sites.Cartn_transf_matrix[2][3]   ? 
_atom_sites.Cartn_transf_matrix[3][1]   ? 
_atom_sites.Cartn_transf_matrix[3][2]   ? 
_atom_sites.Cartn_transf_matrix[3][3]   ? 
_atom_sites.Cartn_transf_vector[1]      ? 
_atom_sites.Cartn_transf_vector[2]      ? 
_atom_sites.Cartn_transf_vector[3]      ? 
_atom_sites.fract_transf_matrix[1][1]   0.00330011 
_atom_sites.fract_transf_matrix[1][2]   0.00337332 
_atom_sites.fract_transf_matrix[1][3]   -0.02109048 
_atom_sites.fract_transf_matrix[2][1]   -0.00117100 
_atom_sites.fract_transf_matrix[2][2]   -0.02128008 
_atom_sites.fract_transf_matrix[2][3]   -0.00358688 
_atom_sites.fract_transf_matrix[3][1]   -0.00711374 
_atom_sites.fract_transf_matrix[3][2]   0.00056388 
_atom_sites.fract_transf_matrix[3][3]   -0.00102293 
_atom_sites.fract_transf_vector[1]      0.379815 
_atom_sites.fract_transf_vector[2]      0.113275 
_atom_sites.fract_transf_vector[3]      -0.031364 
_atom_sites.solution_primary            ? 
_atom_sites.solution_secondary          ? 
_atom_sites.solution_hydrogens          ? 
_atom_sites.special_details             ? 
# 
loop_
_atom_type.symbol 
C 
I 
N 
O 
S 
# 
loop_
_atom_site.group_PDB 
_atom_site.id 
_atom_site.type_symbol 
_atom_site.label_atom_id 
_atom_site.label_alt_id 
_atom_site.label_comp_id 
_atom_site.label_asym_id 
_atom_site.label_entity_id 
_atom_site.label_seq_id 
_atom_site.pdbx_PDB_ins_code 
_atom_site.Cartn_x 
_atom_site.Cartn_y 
_atom_site.Cartn_z 
_atom_site.occupancy 
_atom_site.B_iso_or_equiv 
_atom_site.pdbx_formal_charge 
_atom_site.auth_seq_id 
_atom_site.auth_comp_id 
_atom_site.auth_asym_id 
_atom_site.auth_atom_id 
_atom_site.pdbx_PDB_model_num 
ATOM   1    N N   . SER A 1 1   ? 8.917   -8.661  -10.654 1.00 92.99  ?  57  SER A N   1 
ATOM   2    C CA  . SER A 1 1   ? 8.844   -10.007 -10.011 1.00 90.67  ?  57  SER A CA  1 
ATOM   3    C C   . SER A 1 1   ? 7.560   -10.105 -9.182  1.00 94.69  ?  57  SER A C   1 
ATOM   4    O O   . SER A 1 1   ? 6.855   -9.104  -9.010  1.00 85.70  ?  57  SER A O   1 
ATOM   5    C CB  . SER A 1 1   ? 10.095  -10.279 -9.204  1.00 91.02  ?  57  SER A CB  1 
ATOM   6    O OG  . SER A 1 1   ? 10.686  -11.507 -9.602  1.00 86.84  ?  57  SER A OG  1 
ATOM   7    N N   . PRO A 1 2   ? 7.202   -11.300 -8.644  1.00 93.31  ?  58  PRO A N   1 
ATOM   8    C CA  . PRO A 1 2   ? 5.859   -11.523 -8.104  1.00 78.27  ?  58  PRO A CA  1 
ATOM   9    C C   . PRO A 1 2   ? 5.727   -10.934 -6.694  1.00 70.37  ?  58  PRO A C   1 
ATOM   10   O O   . PRO A 1 2   ? 4.593   -10.770 -6.251  1.00 64.63  ?  58  PRO A O   1 
ATOM   11   C CB  . PRO A 1 2   ? 5.760   -13.054 -8.065  1.00 84.13  ?  58  PRO A CB  1 
ATOM   12   C CG  . PRO A 1 2   ? 7.180   -13.498 -7.759  1.00 88.21  ?  58  PRO A CG  1 
ATOM   13   C CD  . PRO A 1 2   ? 8.078   -12.468 -8.428  1.00 92.47  ?  58  PRO A CD  1 
ATOM   14   N N   . GLY A 1 3   ? 6.874   -10.641 -6.051  1.00 49.67  ?  59  GLY A N   1 
ATOM   15   C CA  . GLY A 1 3   ? 6.972   -10.280 -4.629  1.00 41.61  ?  59  GLY A CA  1 
ATOM   16   C C   . GLY A 1 3   ? 7.504   -8.869  -4.416  1.00 38.12  ?  59  GLY A C   1 
ATOM   17   O O   . GLY A 1 3   ? 7.826   -8.579  -3.288  1.00 34.17  ?  59  GLY A O   1 
ATOM   18   N N   . ILE A 1 4   ? 7.535   -8.006  -5.438  1.00 31.96  ?  60  ILE A N   1 
ATOM   19   C CA  . ILE A 1 4   ? 8.176   -6.658  -5.364  1.00 36.79  ?  60  ILE A CA  1 
ATOM   20   C C   . ILE A 1 4   ? 7.120   -5.614  -4.997  1.00 33.49  ?  60  ILE A C   1 
ATOM   21   O O   . ILE A 1 4   ? 6.175   -5.421  -5.752  1.00 33.97  ?  60  ILE A O   1 
ATOM   22   C CB  . ILE A 1 4   ? 8.862   -6.297  -6.694  1.00 41.24  ?  60  ILE A CB  1 
ATOM   23   C CG1 . ILE A 1 4   ? 9.775   -7.429  -7.170  1.00 46.18  ?  60  ILE A CG1 1 
ATOM   24   C CG2 . ILE A 1 4   ? 9.583   -4.956  -6.603  1.00 40.21  ?  60  ILE A CG2 1 
ATOM   25   C CD1 . ILE A 1 4   ? 10.746  -7.889  -6.135  1.00 48.13  ?  60  ILE A CD1 1 
ATOM   26   N N   . TRP A 1 5   ? 7.320   -4.911  -3.900  1.00 31.88  ?  61  TRP A N   1 
ATOM   27   C CA  . TRP A 1 5   ? 6.419   -3.809  -3.499  1.00 32.68  ?  61  TRP A CA  1 
ATOM   28   C C   . TRP A 1 5   ? 7.197   -2.508  -3.350  1.00 32.81  ?  61  TRP A C   1 
ATOM   29   O O   . TRP A 1 5   ? 8.423   -2.536  -3.221  1.00 35.31  ?  61  TRP A O   1 
ATOM   30   C CB  . TRP A 1 5   ? 5.680   -4.157  -2.213  1.00 29.36  ?  61  TRP A CB  1 
ATOM   31   C CG  . TRP A 1 5   ? 4.836   -5.378  -2.326  1.00 30.93  ?  61  TRP A CG  1 
ATOM   32   C CD1 . TRP A 1 5   ? 5.275   -6.661  -2.414  1.00 29.24  ?  61  TRP A CD1 1 
ATOM   33   C CD2 . TRP A 1 5   ? 3.385   -5.426  -2.352  1.00 28.94  ?  61  TRP A CD2 1 
ATOM   34   N NE1 . TRP A 1 5   ? 4.199   -7.505  -2.506  1.00 31.22  ?  61  TRP A NE1 1 
ATOM   35   C CE2 . TRP A 1 5   ? 3.030   -6.780  -2.463  1.00 26.50  ?  61  TRP A CE2 1 
ATOM   36   C CE3 . TRP A 1 5   ? 2.368   -4.459  -2.243  1.00 26.61  ?  61  TRP A CE3 1 
ATOM   37   C CZ2 . TRP A 1 5   ? 1.700   -7.201  -2.504  1.00 26.09  ?  61  TRP A CZ2 1 
ATOM   38   C CZ3 . TRP A 1 5   ? 1.056   -4.862  -2.297  1.00 24.49  ?  61  TRP A CZ3 1 
ATOM   39   C CH2 . TRP A 1 5   ? 0.731   -6.222  -2.402  1.00 26.96  ?  61  TRP A CH2 1 
ATOM   40   N N   . GLN A 1 6   ? 6.439   -1.420  -3.347  1.00 34.84  ?  62  GLN A N   1 
ATOM   41   C CA  . GLN A 1 6   ? 6.870   -0.024  -3.153  1.00 35.72  ?  62  GLN A CA  1 
ATOM   42   C C   . GLN A 1 6   ? 6.095   0.534   -1.962  1.00 34.55  ?  62  GLN A C   1 
ATOM   43   O O   . GLN A 1 6   ? 4.850   0.384   -1.919  1.00 28.95  ?  62  GLN A O   1 
ATOM   44   C CB  . GLN A 1 6   ? 6.544   0.775   -4.407  1.00 43.24  ?  62  GLN A CB  1 
ATOM   45   C CG  . GLN A 1 6   ? 7.141   2.163   -4.408  1.00 51.82  ?  62  GLN A CG  1 
ATOM   46   C CD  . GLN A 1 6   ? 8.014   2.314   -5.628  1.00 64.42  ?  62  GLN A CD  1 
ATOM   47   O OE1 . GLN A 1 6   ? 9.234   2.188   -5.541  1.00 78.46  ?  62  GLN A OE1 1 
ATOM   48   N NE2 . GLN A 1 6   ? 7.390   2.519   -6.778  1.00 61.43  ?  62  GLN A NE2 1 
ATOM   49   N N   . LEU A 1 7   ? 6.785   1.138   -1.016  1.00 31.58  ?  63  LEU A N   1 
ATOM   50   C CA  . LEU A 1 7   ? 6.121   1.672   0.188   1.00 37.11  ?  63  LEU A CA  1 
ATOM   51   C C   . LEU A 1 7   ? 6.392   3.185   0.238   1.00 41.50  ?  63  LEU A C   1 
ATOM   52   O O   . LEU A 1 7   ? 7.572   3.594   0.177   1.00 39.73  ?  63  LEU A O   1 
ATOM   53   C CB  . LEU A 1 7   ? 6.659   0.895   1.384   1.00 38.76  ?  63  LEU A CB  1 
ATOM   54   C CG  . LEU A 1 7   ? 5.855   1.024   2.668   1.00 46.50  ?  63  LEU A CG  1 
ATOM   55   C CD1 . LEU A 1 7   ? 4.695   0.044   2.649   1.00 51.65  ?  63  LEU A CD1 1 
ATOM   56   C CD2 . LEU A 1 7   ? 6.738   0.773   3.878   1.00 50.21  ?  63  LEU A CD2 1 
ATOM   57   N N   . ASP A 1 8   ? 5.332   3.987   0.300   1.00 42.22  ?  64  ASP A N   1 
ATOM   58   C CA  . ASP A 1 8   ? 5.403   5.469   0.352   1.00 48.55  ?  64  ASP A CA  1 
ATOM   59   C C   . ASP A 1 8   ? 4.363   5.936   1.369   1.00 50.33  ?  64  ASP A C   1 
ATOM   60   O O   . ASP A 1 8   ? 3.459   5.152   1.689   1.00 54.35  ?  64  ASP A O   1 
ATOM   61   C CB  . ASP A 1 8   ? 5.183   6.100   -1.034  1.00 54.90  ?  64  ASP A CB  1 
ATOM   62   C CG  . ASP A 1 8   ? 5.930   7.416   -1.270  1.00 63.10  ?  64  ASP A CG  1 
ATOM   63   O OD1 . ASP A 1 8   ? 6.242   8.126   -0.276  1.00 58.54  ?  64  ASP A OD1 1 
ATOM   64   O OD2 . ASP A 1 8   ? 6.209   7.728   -2.454  1.00 66.58  ?  64  ASP A OD2 1 
ATOM   65   N N   . CYS A 1 9   ? 4.508   7.159   1.865   1.00 51.65  ?  65  CYS A N   1 
ATOM   66   C CA  . CYS A 1 9   ? 3.576   7.805   2.822   1.00 52.37  ?  65  CYS A CA  1 
ATOM   67   C C   . CYS A 1 9   ? 2.963   9.014   2.098   1.00 52.64  ?  65  CYS A C   1 
ATOM   68   O O   . CYS A 1 9   ? 3.655   9.630   1.284   1.00 47.92  ?  65  CYS A O   1 
ATOM   69   C CB  . CYS A 1 9   ? 4.315   8.142   4.114   1.00 55.73  ?  65  CYS A CB  1 
ATOM   70   S SG  . CYS A 1 9   ? 5.270   6.738   4.773   1.00 60.36  ?  65  CYS A SG  1 
ATOM   71   N N   . THR A 1 10  ? 1.673   9.284   2.280   1.00 54.18  ?  66  THR A N   1 
ATOM   72   C CA  . THR A 1 10  ? 1.037   10.534  1.781   1.00 50.40  ?  66  THR A CA  1 
ATOM   73   C C   . THR A 1 10  ? 0.181   11.087  2.923   1.00 46.98  ?  66  THR A C   1 
ATOM   74   O O   . THR A 1 10  ? 0.043   10.365  3.937   1.00 44.99  ?  66  THR A O   1 
ATOM   75   C CB  . THR A 1 10  ? 0.304   10.297  0.454   1.00 52.22  ?  66  THR A CB  1 
ATOM   76   O OG1 . THR A 1 10  ? 0.116   11.566  -0.179  1.00 50.92  ?  66  THR A OG1 1 
ATOM   77   C CG2 . THR A 1 10  ? -1.030  9.590   0.616   1.00 46.54  ?  66  THR A CG2 1 
ATOM   78   N N   . HIS A 1 11  ? -0.358  12.302  2.762   1.00 49.57  ?  67  HIS A N   1 
ATOM   79   C CA  . HIS A 1 11  ? -0.921  13.123  3.875   1.00 53.03  ?  67  HIS A CA  1 
ATOM   80   C C   . HIS A 1 11  ? -2.236  13.789  3.467   1.00 48.02  ?  67  HIS A C   1 
ATOM   81   O O   . HIS A 1 11  ? -2.354  14.289  2.338   1.00 45.50  ?  67  HIS A O   1 
ATOM   82   C CB  . HIS A 1 11  ? 0.086   14.169  4.358   1.00 50.99  ?  67  HIS A CB  1 
ATOM   83   C CG  . HIS A 1 11  ? 1.350   13.584  4.888   1.00 49.83  ?  67  HIS A CG  1 
ATOM   84   N ND1 . HIS A 1 11  ? 2.443   13.359  4.086   1.00 49.52  ?  67  HIS A ND1 1 
ATOM   85   C CD2 . HIS A 1 11  ? 1.711   13.210  6.135   1.00 51.62  ?  67  HIS A CD2 1 
ATOM   86   C CE1 . HIS A 1 11  ? 3.420   12.857  4.811   1.00 49.56  ?  67  HIS A CE1 1 
ATOM   87   N NE2 . HIS A 1 11  ? 3.004   12.763  6.069   1.00 48.00  ?  67  HIS A NE2 1 
ATOM   88   N N   . LEU A 1 12  ? -3.202  13.781  4.374   1.00 50.78  ?  68  LEU A N   1 
ATOM   89   C CA  . LEU A 1 12  ? -4.541  14.340  4.101   1.00 50.41  ?  68  LEU A CA  1 
ATOM   90   C C   . LEU A 1 12  ? -5.200  14.599  5.450   1.00 49.64  ?  68  LEU A C   1 
ATOM   91   O O   . LEU A 1 12  ? -5.103  13.701  6.334   1.00 46.61  ?  68  LEU A O   1 
ATOM   92   C CB  . LEU A 1 12  ? -5.331  13.345  3.241   1.00 53.44  ?  68  LEU A CB  1 
ATOM   93   C CG  . LEU A 1 12  ? -6.312  13.951  2.237   1.00 57.78  ?  68  LEU A CG  1 
ATOM   94   C CD1 . LEU A 1 12  ? -5.596  14.682  1.105   1.00 57.12  ?  68  LEU A CD1 1 
ATOM   95   C CD2 . LEU A 1 12  ? -7.221  12.876  1.666   1.00 60.76  ?  68  LEU A CD2 1 
ATOM   96   N N   . GLU A 1 13  ? -5.789  15.795  5.591   1.00 46.06  ?  69  GLU A N   1 
ATOM   97   C CA  . GLU A 1 13  ? -6.504  16.272  6.800   1.00 47.56  ?  69  GLU A CA  1 
ATOM   98   C C   . GLU A 1 13  ? -5.626  16.072  8.035   1.00 42.87  ?  69  GLU A C   1 
ATOM   99   O O   . GLU A 1 13  ? -6.195  15.714  9.102   1.00 44.97  ?  69  GLU A O   1 
ATOM   100  C CB  . GLU A 1 13  ? -7.826  15.529  6.987   1.00 44.63  ?  69  GLU A CB  1 
ATOM   101  C CG  . GLU A 1 13  ? -8.649  15.448  5.725   1.00 43.56  ?  69  GLU A CG  1 
ATOM   102  C CD  . GLU A 1 13  ? -9.949  14.717  5.981   1.00 44.73  ?  69  GLU A CD  1 
ATOM   103  O OE1 . GLU A 1 13  ? -10.192 14.275  7.141   1.00 42.45  ?  69  GLU A OE1 1 
ATOM   104  O OE2 . GLU A 1 13  ? -10.708 14.598  5.038   1.00 44.09  ?  69  GLU A OE2 1 
ATOM   105  N N   . GLY A 1 14  ? -4.311  16.274  7.875   1.00 45.11  ?  70  GLY A N   1 
ATOM   106  C CA  . GLY A 1 14  ? -3.328  16.293  8.978   1.00 49.13  ?  70  GLY A CA  1 
ATOM   107  C C   . GLY A 1 14  ? -3.053  14.902  9.518   1.00 53.37  ?  70  GLY A C   1 
ATOM   108  O O   . GLY A 1 14  ? -2.610  14.817  10.668  1.00 60.79  ?  70  GLY A O   1 
ATOM   109  N N   . LYS A 1 15  ? -3.298  13.855  8.720   1.00 53.44  ?  71  LYS A N   1 
ATOM   110  C CA  . LYS A 1 15  ? -3.032  12.437  9.092   1.00 51.86  ?  71  LYS A CA  1 
ATOM   111  C C   . LYS A 1 15  ? -2.144  11.780  8.033   1.00 47.60  ?  71  LYS A C   1 
ATOM   112  O O   . LYS A 1 15  ? -2.015  12.337  6.904   1.00 47.40  ?  71  LYS A O   1 
ATOM   113  C CB  . LYS A 1 15  ? -4.324  11.630  9.200   1.00 51.22  ?  71  LYS A CB  1 
ATOM   114  C CG  . LYS A 1 15  ? -5.412  12.235  10.065  1.00 56.05  ?  71  LYS A CG  1 
ATOM   115  C CD  . LYS A 1 15  ? -5.970  11.276  11.102  1.00 60.10  ?  71  LYS A CD  1 
ATOM   116  C CE  . LYS A 1 15  ? -7.478  11.162  11.055  1.00 65.52  ?  71  LYS A CE  1 
ATOM   117  N NZ  . LYS A 1 15  ? -8.157  12.476  11.164  1.00 66.12  ?  71  LYS A NZ  1 
ATOM   118  N N   . VAL A 1 16  ? -1.573  10.629  8.382   1.00 49.09  ?  72  VAL A N   1 
ATOM   119  C CA  . VAL A 1 16  ? -0.581  9.900   7.540   1.00 46.42  ?  72  VAL A CA  1 
ATOM   120  C C   . VAL A 1 16  ? -1.249  8.680   6.910   1.00 41.41  ?  72  VAL A C   1 
ATOM   121  O O   . VAL A 1 16  ? -1.839  7.882   7.659   1.00 39.17  ?  72  VAL A O   1 
ATOM   122  C CB  . VAL A 1 16  ? 0.659   9.494   8.342   1.00 50.43  ?  72  VAL A CB  1 
ATOM   123  C CG1 . VAL A 1 16  ? 1.642   8.737   7.463   1.00 52.88  ?  72  VAL A CG1 1 
ATOM   124  C CG2 . VAL A 1 16  ? 1.312   10.717  8.970   1.00 56.07  ?  72  VAL A CG2 1 
ATOM   125  N N   . ILE A 1 17  ? -1.138  8.562   5.580   1.00 39.64  ?  73  ILE A N   1 
ATOM   126  C CA  . ILE A 1 17  ? -1.609  7.379   4.795   1.00 36.91  ?  73  ILE A CA  1 
ATOM   127  C C   . ILE A 1 17  ? -0.377  6.606   4.320   1.00 36.45  ?  73  ILE A C   1 
ATOM   128  O O   . ILE A 1 17  ? 0.401   7.124   3.498   1.00 39.34  ?  73  ILE A O   1 
ATOM   129  C CB  . ILE A 1 17  ? -2.523  7.809   3.633   1.00 36.96  ?  73  ILE A CB  1 
ATOM   130  C CG1 . ILE A 1 17  ? -3.767  8.531   4.161   1.00 35.00  ?  73  ILE A CG1 1 
ATOM   131  C CG2 . ILE A 1 17  ? -2.890  6.626   2.755   1.00 36.57  ?  73  ILE A CG2 1 
ATOM   132  C CD1 . ILE A 1 17  ? -4.424  9.424   3.142   1.00 36.17  ?  73  ILE A CD1 1 
ATOM   133  N N   . LEU A 1 18  ? -0.241  5.394   4.846   1.00 37.88  ?  74  LEU A N   1 
ATOM   134  C CA  . LEU A 1 18  ? 0.742   4.365   4.445   1.00 37.19  ?  74  LEU A CA  1 
ATOM   135  C C   . LEU A 1 18  ? 0.202   3.651   3.212   1.00 37.13  ?  74  LEU A C   1 
ATOM   136  O O   . LEU A 1 18  ? -0.880  3.077   3.320   1.00 38.71  ?  74  LEU A O   1 
ATOM   137  C CB  . LEU A 1 18  ? 0.862   3.395   5.614   1.00 41.32  ?  74  LEU A CB  1 
ATOM   138  C CG  . LEU A 1 18  ? 2.270   3.020   6.008   1.00 49.66  ?  74  LEU A CG  1 
ATOM   139  C CD1 . LEU A 1 18  ? 2.198   1.999   7.134   1.00 54.39  ?  74  LEU A CD1 1 
ATOM   140  C CD2 . LEU A 1 18  ? 3.054   2.499   4.803   1.00 48.90  ?  74  LEU A CD2 1 
ATOM   141  N N   . VAL A 1 19  ? 0.930   3.679   2.102   1.00 35.49  ?  75  VAL A N   1 
ATOM   142  C CA  . VAL A 1 19  ? 0.505   3.068   0.810   1.00 34.13  ?  75  VAL A CA  1 
ATOM   143  C C   . VAL A 1 19  ? 1.552   2.035   0.396   1.00 31.91  ?  75  VAL A C   1 
ATOM   144  O O   . VAL A 1 19  ? 2.723   2.408   0.268   1.00 33.20  ?  75  VAL A O   1 
ATOM   145  C CB  . VAL A 1 19  ? 0.309   4.123   -0.295  1.00 34.18  ?  75  VAL A CB  1 
ATOM   146  C CG1 . VAL A 1 19  ? -0.189  3.476   -1.576  1.00 38.97  ?  75  VAL A CG1 1 
ATOM   147  C CG2 . VAL A 1 19  ? -0.668  5.204   0.140   1.00 38.40  ?  75  VAL A CG2 1 
ATOM   148  N N   . ALA A 1 20  ? 1.135   0.786   0.209   1.00 27.64  ?  76  ALA A N   1 
ATOM   149  C CA  . ALA A 1 20  ? 1.934   -0.255  -0.465  1.00 27.83  ?  76  ALA A CA  1 
ATOM   150  C C   . ALA A 1 20  ? 1.381   -0.488  -1.873  1.00 29.66  ?  76  ALA A C   1 
ATOM   151  O O   . ALA A 1 20  ? 0.167   -0.744  -1.982  1.00 27.17  ?  76  ALA A O   1 
ATOM   152  C CB  . ALA A 1 20  ? 1.918   -1.510  0.343   1.00 27.14  ?  76  ALA A CB  1 
ATOM   153  N N   . VAL A 1 21  ? 2.246   -0.411  -2.884  1.00 28.09  ?  77  VAL A N   1 
ATOM   154  C CA  . VAL A 1 21  ? 1.919   -0.695  -4.314  1.00 27.94  ?  77  VAL A CA  1 
ATOM   155  C C   . VAL A 1 21  ? 2.656   -1.959  -4.743  1.00 26.47  ?  77  VAL A C   1 
ATOM   156  O O   . VAL A 1 21  ? 3.914   -1.987  -4.684  1.00 25.94  ?  77  VAL A O   1 
ATOM   157  C CB  . VAL A 1 21  ? 2.315   0.486   -5.206  1.00 29.52  ?  77  VAL A CB  1 
ATOM   158  C CG1 . VAL A 1 21  ? 1.860   0.279   -6.641  1.00 31.43  ?  77  VAL A CG1 1 
ATOM   159  C CG2 . VAL A 1 21  ? 1.809   1.802   -4.642  1.00 31.35  ?  77  VAL A CG2 1 
ATOM   160  N N   . HIS A 1 22  ? 1.922   -2.954  -5.212  1.00 24.94  ?  78  HIS A N   1 
ATOM   161  C CA  . HIS A 1 22  ? 2.512   -4.098  -5.938  1.00 28.87  ?  78  HIS A CA  1 
ATOM   162  C C   . HIS A 1 22  ? 2.840   -3.618  -7.355  1.00 29.94  ?  78  HIS A C   1 
ATOM   163  O O   . HIS A 1 22  ? 1.928   -3.204  -8.081  1.00 32.33  ?  78  HIS A O   1 
ATOM   164  C CB  . HIS A 1 22  ? 1.582   -5.293  -5.850  1.00 29.50  ?  78  HIS A CB  1 
ATOM   165  C CG  . HIS A 1 22  ? 2.139   -6.493  -6.516  1.00 31.21  ?  78  HIS A CG  1 
ATOM   166  N ND1 . HIS A 1 22  ? 1.827   -6.810  -7.811  1.00 30.89  ?  78  HIS A ND1 1 
ATOM   167  C CD2 . HIS A 1 22  ? 2.979   -7.453  -6.075  1.00 33.06  ?  78  HIS A CD2 1 
ATOM   168  C CE1 . HIS A 1 22  ? 2.431   -7.943  -8.126  1.00 30.08  ?  78  HIS A CE1 1 
ATOM   169  N NE2 . HIS A 1 22  ? 3.135   -8.352  -7.097  1.00 30.87  ?  78  HIS A NE2 1 
ATOM   170  N N   . VAL A 1 23  ? 4.127   -3.534  -7.663  1.00 33.80  ?  79  VAL A N   1 
ATOM   171  C CA  . VAL A 1 23  ? 4.669   -2.684  -8.765  1.00 38.46  ?  79  VAL A CA  1 
ATOM   172  C C   . VAL A 1 23  ? 4.175   -3.234  -10.113 1.00 32.46  ?  79  VAL A C   1 
ATOM   173  O O   . VAL A 1 23  ? 3.759   -2.435  -10.945 1.00 42.25  ?  79  VAL A O   1 
ATOM   174  C CB  . VAL A 1 23  ? 6.206   -2.590  -8.683  1.00 41.49  ?  79  VAL A CB  1 
ATOM   175  C CG1 . VAL A 1 23  ? 6.792   -1.815  -9.861  1.00 46.63  ?  79  VAL A CG1 1 
ATOM   176  C CG2 . VAL A 1 23  ? 6.645   -1.955  -7.368  1.00 41.85  ?  79  VAL A CG2 1 
ATOM   177  N N   . ALA A 1 24  ? 4.118   -4.550  -10.263 1.00 34.37  ?  80  ALA A N   1 
ATOM   178  C CA  . ALA A 1 24  ? 3.795   -5.245  -11.529 1.00 37.24  ?  80  ALA A CA  1 
ATOM   179  C C   . ALA A 1 24  ? 2.286   -5.145  -11.825 1.00 40.78  ?  80  ALA A C   1 
ATOM   180  O O   . ALA A 1 24  ? 1.966   -5.001  -12.991 1.00 41.06  ?  80  ALA A O   1 
ATOM   181  C CB  . ALA A 1 24  ? 4.299   -6.659  -11.459 1.00 34.78  ?  80  ALA A CB  1 
ATOM   182  N N   . SER A 1 25  ? 1.413   -5.089  -10.802 1.00 39.71  ?  81  SER A N   1 
ATOM   183  C CA  . SER A 1 25  ? -0.077  -5.066  -10.918 1.00 35.13  ?  81  SER A CA  1 
ATOM   184  C C   . SER A 1 25  ? -0.663  -3.656  -10.717 1.00 36.38  ?  81  SER A C   1 
ATOM   185  O O   . SER A 1 25  ? -1.774  -3.381  -11.239 1.00 39.44  ?  81  SER A O   1 
ATOM   186  C CB  . SER A 1 25  ? -0.687  -6.045  -9.922  1.00 37.42  ?  81  SER A CB  1 
ATOM   187  O OG  . SER A 1 25  ? -0.572  -5.554  -8.584  1.00 34.31  ?  81  SER A OG  1 
ATOM   188  N N   . GLY A 1 26  ? -0.029  -2.805  -9.906  1.00 35.62  ?  82  GLY A N   1 
ATOM   189  C CA  . GLY A 1 26  ? -0.638  -1.541  -9.459  1.00 29.85  ?  82  GLY A CA  1 
ATOM   190  C C   . GLY A 1 26  ? -1.642  -1.770  -8.332  1.00 30.32  ?  82  GLY A C   1 
ATOM   191  O O   . GLY A 1 26  ? -2.292  -0.818  -7.930  1.00 36.72  ?  82  GLY A O   1 
ATOM   192  N N   . TYR A 1 27  ? -1.766  -2.984  -7.812  1.00 29.28  ?  83  TYR A N   1 
ATOM   193  C CA  . TYR A 1 27  ? -2.627  -3.272  -6.639  1.00 28.91  ?  83  TYR A CA  1 
ATOM   194  C C   . TYR A 1 27  ? -2.106  -2.449  -5.456  1.00 32.97  ?  83  TYR A C   1 
ATOM   195  O O   . TYR A 1 27  ? -0.859  -2.371  -5.250  1.00 31.30  ?  83  TYR A O   1 
ATOM   196  C CB  . TYR A 1 27  ? -2.690  -4.772  -6.345  1.00 26.66  ?  83  TYR A CB  1 
ATOM   197  C CG  . TYR A 1 27  ? -3.334  -5.114  -5.024  1.00 28.29  ?  83  TYR A CG  1 
ATOM   198  C CD1 . TYR A 1 27  ? -4.705  -5.283  -4.912  1.00 32.15  ?  83  TYR A CD1 1 
ATOM   199  C CD2 . TYR A 1 27  ? -2.571  -5.252  -3.879  1.00 26.28  ?  83  TYR A CD2 1 
ATOM   200  C CE1 . TYR A 1 27  ? -5.301  -5.578  -3.697  1.00 31.34  ?  83  TYR A CE1 1 
ATOM   201  C CE2 . TYR A 1 27  ? -3.145  -5.539  -2.660  1.00 29.90  ?  83  TYR A CE2 1 
ATOM   202  C CZ  . TYR A 1 27  ? -4.519  -5.709  -2.565  1.00 34.18  ?  83  TYR A CZ  1 
ATOM   203  O OH  . TYR A 1 27  ? -5.097  -5.986  -1.352  1.00 32.83  ?  83  TYR A OH  1 
ATOM   204  N N   . ILE A 1 28  ? -3.012  -1.884  -4.664  1.00 29.71  ?  84  ILE A N   1 
ATOM   205  C CA  . ILE A 1 28  ? -2.600  -1.073  -3.489  1.00 32.21  ?  84  ILE A CA  1 
ATOM   206  C C   . ILE A 1 28  ? -3.313  -1.566  -2.247  1.00 30.51  ?  84  ILE A C   1 
ATOM   207  O O   . ILE A 1 28  ? -4.453  -2.077  -2.331  1.00 27.54  ?  84  ILE A O   1 
ATOM   208  C CB  . ILE A 1 28  ? -2.795  0.441   -3.707  1.00 36.54  ?  84  ILE A CB  1 
ATOM   209  C CG1 . ILE A 1 28  ? -4.259  0.859   -3.689  1.00 41.87  ?  84  ILE A CG1 1 
ATOM   210  C CG2 . ILE A 1 28  ? -2.117  0.886   -4.995  1.00 39.62  ?  84  ILE A CG2 1 
ATOM   211  C CD1 . ILE A 1 28  ? -4.486  2.273   -4.190  1.00 45.83  ?  84  ILE A CD1 1 
ATOM   212  N N   . GLU A 1 29  ? -2.610  -1.456  -1.135  1.00 29.08  ?  85  GLU A N   1 
ATOM   213  C CA  . GLU A 1 29  ? -3.208  -1.500  0.207   1.00 29.94  ?  85  GLU A CA  1 
ATOM   214  C C   . GLU A 1 29  ? -2.754  -0.245  0.926   1.00 30.00  ?  85  GLU A C   1 
ATOM   215  O O   . GLU A 1 29  ? -1.648  0.239   0.648   1.00 28.66  ?  85  GLU A O   1 
ATOM   216  C CB  . GLU A 1 29  ? -2.719  -2.702  0.996   1.00 35.14  ?  85  GLU A CB  1 
ATOM   217  C CG  . GLU A 1 29  ? -2.927  -3.988  0.274   1.00 39.64  ?  85  GLU A CG  1 
ATOM   218  C CD  . GLU A 1 29  ? -3.263  -5.155  1.164   1.00 40.29  ?  85  GLU A CD  1 
ATOM   219  O OE1 . GLU A 1 29  ? -2.885  -5.133  2.359   1.00 41.55  ?  85  GLU A OE1 1 
ATOM   220  O OE2 . GLU A 1 29  ? -3.890  -6.086  0.635   1.00 38.28  ?  85  GLU A OE2 1 
ATOM   221  N N   . ALA A 1 30  ? -3.587  0.280   1.800   1.00 28.99  ?  86  ALA A N   1 
ATOM   222  C CA  . ALA A 1 30  ? -3.250  1.536   2.485   1.00 32.47  ?  86  ALA A CA  1 
ATOM   223  C C   . ALA A 1 30  ? -3.881  1.503   3.867   1.00 34.43  ?  86  ALA A C   1 
ATOM   224  O O   . ALA A 1 30  ? -4.790  0.658   4.111   1.00 35.06  ?  86  ALA A O   1 
ATOM   225  C CB  . ALA A 1 30  ? -3.643  2.727   1.655   1.00 32.38  ?  86  ALA A CB  1 
ATOM   226  N N   . GLU A 1 31  ? -3.321  2.305   4.761   1.00 35.40  ?  87  GLU A N   1 
ATOM   227  C CA  . GLU A 1 31  ? -3.862  2.475   6.129   1.00 38.89  ?  87  GLU A CA  1 
ATOM   228  C C   . GLU A 1 31  ? -3.527  3.896   6.589   1.00 37.85  ?  87  GLU A C   1 
ATOM   229  O O   . GLU A 1 31  ? -2.493  4.445   6.166   1.00 35.88  ?  87  GLU A O   1 
ATOM   230  C CB  . GLU A 1 31  ? -3.346  1.377   7.066   1.00 40.07  ?  87  GLU A CB  1 
ATOM   231  C CG  . GLU A 1 31  ? -4.097  1.301   8.382   1.00 46.13  ?  87  GLU A CG  1 
ATOM   232  C CD  . GLU A 1 31  ? -5.615  1.411   8.284   1.00 54.81  ?  87  GLU A CD  1 
ATOM   233  O OE1 . GLU A 1 31  ? -6.278  0.342   8.186   1.00 50.26  ?  87  GLU A OE1 1 
ATOM   234  O OE2 . GLU A 1 31  ? -6.140  2.566   8.328   1.00 57.85  ?  87  GLU A OE2 1 
ATOM   235  N N   . VAL A 1 32  ? -4.449  4.480   7.350   1.00 42.55  ?  88  VAL A N   1 
ATOM   236  C CA  . VAL A 1 32  ? -4.246  5.736   8.118   1.00 46.87  ?  88  VAL A CA  1 
ATOM   237  C C   . VAL A 1 32  ? -3.642  5.345   9.464   1.00 47.91  ?  88  VAL A C   1 
ATOM   238  O O   . VAL A 1 32  ? -4.326  4.625   10.235  1.00 48.02  ?  88  VAL A O   1 
ATOM   239  C CB  . VAL A 1 32  ? -5.577  6.478   8.295   1.00 46.76  ?  88  VAL A CB  1 
ATOM   240  C CG1 . VAL A 1 32  ? -5.401  7.723   9.152   1.00 49.04  ?  88  VAL A CG1 1 
ATOM   241  C CG2 . VAL A 1 32  ? -6.190  6.802   6.941   1.00 45.68  ?  88  VAL A CG2 1 
ATOM   242  N N   . ILE A 1 33  ? -2.409  5.770   9.709   1.00 53.24  ?  89  ILE A N   1 
ATOM   243  C CA  . ILE A 1 33  ? -1.721  5.584   11.020  1.00 67.13  ?  89  ILE A CA  1 
ATOM   244  C C   . ILE A 1 33  ? -1.838  6.888   11.815  1.00 78.45  ?  89  ILE A C   1 
ATOM   245  O O   . ILE A 1 33  ? -1.831  7.968   11.224  1.00 89.61  ?  89  ILE A O   1 
ATOM   246  C CB  . ILE A 1 33  ? -0.274  5.119   10.776  1.00 65.98  ?  89  ILE A CB  1 
ATOM   247  C CG1 . ILE A 1 33  ? 0.537   6.118   9.946   1.00 65.23  ?  89  ILE A CG1 1 
ATOM   248  C CG2 . ILE A 1 33  ? -0.292  3.744   10.127  1.00 72.60  ?  89  ILE A CG2 1 
ATOM   249  C CD1 . ILE A 1 33  ? 1.718   5.517   9.213   1.00 59.93  ?  89  ILE A CD1 1 
ATOM   250  N N   . PRO A 1 34  ? -1.992  6.842   13.164  1.00 90.85  ?  90  PRO A N   1 
ATOM   251  C CA  . PRO A 1 34  ? -2.082  8.061   13.974  1.00 94.65  ?  90  PRO A CA  1 
ATOM   252  C C   . PRO A 1 34  ? -0.857  8.976   13.806  1.00 96.18  ?  90  PRO A C   1 
ATOM   253  O O   . PRO A 1 34  ? -1.060  10.160  13.589  1.00 97.81  ?  90  PRO A O   1 
ATOM   254  C CB  . PRO A 1 34  ? -2.211  7.549   15.418  1.00 96.00  ?  90  PRO A CB  1 
ATOM   255  C CG  . PRO A 1 34  ? -2.731  6.131   15.272  1.00 94.10  ?  90  PRO A CG  1 
ATOM   256  C CD  . PRO A 1 34  ? -2.105  5.626   13.988  1.00 94.01  ?  90  PRO A CD  1 
ATOM   257  N N   . ALA A 1 35  ? 0.361   8.422   13.890  1.00 91.14  ?  91  ALA A N   1 
ATOM   258  C CA  . ALA A 1 35  ? 1.632   9.115   13.552  1.00 92.94  ?  91  ALA A CA  1 
ATOM   259  C C   . ALA A 1 35  ? 2.516   8.193   12.708  1.00 91.84  ?  91  ALA A C   1 
ATOM   260  O O   . ALA A 1 35  ? 2.212   6.985   12.641  1.00 97.31  ?  91  ALA A O   1 
ATOM   261  C CB  . ALA A 1 35  ? 2.355   9.563   14.800  1.00 92.29  ?  91  ALA A CB  1 
ATOM   262  N N   . GLU A 1 36  ? 3.588   8.748   12.131  1.00 91.60  ?  92  GLU A N   1 
ATOM   263  C CA  . GLU A 1 36  ? 4.514   8.069   11.181  1.00 93.48  ?  92  GLU A CA  1 
ATOM   264  C C   . GLU A 1 36  ? 5.420   7.087   11.952  1.00 89.51  ?  92  GLU A C   1 
ATOM   265  O O   . GLU A 1 36  ? 6.627   7.028   11.658  1.00 87.97  ?  92  GLU A O   1 
ATOM   266  C CB  . GLU A 1 36  ? 5.288   9.145   10.400  1.00 98.91  ?  92  GLU A CB  1 
ATOM   267  C CG  . GLU A 1 36  ? 5.721   8.727   8.996   1.00 101.72 ?  92  GLU A CG  1 
ATOM   268  C CD  . GLU A 1 36  ? 6.456   9.796   8.193   1.00 104.47 ?  92  GLU A CD  1 
ATOM   269  O OE1 . GLU A 1 36  ? 7.711   9.724   8.116   1.00 103.91 ?  92  GLU A OE1 1 
ATOM   270  O OE2 . GLU A 1 36  ? 5.779   10.698  7.633   1.00 87.99  ?  92  GLU A OE2 1 
ATOM   271  N N   . THR A 1 37  ? 4.849   6.300   12.872  1.00 82.77  ?  93  THR A N   1 
ATOM   272  C CA  . THR A 1 37  ? 5.577   5.407   13.817  1.00 85.38  ?  93  THR A CA  1 
ATOM   273  C C   . THR A 1 37  ? 6.080   4.167   13.063  1.00 78.55  ?  93  THR A C   1 
ATOM   274  O O   . THR A 1 37  ? 5.404   3.755   12.092  1.00 74.48  ?  93  THR A O   1 
ATOM   275  C CB  . THR A 1 37  ? 4.693   5.037   15.024  1.00 89.03  ?  93  THR A CB  1 
ATOM   276  O OG1 . THR A 1 37  ? 4.551   6.175   15.876  1.00 90.30  ?  93  THR A OG1 1 
ATOM   277  C CG2 . THR A 1 37  ? 5.233   3.898   15.861  1.00 89.60  ?  93  THR A CG2 1 
ATOM   278  N N   . GLY A 1 38  ? 7.225   3.624   13.499  1.00 64.48  ?  94  GLY A N   1 
ATOM   279  C CA  . GLY A 1 38  ? 7.769   2.308   13.116  1.00 59.31  ?  94  GLY A CA  1 
ATOM   280  C C   . GLY A 1 38  ? 6.801   1.166   13.416  1.00 56.25  ?  94  GLY A C   1 
ATOM   281  O O   . GLY A 1 38  ? 6.479   0.434   12.470  1.00 50.83  ?  94  GLY A O   1 
ATOM   282  N N   . GLN A 1 39  ? 6.362   0.998   14.677  1.00 47.90  ?  95  GLN A N   1 
ATOM   283  C CA  . GLN A 1 39  ? 5.397   -0.057  15.119  1.00 50.37  ?  95  GLN A CA  1 
ATOM   284  C C   . GLN A 1 39  ? 4.263   -0.252  14.109  1.00 45.58  ?  95  GLN A C   1 
ATOM   285  O O   . GLN A 1 39  ? 3.906   -1.427  13.799  1.00 42.31  ?  95  GLN A O   1 
ATOM   286  C CB  . GLN A 1 39  ? 4.730   0.301   16.449  1.00 53.30  ?  95  GLN A CB  1 
ATOM   287  C CG  . GLN A 1 39  ? 5.664   0.197   17.643  1.00 57.56  ?  95  GLN A CG  1 
ATOM   288  C CD  . GLN A 1 39  ? 4.943   -0.320  18.860  1.00 57.89  ?  95  GLN A CD  1 
ATOM   289  O OE1 . GLN A 1 39  ? 3.820   0.087   19.161  1.00 59.02  ?  95  GLN A OE1 1 
ATOM   290  N NE2 . GLN A 1 39  ? 5.590   -1.247  19.547  1.00 51.24  ?  95  GLN A NE2 1 
ATOM   291  N N   . GLU A 1 40  ? 3.665   0.858   13.698  1.00 43.74  ?  96  GLU A N   1 
ATOM   292  C CA  . GLU A 1 40  ? 2.491   0.900   12.801  1.00 48.24  ?  96  GLU A CA  1 
ATOM   293  C C   . GLU A 1 40  ? 2.942   0.391   11.430  1.00 42.07  ?  96  GLU A C   1 
ATOM   294  O O   . GLU A 1 40  ? 2.187   -0.350  10.788  1.00 32.69  ?  96  GLU A O   1 
ATOM   295  C CB  . GLU A 1 40  ? 1.937   2.323   12.750  1.00 52.65  ?  96  GLU A CB  1 
ATOM   296  C CG  . GLU A 1 40  ? 1.463   2.842   14.104  1.00 59.89  ?  96  GLU A CG  1 
ATOM   297  C CD  . GLU A 1 40  ? -0.018  2.658   14.394  1.00 63.93  ?  96  GLU A CD  1 
ATOM   298  O OE1 . GLU A 1 40  ? -0.749  2.214   13.485  1.00 73.49  ?  96  GLU A OE1 1 
ATOM   299  O OE2 . GLU A 1 40  ? -0.441  2.962   15.532  1.00 64.03  ?  96  GLU A OE2 1 
ATOM   300  N N   . THR A 1 41  ? 4.158   0.742   11.026  1.00 37.11  ?  97  THR A N   1 
ATOM   301  C CA  . THR A 1 41  ? 4.687   0.372   9.700   1.00 39.44  ?  97  THR A CA  1 
ATOM   302  C C   . THR A 1 41  ? 5.049   -1.103  9.740   1.00 33.13  ?  97  THR A C   1 
ATOM   303  O O   . THR A 1 41  ? 4.832   -1.766  8.745   1.00 34.08  ?  97  THR A O   1 
ATOM   304  C CB  . THR A 1 41  ? 5.866   1.253   9.275   1.00 40.35  ?  97  THR A CB  1 
ATOM   305  O OG1 . THR A 1 41  ? 5.296   2.536   9.067   1.00 41.83  ?  97  THR A OG1 1 
ATOM   306  C CG2 . THR A 1 41  ? 6.536   0.783   8.001   1.00 40.27  ?  97  THR A CG2 1 
ATOM   307  N N   . ALA A 1 42  ? 5.616   -1.554  10.849  1.00 32.37  ?  98  ALA A N   1 
ATOM   308  C CA  . ALA A 1 42  ? 5.976   -2.963  11.080  1.00 33.27  ?  98  ALA A CA  1 
ATOM   309  C C   . ALA A 1 42  ? 4.686   -3.805  11.016  1.00 33.67  ?  98  ALA A C   1 
ATOM   310  O O   . ALA A 1 42  ? 4.639   -4.821  10.298  1.00 34.12  ?  98  ALA A O   1 
ATOM   311  C CB  . ALA A 1 42  ? 6.684   -3.070  12.404  1.00 32.72  ?  98  ALA A CB  1 
ATOM   312  N N   . TYR A 1 43  ? 3.627   -3.325  11.663  1.00 32.42  ?  99  TYR A N   1 
ATOM   313  C CA  . TYR A 1 43  ? 2.319   -4.022  11.769  1.00 31.48  ?  99  TYR A CA  1 
ATOM   314  C C   . TYR A 1 43  ? 1.693   -4.122  10.375  1.00 28.30  ?  99  TYR A C   1 
ATOM   315  O O   . TYR A 1 43  ? 1.249   -5.205  9.955   1.00 26.72  ?  99  TYR A O   1 
ATOM   316  C CB  . TYR A 1 43  ? 1.447   -3.313  12.804  1.00 32.14  ?  99  TYR A CB  1 
ATOM   317  C CG  . TYR A 1 43  ? 0.155   -4.030  13.089  1.00 35.13  ?  99  TYR A CG  1 
ATOM   318  C CD1 . TYR A 1 43  ? 0.145   -5.209  13.802  1.00 33.08  ?  99  TYR A CD1 1 
ATOM   319  C CD2 . TYR A 1 43  ? -1.052  -3.561  12.591  1.00 37.91  ?  99  TYR A CD2 1 
ATOM   320  C CE1 . TYR A 1 43  ? -1.032  -5.898  14.047  1.00 35.70  ?  99  TYR A CE1 1 
ATOM   321  C CE2 . TYR A 1 43  ? -2.243  -4.225  12.841  1.00 36.29  ?  99  TYR A CE2 1 
ATOM   322  C CZ  . TYR A 1 43  ? -2.228  -5.406  13.561  1.00 36.84  ?  99  TYR A CZ  1 
ATOM   323  O OH  . TYR A 1 43  ? -3.386  -6.074  13.797  1.00 44.51  ?  99  TYR A OH  1 
ATOM   324  N N   . PHE A 1 44  ? 1.709   -3.011  9.646   1.00 30.23  ?  100 PHE A N   1 
ATOM   325  C CA  . PHE A 1 44  ? 1.210   -2.940  8.253   1.00 29.69  ?  100 PHE A CA  1 
ATOM   326  C C   . PHE A 1 44  ? 1.961   -3.946  7.380   1.00 29.01  ?  100 PHE A C   1 
ATOM   327  O O   . PHE A 1 44  ? 1.325   -4.602  6.532   1.00 25.62  ?  100 PHE A O   1 
ATOM   328  C CB  . PHE A 1 44  ? 1.345   -1.515  7.731   1.00 29.48  ?  100 PHE A CB  1 
ATOM   329  C CG  . PHE A 1 44  ? 0.895   -1.322  6.306   1.00 31.48  ?  100 PHE A CG  1 
ATOM   330  C CD1 . PHE A 1 44  ? -0.432  -1.094  6.006   1.00 33.05  ?  100 PHE A CD1 1 
ATOM   331  C CD2 . PHE A 1 44  ? 1.810   -1.355  5.270   1.00 33.58  ?  100 PHE A CD2 1 
ATOM   332  C CE1 . PHE A 1 44  ? -0.834  -0.901  4.697   1.00 33.54  ?  100 PHE A CE1 1 
ATOM   333  C CE2 . PHE A 1 44  ? 1.415   -1.140  3.962   1.00 35.75  ?  100 PHE A CE2 1 
ATOM   334  C CZ  . PHE A 1 44  ? 0.094   -0.911  3.681   1.00 37.66  ?  100 PHE A CZ  1 
ATOM   335  N N   . LEU A 1 45  ? 3.285   -4.061  7.541   1.00 29.71  ?  101 LEU A N   1 
ATOM   336  C CA  . LEU A 1 45  ? 4.081   -4.942  6.645   1.00 28.54  ?  101 LEU A CA  1 
ATOM   337  C C   . LEU A 1 45  ? 3.763   -6.402  6.954   1.00 28.57  ?  101 LEU A C   1 
ATOM   338  O O   . LEU A 1 45  ? 3.728   -7.194  5.999   1.00 25.84  ?  101 LEU A O   1 
ATOM   339  C CB  . LEU A 1 45  ? 5.576   -4.686  6.804   1.00 30.69  ?  101 LEU A CB  1 
ATOM   340  C CG  . LEU A 1 45  ? 6.063   -3.397  6.162   1.00 35.36  ?  101 LEU A CG  1 
ATOM   341  C CD1 . LEU A 1 45  ? 7.494   -3.127  6.604   1.00 41.55  ?  101 LEU A CD1 1 
ATOM   342  C CD2 . LEU A 1 45  ? 5.962   -3.470  4.644   1.00 33.85  ?  101 LEU A CD2 1 
ATOM   343  N N   . LEU A 1 46  ? 3.640   -6.729  8.240   1.00 26.11  ?  102 LEU A N   1 
ATOM   344  C CA  . LEU A 1 46  ? 3.391   -8.106  8.717   1.00 31.31  ?  102 LEU A CA  1 
ATOM   345  C C   . LEU A 1 46  ? 2.044   -8.569  8.154   1.00 32.13  ?  102 LEU A C   1 
ATOM   346  O O   . LEU A 1 46  ? 1.999   -9.677  7.550   1.00 32.20  ?  102 LEU A O   1 
ATOM   347  C CB  . LEU A 1 46  ? 3.412   -8.121  10.244  1.00 31.11  ?  102 LEU A CB  1 
ATOM   348  C CG  . LEU A 1 46  ? 2.844   -9.381  10.876  1.00 30.57  ?  102 LEU A CG  1 
ATOM   349  C CD1 . LEU A 1 46  ? 3.727   -10.580 10.583  1.00 31.79  ?  102 LEU A CD1 1 
ATOM   350  C CD2 . LEU A 1 46  ? 2.674   -9.185  12.366  1.00 33.98  ?  102 LEU A CD2 1 
ATOM   351  N N   . LYS A 1 47  ? 1.034   -7.705  8.240   1.00 33.12  ?  103 LYS A N   1 
ATOM   352  C CA  . LYS A 1 47  ? -0.314  -7.962  7.658   1.00 36.82  ?  103 LYS A CA  1 
ATOM   353  C C   . LYS A 1 47  ? -0.196  -8.200  6.146   1.00 34.93  ?  103 LYS A C   1 
ATOM   354  O O   . LYS A 1 47  ? -0.684  -9.227  5.677   1.00 32.76  ?  103 LYS A O   1 
ATOM   355  C CB  . LYS A 1 47  ? -1.275  -6.822  8.002   1.00 41.41  ?  103 LYS A CB  1 
ATOM   356  C CG  . LYS A 1 47  ? -1.794  -6.875  9.437   1.00 48.06  ?  103 LYS A CG  1 
ATOM   357  C CD  . LYS A 1 47  ? -3.169  -6.255  9.642   1.00 50.03  ?  103 LYS A CD  1 
ATOM   358  C CE  . LYS A 1 47  ? -3.251  -4.830  9.147   1.00 59.64  ?  103 LYS A CE  1 
ATOM   359  N NZ  . LYS A 1 47  ? -4.482  -4.152  9.625   1.00 66.61  ?  103 LYS A NZ  1 
ATOM   360  N N   . LEU A 1 48  ? 0.487   -7.304  5.428   1.00 32.93  ?  104 LEU A N   1 
ATOM   361  C CA  . LEU A 1 48  ? 0.682   -7.393  3.967   1.00 30.69  ?  104 LEU A CA  1 
ATOM   362  C C   . LEU A 1 48  ? 1.310   -8.735  3.592   1.00 32.07  ?  104 LEU A C   1 
ATOM   363  O O   . LEU A 1 48  ? 0.834   -9.360  2.614   1.00 29.77  ?  104 LEU A O   1 
ATOM   364  C CB  . LEU A 1 48  ? 1.579   -6.253  3.496   1.00 30.89  ?  104 LEU A CB  1 
ATOM   365  C CG  . LEU A 1 48  ? 1.643   -6.119  1.984   1.00 28.25  ?  104 LEU A CG  1 
ATOM   366  C CD1 . LEU A 1 48  ? 0.308   -5.615  1.475   1.00 26.62  ?  104 LEU A CD1 1 
ATOM   367  C CD2 . LEU A 1 48  ? 2.777   -5.189  1.587   1.00 29.60  ?  104 LEU A CD2 1 
ATOM   368  N N   . ALA A 1 49  ? 2.343   -9.150  4.320   1.00 30.27  ?  105 ALA A N   1 
ATOM   369  C CA  . ALA A 1 49  ? 3.165   -10.302 3.914   1.00 29.21  ?  105 ALA A CA  1 
ATOM   370  C C   . ALA A 1 49  ? 2.380   -11.583 4.225   1.00 30.16  ?  105 ALA A C   1 
ATOM   371  O O   . ALA A 1 49  ? 2.597   -12.533 3.503   1.00 27.48  ?  105 ALA A O   1 
ATOM   372  C CB  . ALA A 1 49  ? 4.539   -10.272 4.548   1.00 28.37  ?  105 ALA A CB  1 
ATOM   373  N N   . GLY A 1 50  ? 1.473   -11.574 5.208   1.00 33.04  ?  106 GLY A N   1 
ATOM   374  C CA  . GLY A 1 50  ? 0.613   -12.725 5.548   1.00 35.34  ?  106 GLY A CA  1 
ATOM   375  C C   . GLY A 1 50  ? -0.443  -12.992 4.471   1.00 38.22  ?  106 GLY A C   1 
ATOM   376  O O   . GLY A 1 50  ? -1.030  -14.095 4.460   1.00 34.13  ?  106 GLY A O   1 
ATOM   377  N N   . ARG A 1 51  ? -0.644  -12.025 3.578   1.00 33.03  ?  107 ARG A N   1 
ATOM   378  C CA  . ARG A 1 51  ? -1.745  -11.952 2.583   1.00 37.46  ?  107 ARG A CA  1 
ATOM   379  C C   . ARG A 1 51  ? -1.195  -12.209 1.170   1.00 35.32  ?  107 ARG A C   1 
ATOM   380  O O   . ARG A 1 51  ? -1.792  -12.968 0.441   1.00 38.58  ?  107 ARG A O   1 
ATOM   381  C CB  . ARG A 1 51  ? -2.392  -10.584 2.801   1.00 38.18  ?  107 ARG A CB  1 
ATOM   382  C CG  . ARG A 1 51  ? -3.438  -10.140 1.794   1.00 45.95  ?  107 ARG A CG  1 
ATOM   383  C CD  . ARG A 1 51  ? -3.918  -8.780  2.280   1.00 50.52  ?  107 ARG A CD  1 
ATOM   384  N NE  . ARG A 1 51  ? -4.469  -8.965  3.625   1.00 54.97  ?  107 ARG A NE  1 
ATOM   385  C CZ  . ARG A 1 51  ? -4.384  -8.122  4.644   1.00 46.60  ?  107 ARG A CZ  1 
ATOM   386  N NH1 . ARG A 1 51  ? -3.760  -6.955  4.531   1.00 50.51  ?  107 ARG A NH1 1 
ATOM   387  N NH2 . ARG A 1 51  ? -4.943  -8.463  5.791   1.00 49.62  ?  107 ARG A NH2 1 
ATOM   388  N N   . TRP A 1 52  ? -0.041  -11.654 0.844   1.00 35.08  ?  108 TRP A N   1 
ATOM   389  C CA  . TRP A 1 52  ? 0.605   -11.690 -0.496  1.00 33.65  ?  108 TRP A CA  1 
ATOM   390  C C   . TRP A 1 52  ? 2.020   -12.194 -0.318  1.00 34.03  ?  108 TRP A C   1 
ATOM   391  O O   . TRP A 1 52  ? 2.555   -12.064 0.768   1.00 34.66  ?  108 TRP A O   1 
ATOM   392  C CB  . TRP A 1 52  ? 0.668   -10.289 -1.099  1.00 30.46  ?  108 TRP A CB  1 
ATOM   393  C CG  . TRP A 1 52  ? -0.652  -9.604  -1.094  1.00 29.78  ?  108 TRP A CG  1 
ATOM   394  C CD1 . TRP A 1 52  ? -1.027  -8.552  -0.327  1.00 31.41  ?  108 TRP A CD1 1 
ATOM   395  C CD2 . TRP A 1 52  ? -1.793  -9.976  -1.870  1.00 32.70  ?  108 TRP A CD2 1 
ATOM   396  N NE1 . TRP A 1 52  ? -2.311  -8.206  -0.617  1.00 33.02  ?  108 TRP A NE1 1 
ATOM   397  C CE2 . TRP A 1 52  ? -2.814  -9.065  -1.548  1.00 31.06  ?  108 TRP A CE2 1 
ATOM   398  C CE3 . TRP A 1 52  ? -2.051  -10.989 -2.802  1.00 32.26  ?  108 TRP A CE3 1 
ATOM   399  C CZ2 . TRP A 1 52  ? -4.086  -9.157  -2.100  1.00 33.01  ?  108 TRP A CZ2 1 
ATOM   400  C CZ3 . TRP A 1 52  ? -3.305  -11.066 -3.366  1.00 34.95  ?  108 TRP A CZ3 1 
ATOM   401  C CH2 . TRP A 1 52  ? -4.305  -10.156 -3.026  1.00 33.21  ?  108 TRP A CH2 1 
ATOM   402  N N   . PRO A 1 53  ? 2.671   -12.696 -1.381  1.00 35.32  ?  109 PRO A N   1 
ATOM   403  C CA  . PRO A 1 53  ? 4.116   -12.878 -1.365  1.00 37.21  ?  109 PRO A CA  1 
ATOM   404  C C   . PRO A 1 53  ? 4.703   -11.457 -1.358  1.00 38.15  ?  109 PRO A C   1 
ATOM   405  O O   . PRO A 1 53  ? 4.335   -10.657 -2.227  1.00 40.95  ?  109 PRO A O   1 
ATOM   406  C CB  . PRO A 1 53  ? 4.396   -13.709 -2.623  1.00 39.00  ?  109 PRO A CB  1 
ATOM   407  C CG  . PRO A 1 53  ? 3.224   -13.434 -3.551  1.00 38.31  ?  109 PRO A CG  1 
ATOM   408  C CD  . PRO A 1 53  ? 2.061   -13.039 -2.669  1.00 38.48  ?  109 PRO A CD  1 
ATOM   409  N N   . VAL A 1 54  ? 5.459   -11.131 -0.305  1.00 36.47  ?  110 VAL A N   1 
ATOM   410  C CA  . VAL A 1 54  ? 6.193   -9.848  -0.151  1.00 36.33  ?  110 VAL A CA  1 
ATOM   411  C C   . VAL A 1 54  ? 7.658   -10.227 0.055   1.00 39.14  ?  110 VAL A C   1 
ATOM   412  O O   . VAL A 1 54  ? 7.960   -10.750 1.156   1.00 36.90  ?  110 VAL A O   1 
ATOM   413  C CB  . VAL A 1 54  ? 5.640   -8.995  1.006   1.00 39.07  ?  110 VAL A CB  1 
ATOM   414  C CG1 . VAL A 1 54  ? 6.387   -7.676  1.134   1.00 36.13  ?  110 VAL A CG1 1 
ATOM   415  C CG2 . VAL A 1 54  ? 4.143   -8.716  0.851   1.00 38.26  ?  110 VAL A CG2 1 
ATOM   416  N N   . LYS A 1 55  ? 8.497   -10.042 -0.981  1.00 38.22  ?  111 LYS A N   1 
ATOM   417  C CA  . LYS A 1 55  ? 9.928   -10.477 -0.981  1.00 40.78  ?  111 LYS A CA  1 
ATOM   418  C C   . LYS A 1 55  ? 10.851  -9.266  -0.808  1.00 36.02  ?  111 LYS A C   1 
ATOM   419  O O   . LYS A 1 55  ? 11.781  -9.340  0.014   1.00 32.58  ?  111 LYS A O   1 
ATOM   420  C CB  . LYS A 1 55  ? 10.240  -11.305 -2.231  1.00 45.10  ?  111 LYS A CB  1 
ATOM   421  C CG  . LYS A 1 55  ? 10.158  -12.810 -1.983  1.00 54.97  ?  111 LYS A CG  1 
ATOM   422  C CD  . LYS A 1 55  ? 9.754   -13.639 -3.193  1.00 67.81  ?  111 LYS A CD  1 
ATOM   423  C CE  . LYS A 1 55  ? 8.808   -14.783 -2.853  1.00 79.04  ?  111 LYS A CE  1 
ATOM   424  N NZ  . LYS A 1 55  ? 7.785   -15.007 -3.911  1.00 82.41  ?  111 LYS A NZ  1 
ATOM   425  N N   . THR A 1 56  ? 10.570  -8.182  -1.524  1.00 31.60  ?  112 THR A N   1 
ATOM   426  C CA  . THR A 1 56  ? 11.357  -6.936  -1.481  1.00 33.69  ?  112 THR A CA  1 
ATOM   427  C C   . THR A 1 56  ? 10.407  -5.739  -1.424  1.00 31.22  ?  112 THR A C   1 
ATOM   428  O O   . THR A 1 56  ? 9.515   -5.645  -2.278  1.00 34.43  ?  112 THR A O   1 
ATOM   429  C CB  . THR A 1 56  ? 12.286  -6.899  -2.694  1.00 36.75  ?  112 THR A CB  1 
ATOM   430  O OG1 . THR A 1 56  ? 13.076  -8.085  -2.540  1.00 39.84  ?  112 THR A OG1 1 
ATOM   431  C CG2 . THR A 1 56  ? 13.116  -5.639  -2.772  1.00 35.25  ?  112 THR A CG2 1 
ATOM   432  N N   . VAL A 1 57  ? 10.590  -4.887  -0.432  1.00 27.01  ?  113 VAL A N   1 
ATOM   433  C CA  . VAL A 1 57  ? 9.931   -3.566  -0.315  1.00 29.88  ?  113 VAL A CA  1 
ATOM   434  C C   . VAL A 1 57  ? 10.964  -2.465  -0.616  1.00 33.57  ?  113 VAL A C   1 
ATOM   435  O O   . VAL A 1 57  ? 11.983  -2.383  0.080   1.00 32.07  ?  113 VAL A O   1 
ATOM   436  C CB  . VAL A 1 57  ? 9.271   -3.431  1.061   1.00 29.88  ?  113 VAL A CB  1 
ATOM   437  C CG1 . VAL A 1 57  ? 8.727   -2.020  1.291   1.00 31.91  ?  113 VAL A CG1 1 
ATOM   438  C CG2 . VAL A 1 57  ? 8.179   -4.479  1.221   1.00 28.40  ?  113 VAL A CG2 1 
ATOM   439  N N   . HIS A 1 58  ? 10.701  -1.679  -1.659  1.00 36.39  ?  114 HIS A N   1 
ATOM   440  C CA  . HIS A 1 58  ? 11.437  -0.443  -2.022  1.00 33.63  ?  114 HIS A CA  1 
ATOM   441  C C   . HIS A 1 58  ? 10.806  0.753   -1.332  1.00 34.78  ?  114 HIS A C   1 
ATOM   442  O O   . HIS A 1 58  ? 9.568   0.928   -1.495  1.00 32.72  ?  114 HIS A O   1 
ATOM   443  C CB  . HIS A 1 58  ? 11.416  -0.230  -3.527  1.00 38.37  ?  114 HIS A CB  1 
ATOM   444  C CG  . HIS A 1 58  ? 12.228  -1.225  -4.285  1.00 39.71  ?  114 HIS A CG  1 
ATOM   445  N ND1 . HIS A 1 58  ? 11.765  -2.479  -4.596  1.00 48.29  ?  114 HIS A ND1 1 
ATOM   446  C CD2 . HIS A 1 58  ? 13.457  -1.143  -4.818  1.00 43.52  ?  114 HIS A CD2 1 
ATOM   447  C CE1 . HIS A 1 58  ? 12.676  -3.131  -5.279  1.00 44.51  ?  114 HIS A CE1 1 
ATOM   448  N NE2 . HIS A 1 58  ? 13.716  -2.330  -5.432  1.00 44.20  ?  114 HIS A NE2 1 
ATOM   449  N N   . THR A 1 59  ? 11.614  1.522   -0.584  1.00 34.89  ?  115 THR A N   1 
ATOM   450  C CA  A THR A 1 59  ? 11.264  2.889   -0.121  0.27 35.83  ?  115 THR A CA  1 
ATOM   451  C CA  B THR A 1 59  ? 11.266  2.893   -0.121  0.73 35.30  ?  115 THR A CA  1 
ATOM   452  C C   . THR A 1 59  ? 12.290  3.891   -0.664  1.00 38.72  ?  115 THR A C   1 
ATOM   453  O O   . THR A 1 59  ? 13.425  3.469   -0.954  1.00 38.27  ?  115 THR A O   1 
ATOM   454  C CB  A THR A 1 59  ? 11.177  2.972   1.406   0.27 34.98  ?  115 THR A CB  1 
ATOM   455  C CB  B THR A 1 59  ? 11.259  3.050   1.402   0.73 34.94  ?  115 THR A CB  1 
ATOM   456  O OG1 A THR A 1 59  ? 10.481  4.179   1.710   0.27 34.10  ?  115 THR A OG1 1 
ATOM   457  O OG1 B THR A 1 59  ? 12.498  2.527   1.874   0.73 40.50  ?  115 THR A OG1 1 
ATOM   458  C CG2 A THR A 1 59  ? 12.527  2.980   2.087   0.27 35.69  ?  115 THR A CG2 1 
ATOM   459  C CG2 B THR A 1 59  ? 10.105  2.358   2.089   0.73 35.26  ?  115 THR A CG2 1 
ATOM   460  N N   . ASP A 1 60  ? 11.892  5.161   -0.697  1.00 41.74  ?  116 ASP A N   1 
ATOM   461  C CA  . ASP A 1 60  ? 12.589  6.313   -1.320  1.00 50.15  ?  116 ASP A CA  1 
ATOM   462  C C   . ASP A 1 60  ? 13.368  7.134   -0.279  1.00 48.65  ?  116 ASP A C   1 
ATOM   463  O O   . ASP A 1 60  ? 14.123  8.037   -0.690  1.00 46.82  ?  116 ASP A O   1 
ATOM   464  C CB  . ASP A 1 60  ? 11.554  7.238   -1.979  1.00 51.85  ?  116 ASP A CB  1 
ATOM   465  C CG  . ASP A 1 60  ? 12.057  7.921   -3.232  1.00 63.95  ?  116 ASP A CG  1 
ATOM   466  O OD1 . ASP A 1 60  ? 13.068  7.434   -3.812  1.00 67.65  ?  116 ASP A OD1 1 
ATOM   467  O OD2 . ASP A 1 60  ? 11.434  8.933   -3.629  1.00 74.75  ?  116 ASP A OD2 1 
ATOM   468  N N   . ASN A 1 61  ? 13.206  6.905   1.021   1.00 45.28  ?  117 ASN A N   1 
ATOM   469  C CA  . ASN A 1 61  ? 13.973  7.729   1.999   1.00 44.79  ?  117 ASN A CA  1 
ATOM   470  C C   . ASN A 1 61  ? 14.538  6.858   3.136   1.00 43.34  ?  117 ASN A C   1 
ATOM   471  O O   . ASN A 1 61  ? 14.497  5.608   3.027   1.00 44.73  ?  117 ASN A O   1 
ATOM   472  C CB  . ASN A 1 61  ? 13.118  8.913   2.457   1.00 43.05  ?  117 ASN A CB  1 
ATOM   473  C CG  . ASN A 1 61  ? 11.942  8.476   3.296   1.00 50.17  ?  117 ASN A CG  1 
ATOM   474  O OD1 . ASN A 1 61  ? 11.957  7.402   3.909   1.00 48.82  ?  117 ASN A OD1 1 
ATOM   475  N ND2 . ASN A 1 61  ? 10.940  9.333   3.361   1.00 52.42  ?  117 ASN A ND2 1 
ATOM   476  N N   . GLY A 1 62  ? 15.084  7.483   4.188   1.00 37.35  ?  118 GLY A N   1 
ATOM   477  C CA  . GLY A 1 62  ? 15.791  6.758   5.263   1.00 36.32  ?  118 GLY A CA  1 
ATOM   478  C C   . GLY A 1 62  ? 14.887  6.295   6.401   1.00 33.50  ?  118 GLY A C   1 
ATOM   479  O O   . GLY A 1 62  ? 15.338  5.412   7.183   1.00 32.51  ?  118 GLY A O   1 
ATOM   480  N N   . SER A 1 63  ? 13.676  6.857   6.522   1.00 32.49  ?  119 SER A N   1 
ATOM   481  C CA  . SER A 1 63  ? 12.793  6.721   7.711   1.00 34.45  ?  119 SER A CA  1 
ATOM   482  C C   . SER A 1 63  ? 12.688  5.247   8.111   1.00 37.39  ?  119 SER A C   1 
ATOM   483  O O   . SER A 1 63  ? 12.912  4.929   9.297   1.00 36.55  ?  119 SER A O   1 
ATOM   484  C CB  . SER A 1 63  ? 11.416  7.324   7.472   1.00 39.20  ?  119 SER A CB  1 
ATOM   485  O OG  . SER A 1 63  ? 10.960  7.032   6.159   1.00 41.33  ?  119 SER A OG  1 
ATOM   486  N N   . ASN A 1 64  ? 12.389  4.365   7.160   1.00 36.40  ?  120 ASN A N   1 
ATOM   487  C CA  . ASN A 1 64  ? 12.096  2.943   7.479   1.00 38.89  ?  120 ASN A CA  1 
ATOM   488  C C   . ASN A 1 64  ? 13.381  2.217   7.895   1.00 39.76  ?  120 ASN A C   1 
ATOM   489  O O   . ASN A 1 64  ? 13.253  1.127   8.480   1.00 38.15  ?  120 ASN A O   1 
ATOM   490  C CB  . ASN A 1 64  ? 11.348  2.240   6.341   1.00 41.28  ?  120 ASN A CB  1 
ATOM   491  C CG  . ASN A 1 64  ? 9.899   2.668   6.233   1.00 38.62  ?  120 ASN A CG  1 
ATOM   492  O OD1 . ASN A 1 64  ? 9.280   2.464   5.212   1.00 46.43  ?  120 ASN A OD1 1 
ATOM   493  N ND2 . ASN A 1 64  ? 9.335   3.210   7.293   1.00 40.99  ?  120 ASN A ND2 1 
ATOM   494  N N   . PHE A 1 65  ? 14.564  2.809   7.684   1.00 35.85  ?  121 PHE A N   1 
ATOM   495  C CA  . PHE A 1 65  ? 15.856  2.144   7.990   1.00 33.52  ?  121 PHE A CA  1 
ATOM   496  C C   . PHE A 1 65  ? 16.281  2.403   9.430   1.00 33.29  ?  121 PHE A C   1 
ATOM   497  O O   . PHE A 1 65  ? 17.322  1.866   9.800   1.00 36.88  ?  121 PHE A O   1 
ATOM   498  C CB  . PHE A 1 65  ? 16.952  2.611   7.039   1.00 35.85  ?  121 PHE A CB  1 
ATOM   499  C CG  . PHE A 1 65  ? 16.708  2.228   5.607   1.00 36.79  ?  121 PHE A CG  1 
ATOM   500  C CD1 . PHE A 1 65  ? 15.903  3.007   4.796   1.00 37.64  ?  121 PHE A CD1 1 
ATOM   501  C CD2 . PHE A 1 65  ? 17.239  1.057   5.093   1.00 39.04  ?  121 PHE A CD2 1 
ATOM   502  C CE1 . PHE A 1 65  ? 15.651  2.625   3.488   1.00 38.70  ?  121 PHE A CE1 1 
ATOM   503  C CE2 . PHE A 1 65  ? 16.996  0.689   3.779   1.00 36.81  ?  121 PHE A CE2 1 
ATOM   504  C CZ  . PHE A 1 65  ? 16.207  1.475   2.983   1.00 38.25  ?  121 PHE A CZ  1 
ATOM   505  N N   . THR A 1 66  ? 15.516  3.189   10.189  1.00 34.70  ?  122 THR A N   1 
ATOM   506  C CA  . THR A 1 66  ? 15.856  3.628   11.570  1.00 37.75  ?  122 THR A CA  1 
ATOM   507  C C   . THR A 1 66  ? 14.803  3.132   12.572  1.00 42.74  ?  122 THR A C   1 
ATOM   508  O O   . THR A 1 66  ? 14.816  3.625   13.721  1.00 43.33  ?  122 THR A O   1 
ATOM   509  C CB  . THR A 1 66  ? 15.951  5.155   11.655  1.00 41.04  ?  122 THR A CB  1 
ATOM   510  O OG1 . THR A 1 66  ? 14.656  5.650   11.318  1.00 43.84  ?  122 THR A OG1 1 
ATOM   511  C CG2 . THR A 1 66  ? 16.981  5.763   10.723  1.00 44.17  ?  122 THR A CG2 1 
ATOM   512  N N   . SER A 1 67  ? 13.915  2.211   12.176  1.00 38.71  ?  123 SER A N   1 
ATOM   513  C CA  . SER A 1 67  ? 12.911  1.600   13.087  1.00 38.23  ?  123 SER A CA  1 
ATOM   514  C C   . SER A 1 67  ? 13.358  0.187   13.451  1.00 38.28  ?  123 SER A C   1 
ATOM   515  O O   . SER A 1 67  ? 13.460  -0.650  12.556  1.00 35.45  ?  123 SER A O   1 
ATOM   516  C CB  . SER A 1 67  ? 11.540  1.565   12.501  1.00 39.13  ?  123 SER A CB  1 
ATOM   517  O OG  . SER A 1 67  ? 10.730  0.684   13.262  1.00 42.06  ?  123 SER A OG  1 
ATOM   518  N N   . THR A 1 68  ? 13.567  -0.065  14.737  1.00 38.72  ?  124 THR A N   1 
ATOM   519  C CA  . THR A 1 68  ? 13.973  -1.388  15.259  1.00 40.93  ?  124 THR A CA  1 
ATOM   520  C C   . THR A 1 68  ? 12.842  -2.403  15.003  1.00 38.91  ?  124 THR A C   1 
ATOM   521  O O   . THR A 1 68  ? 13.153  -3.556  14.743  1.00 38.72  ?  124 THR A O   1 
ATOM   522  C CB  . THR A 1 68  ? 14.409  -1.246  16.719  1.00 43.57  ?  124 THR A CB  1 
ATOM   523  O OG1 . THR A 1 68  ? 15.207  -2.393  16.987  1.00 52.96  ?  124 THR A OG1 1 
ATOM   524  C CG2 . THR A 1 68  ? 13.272  -1.156  17.713  1.00 45.03  ?  124 THR A CG2 1 
ATOM   525  N N   . THR A 1 69  ? 11.582  -1.976  15.039  1.00 38.25  ?  125 THR A N   1 
ATOM   526  C CA  . THR A 1 69  ? 10.397  -2.872  14.940  1.00 44.12  ?  125 THR A CA  1 
ATOM   527  C C   . THR A 1 69  ? 10.171  -3.221  13.450  1.00 41.12  ?  125 THR A C   1 
ATOM   528  O O   . THR A 1 69  ? 9.920   -4.407  13.174  1.00 35.00  ?  125 THR A O   1 
ATOM   529  C CB  . THR A 1 69  ? 9.229   -2.303  15.761  1.00 42.78  ?  125 THR A CB  1 
ATOM   530  O OG1 . THR A 1 69  ? 8.142   -3.226  15.735  1.00 53.73  ?  125 THR A OG1 1 
ATOM   531  C CG2 . THR A 1 69  ? 8.684   -0.990  15.261  1.00 52.50  ?  125 THR A CG2 1 
ATOM   532  N N   . VAL A 1 70  ? 10.387  -2.274  12.524  1.00 37.62  ?  126 VAL A N   1 
ATOM   533  C CA  . VAL A 1 70  ? 10.308  -2.524  11.053  1.00 37.47  ?  126 VAL A CA  1 
ATOM   534  C C   . VAL A 1 70  ? 11.367  -3.564  10.686  1.00 35.16  ?  126 VAL A C   1 
ATOM   535  O O   . VAL A 1 70  ? 11.069  -4.507  9.949   1.00 35.02  ?  126 VAL A O   1 
ATOM   536  C CB  . VAL A 1 70  ? 10.467  -1.226  10.247  1.00 34.66  ?  126 VAL A CB  1 
ATOM   537  C CG1 . VAL A 1 70  ? 10.736  -1.490  8.780   1.00 34.97  ?  126 VAL A CG1 1 
ATOM   538  C CG2 . VAL A 1 70  ? 9.251   -0.339  10.403  1.00 32.70  ?  126 VAL A CG2 1 
ATOM   539  N N   . LYS A 1 71  ? 12.571  -3.403  11.217  1.00 40.85  ?  127 LYS A N   1 
ATOM   540  C CA  . LYS A 1 71  ? 13.691  -4.363  11.059  1.00 38.47  ?  127 LYS A CA  1 
ATOM   541  C C   . LYS A 1 71  ? 13.277  -5.756  11.575  1.00 34.44  ?  127 LYS A C   1 
ATOM   542  O O   . LYS A 1 71  ? 13.496  -6.759  10.857  1.00 30.83  ?  127 LYS A O   1 
ATOM   543  C CB  . LYS A 1 71  ? 14.902  -3.787  11.798  1.00 46.46  ?  127 LYS A CB  1 
ATOM   544  C CG  . LYS A 1 71  ? 16.044  -4.764  12.014  1.00 50.69  ?  127 LYS A CG  1 
ATOM   545  C CD  . LYS A 1 71  ? 15.949  -5.573  13.308  1.00 60.01  ?  127 LYS A CD  1 
ATOM   546  C CE  . LYS A 1 71  ? 16.080  -7.073  13.106  1.00 58.54  ?  127 LYS A CE  1 
ATOM   547  N NZ  . LYS A 1 71  ? 15.493  -7.843  14.227  1.00 59.27  ?  127 LYS A NZ  1 
ATOM   548  N N   . ALA A 1 72  ? 12.700  -5.856  12.770  1.00 31.30  ?  128 ALA A N   1 
ATOM   549  C CA  . ALA A 1 72  ? 12.282  -7.171  13.321  1.00 36.03  ?  128 ALA A CA  1 
ATOM   550  C C   . ALA A 1 72  ? 11.162  -7.760  12.430  1.00 36.63  ?  128 ALA A C   1 
ATOM   551  O O   . ALA A 1 72  ? 11.190  -8.983  12.127  1.00 36.53  ?  128 ALA A O   1 
ATOM   552  C CB  . ALA A 1 72  ? 11.874  -7.013  14.770  1.00 35.14  ?  128 ALA A CB  1 
ATOM   553  N N   . ALA A 1 73  ? 10.249  -6.918  11.939  1.00 32.98  ?  129 ALA A N   1 
ATOM   554  C CA  . ALA A 1 73  ? 9.170   -7.360  11.026  1.00 33.13  ?  129 ALA A CA  1 
ATOM   555  C C   . ALA A 1 73  ? 9.797   -7.928  9.745   1.00 32.20  ?  129 ALA A C   1 
ATOM   556  O O   . ALA A 1 73  ? 9.476   -9.069  9.385   1.00 28.18  ?  129 ALA A O   1 
ATOM   557  C CB  . ALA A 1 73  ? 8.216   -6.233  10.756  1.00 32.39  ?  129 ALA A CB  1 
ATOM   558  N N   . CYS A 1 74  ? 10.708  -7.191  9.110   1.00 31.86  ?  130 CYS A N   1 
ATOM   559  C CA  . CYS A 1 74  ? 11.417  -7.631  7.876   1.00 33.33  ?  130 CYS A CA  1 
ATOM   560  C C   . CYS A 1 74  ? 11.996  -9.028  8.074   1.00 32.45  ?  130 CYS A C   1 
ATOM   561  O O   . CYS A 1 74  ? 11.815  -9.903  7.205   1.00 34.60  ?  130 CYS A O   1 
ATOM   562  C CB  . CYS A 1 74  ? 12.525  -6.662  7.486   1.00 36.03  ?  130 CYS A CB  1 
ATOM   563  S SG  . CYS A 1 74  ? 11.891  -5.076  6.880   1.00 40.53  ?  130 CYS A SG  1 
ATOM   564  N N   . GLU A 1 75  ? 12.659  -9.240  9.195   1.00 36.94  ?  131 GLU A N   1 
ATOM   565  C CA  . GLU A 1 75  ? 13.364  -10.506 9.501   1.00 38.94  ?  131 GLU A CA  1 
ATOM   566  C C   . GLU A 1 75  ? 12.346  -11.628 9.744   1.00 34.93  ?  131 GLU A C   1 
ATOM   567  O O   . GLU A 1 75  ? 12.530  -12.716 9.191   1.00 35.36  ?  131 GLU A O   1 
ATOM   568  C CB  . GLU A 1 75  ? 14.256  -10.297 10.727  1.00 45.73  ?  131 GLU A CB  1 
ATOM   569  C CG  . GLU A 1 75  ? 15.221  -11.443 10.974  1.00 52.36  ?  131 GLU A CG  1 
ATOM   570  C CD  . GLU A 1 75  ? 16.055  -11.272 12.233  1.00 58.29  ?  131 GLU A CD  1 
ATOM   571  O OE1 . GLU A 1 75  ? 16.752  -12.239 12.620  1.00 68.86  ?  131 GLU A OE1 1 
ATOM   572  O OE2 . GLU A 1 75  ? 15.998  -10.170 12.826  1.00 62.32  ?  131 GLU A OE2 1 
ATOM   573  N N   . TRP A 1 76  ? 11.362  -11.390 10.608  1.00 32.55  ?  132 TRP A N   1 
ATOM   574  C CA  . TRP A 1 76  ? 10.328  -12.390 10.990  1.00 35.48  ?  132 TRP A CA  1 
ATOM   575  C C   . TRP A 1 76  ? 9.639   -12.948 9.734   1.00 33.67  ?  132 TRP A C   1 
ATOM   576  O O   . TRP A 1 76  ? 9.478   -14.156 9.646   1.00 31.46  ?  132 TRP A O   1 
ATOM   577  C CB  . TRP A 1 76  ? 9.320   -11.762 11.951  1.00 35.53  ?  132 TRP A CB  1 
ATOM   578  C CG  . TRP A 1 76  ? 8.525   -12.801 12.664  1.00 41.60  ?  132 TRP A CG  1 
ATOM   579  C CD1 . TRP A 1 76  ? 8.788   -13.329 13.896  1.00 39.52  ?  132 TRP A CD1 1 
ATOM   580  C CD2 . TRP A 1 76  ? 7.367   -13.484 12.164  1.00 37.39  ?  132 TRP A CD2 1 
ATOM   581  N NE1 . TRP A 1 76  ? 7.839   -14.255 14.213  1.00 39.54  ?  132 TRP A NE1 1 
ATOM   582  C CE2 . TRP A 1 76  ? 6.960   -14.379 13.173  1.00 38.85  ?  132 TRP A CE2 1 
ATOM   583  C CE3 . TRP A 1 76  ? 6.606   -13.394 10.995  1.00 39.21  ?  132 TRP A CE3 1 
ATOM   584  C CZ2 . TRP A 1 76  ? 5.857   -15.218 13.026  1.00 38.57  ?  132 TRP A CZ2 1 
ATOM   585  C CZ3 . TRP A 1 76  ? 5.517   -14.220 10.850  1.00 34.91  ?  132 TRP A CZ3 1 
ATOM   586  C CH2 . TRP A 1 76  ? 5.164   -15.133 11.843  1.00 33.96  ?  132 TRP A CH2 1 
ATOM   587  N N   . ALA A 1 77  ? 9.301   -12.084 8.777   1.00 32.34  ?  133 ALA A N   1 
ATOM   588  C CA  . ALA A 1 77  ? 8.431   -12.377 7.617   1.00 34.85  ?  133 ALA A CA  1 
ATOM   589  C C   . ALA A 1 77  ? 9.285   -12.641 6.371   1.00 35.72  ?  133 ALA A C   1 
ATOM   590  O O   . ALA A 1 77  ? 8.737   -13.119 5.369   1.00 34.64  ?  133 ALA A O   1 
ATOM   591  C CB  . ALA A 1 77  ? 7.481   -11.221 7.413   1.00 34.48  ?  133 ALA A CB  1 
ATOM   592  N N   . GLY A 1 78  ? 10.592  -12.364 6.425   1.00 33.38  ?  134 GLY A N   1 
ATOM   593  C CA  . GLY A 1 78  ? 11.490  -12.645 5.287   1.00 35.60  ?  134 GLY A CA  1 
ATOM   594  C C   . GLY A 1 78  ? 11.361  -11.628 4.156   1.00 32.80  ?  134 GLY A C   1 
ATOM   595  O O   . GLY A 1 78  ? 11.432  -12.030 2.989   1.00 35.77  ?  134 GLY A O   1 
ATOM   596  N N   . ILE A 1 79  ? 11.213  -10.355 4.503   1.00 32.79  ?  135 ILE A N   1 
ATOM   597  C CA  . ILE A 1 79  ? 11.088  -9.206  3.554   1.00 35.82  ?  135 ILE A CA  1 
ATOM   598  C C   . ILE A 1 79  ? 12.439  -8.495  3.447   1.00 34.44  ?  135 ILE A C   1 
ATOM   599  O O   . ILE A 1 79  ? 12.911  -8.050  4.488   1.00 31.52  ?  135 ILE A O   1 
ATOM   600  C CB  . ILE A 1 79  ? 10.009  -8.236  4.060   1.00 30.14  ?  135 ILE A CB  1 
ATOM   601  C CG1 . ILE A 1 79  ? 8.658   -8.939  4.198   1.00 31.48  ?  135 ILE A CG1 1 
ATOM   602  C CG2 . ILE A 1 79  ? 9.928   -7.009  3.185   1.00 28.64  ?  135 ILE A CG2 1 
ATOM   603  C CD1 . ILE A 1 79  ? 7.612   -8.123  4.915   1.00 30.55  ?  135 ILE A CD1 1 
ATOM   604  N N   . LYS A 1 80  ? 12.985  -8.341  2.234   1.00 36.93  ?  136 LYS A N   1 
ATOM   605  C CA  . LYS A 1 80  ? 14.157  -7.461  1.989   1.00 39.37  ?  136 LYS A CA  1 
ATOM   606  C C   . LYS A 1 80  ? 13.655  -6.025  1.855   1.00 40.17  ?  136 LYS A C   1 
ATOM   607  O O   . LYS A 1 80  ? 12.828  -5.767  0.984   1.00 43.07  ?  136 LYS A O   1 
ATOM   608  C CB  . LYS A 1 80  ? 14.931  -7.860  0.735   1.00 44.15  ?  136 LYS A CB  1 
ATOM   609  C CG  . LYS A 1 80  ? 15.561  -9.243  0.778   1.00 50.82  ?  136 LYS A CG  1 
ATOM   610  C CD  . LYS A 1 80  ? 15.770  -9.886  -0.599  1.00 60.56  ?  136 LYS A CD  1 
ATOM   611  C CE  . LYS A 1 80  ? 16.456  -8.993  -1.624  1.00 63.39  ?  136 LYS A CE  1 
ATOM   612  N NZ  . LYS A 1 80  ? 17.682  -8.351  -1.082  1.00 67.15  ?  136 LYS A NZ  1 
ATOM   613  N N   . GLN A 1 81  ? 14.123  -5.134  2.722   1.00 40.13  ?  137 GLN A N   1 
ATOM   614  C CA  . GLN A 1 81  ? 13.962  -3.666  2.600   1.00 40.55  ?  137 GLN A CA  1 
ATOM   615  C C   . GLN A 1 81  ? 15.094  -3.155  1.694   1.00 42.01  ?  137 GLN A C   1 
ATOM   616  O O   . GLN A 1 81  ? 16.266  -3.362  2.050   1.00 49.62  ?  137 GLN A O   1 
ATOM   617  C CB  . GLN A 1 81  ? 13.971  -3.082  4.011   1.00 47.27  ?  137 GLN A CB  1 
ATOM   618  C CG  . GLN A 1 81  ? 14.085  -1.573  4.034   1.00 56.31  ?  137 GLN A CG  1 
ATOM   619  C CD  . GLN A 1 81  ? 13.637  -0.926  5.323   1.00 65.70  ?  137 GLN A CD  1 
ATOM   620  O OE1 . GLN A 1 81  ? 13.873  -1.409  6.435   1.00 62.22  ?  137 GLN A OE1 1 
ATOM   621  N NE2 . GLN A 1 81  ? 13.053  0.246   5.174   1.00 75.33  ?  137 GLN A NE2 1 
ATOM   622  N N   . GLU A 1 82  ? 14.774  -2.581  0.536   1.00 42.58  ?  138 GLU A N   1 
ATOM   623  C CA  . GLU A 1 82  ? 15.777  -1.985  -0.385  1.00 46.85  ?  138 GLU A CA  1 
ATOM   624  C C   . GLU A 1 82  ? 15.499  -0.491  -0.537  1.00 44.44  ?  138 GLU A C   1 
ATOM   625  O O   . GLU A 1 82  ? 14.312  -0.075  -0.616  1.00 39.50  ?  138 GLU A O   1 
ATOM   626  C CB  . GLU A 1 82  ? 15.762  -2.660  -1.756  1.00 54.15  ?  138 GLU A CB  1 
ATOM   627  C CG  . GLU A 1 82  ? 16.590  -3.932  -1.819  1.00 64.12  ?  138 GLU A CG  1 
ATOM   628  C CD  . GLU A 1 82  ? 16.515  -4.656  -3.157  1.00 72.26  ?  138 GLU A CD  1 
ATOM   629  O OE1 . GLU A 1 82  ? 16.323  -3.967  -4.188  1.00 77.72  ?  138 GLU A OE1 1 
ATOM   630  O OE2 . GLU A 1 82  ? 16.633  -5.910  -3.169  1.00 74.94  ?  138 GLU A OE2 1 
ATOM   631  N N   . PHE A 1 83  ? 16.563  0.295   -0.591  1.00 39.18  ?  139 PHE A N   1 
ATOM   632  C CA  . PHE A 1 83  ? 16.474  1.742   -0.886  1.00 39.74  ?  139 PHE A CA  1 
ATOM   633  C C   . PHE A 1 83  ? 16.280  1.913   -2.392  1.00 38.88  ?  139 PHE A C   1 
ATOM   634  O O   . PHE A 1 83  ? 16.945  1.203   -3.146  1.00 37.79  ?  139 PHE A O   1 
ATOM   635  C CB  . PHE A 1 83  ? 17.695  2.500   -0.368  1.00 38.92  ?  139 PHE A CB  1 
ATOM   636  C CG  . PHE A 1 83  ? 17.524  3.974   -0.563  1.00 41.52  ?  139 PHE A CG  1 
ATOM   637  C CD1 . PHE A 1 83  ? 16.720  4.702   0.291   1.00 43.39  ?  139 PHE A CD1 1 
ATOM   638  C CD2 . PHE A 1 83  ? 18.060  4.606   -1.668  1.00 46.08  ?  139 PHE A CD2 1 
ATOM   639  C CE1 . PHE A 1 83  ? 16.499  6.052   0.073   1.00 46.96  ?  139 PHE A CE1 1 
ATOM   640  C CE2 . PHE A 1 83  ? 17.843  5.960   -1.879  1.00 50.48  ?  139 PHE A CE2 1 
ATOM   641  C CZ  . PHE A 1 83  ? 17.062  6.684   -1.006  1.00 44.15  ?  139 PHE A CZ  1 
ATOM   642  N N   . GLY A 1 84  ? 15.374  2.812   -2.789  1.00 42.92  ?  140 GLY A N   1 
ATOM   643  C CA  . GLY A 1 84  ? 15.149  3.211   -4.190  1.00 48.19  ?  140 GLY A CA  1 
ATOM   644  C C   . GLY A 1 84  ? 14.009  2.443   -4.830  1.00 49.40  ?  140 GLY A C   1 
ATOM   645  O O   . GLY A 1 84  ? 13.319  3.089   -5.647  1.00 54.60  ?  140 GLY A O   1 
ATOM   646  N N   . SER A 1 98  ? 1.888   10.401  -8.337  1.00 97.93  ?  154 SER A N   1 
ATOM   647  C CA  . SER A 1 98  ? 1.734   9.370   -9.400  1.00 104.32 ?  154 SER A CA  1 
ATOM   648  C C   . SER A 1 98  ? 0.491   8.523   -9.096  1.00 104.55 ?  154 SER A C   1 
ATOM   649  O O   . SER A 1 98  ? -0.583  8.810   -9.672  1.00 101.93 ?  154 SER A O   1 
ATOM   650  C CB  . SER A 1 98  ? 2.997   8.537   -9.526  1.00 103.01 ?  154 SER A CB  1 
ATOM   651  O OG  . SER A 1 98  ? 2.804   7.415   -10.376 1.00 101.26 ?  154 SER A OG  1 
ATOM   652  N N   . ASN A 1 99  ? 0.621   7.559   -8.178  1.00 105.08 ?  155 ASN A N   1 
ATOM   653  C CA  . ASN A 1 99  ? -0.496  6.733   -7.644  1.00 101.23 ?  155 ASN A CA  1 
ATOM   654  C C   . ASN A 1 99  ? -1.190  7.542   -6.533  1.00 105.97 ?  155 ASN A C   1 
ATOM   655  O O   . ASN A 1 99  ? -1.565  6.936   -5.511  1.00 116.58 ?  155 ASN A O   1 
ATOM   656  C CB  . ASN A 1 99  ? 0.019   5.357   -7.195  1.00 93.53  ?  155 ASN A CB  1 
ATOM   657  C CG  . ASN A 1 99  ? -0.982  4.236   -7.397  1.00 88.37  ?  155 ASN A CG  1 
ATOM   658  O OD1 . ASN A 1 99  ? -0.797  3.363   -8.248  1.00 76.57  ?  155 ASN A OD1 1 
ATOM   659  N ND2 . ASN A 1 99  ? -2.050  4.249   -6.620  1.00 86.42  ?  155 ASN A ND2 1 
ATOM   660  N N   . LYS A 1 100 ? -1.324  8.864   -6.724  1.00 104.44 ?  156 LYS A N   1 
ATOM   661  C CA  . LYS A 1 100 ? -2.097  9.805   -5.862  1.00 95.64  ?  156 LYS A CA  1 
ATOM   662  C C   . LYS A 1 100 ? -3.300  10.335  -6.668  1.00 91.25  ?  156 LYS A C   1 
ATOM   663  O O   . LYS A 1 100 ? -3.871  11.377  -6.290  1.00 81.69  ?  156 LYS A O   1 
ATOM   664  C CB  . LYS A 1 100 ? -1.172  10.902  -5.323  1.00 90.61  ?  156 LYS A CB  1 
ATOM   665  C CG  . LYS A 1 100 ? 0.121   10.395  -4.693  1.00 92.63  ?  156 LYS A CG  1 
ATOM   666  C CD  . LYS A 1 100 ? -0.063  9.545   -3.439  1.00 92.29  ?  156 LYS A CD  1 
ATOM   667  C CE  . LYS A 1 100 ? 0.829   8.319   -3.407  1.00 90.66  ?  156 LYS A CE  1 
ATOM   668  N NZ  . LYS A 1 100 ? 1.253   7.951   -2.032  1.00 85.24  ?  156 LYS A NZ  1 
ATOM   669  N N   . GLU A 1 101 ? -3.682  9.608   -7.729  1.00 83.98  ?  157 GLU A N   1 
ATOM   670  C CA  . GLU A 1 101 ? -5.081  9.519   -8.239  1.00 82.87  ?  157 GLU A CA  1 
ATOM   671  C C   . GLU A 1 101 ? -5.966  8.928   -7.127  1.00 74.10  ?  157 GLU A C   1 
ATOM   672  O O   . GLU A 1 101 ? -7.217  8.995   -7.239  1.00 61.48  ?  157 GLU A O   1 
ATOM   673  C CB  . GLU A 1 101 ? -5.139  8.669   -9.517  1.00 90.73  ?  157 GLU A CB  1 
ATOM   674  C CG  . GLU A 1 101 ? -5.222  7.153   -9.294  1.00 94.00  ?  157 GLU A CG  1 
ATOM   675  C CD  . GLU A 1 101 ? -6.552  6.471   -9.630  1.00 97.62  ?  157 GLU A CD  1 
ATOM   676  O OE1 . GLU A 1 101 ? -7.525  7.185   -9.958  1.00 100.84 ?  157 GLU A OE1 1 
ATOM   677  O OE2 . GLU A 1 101 ? -6.616  5.211   -9.578  1.00 80.94  ?  157 GLU A OE2 1 
ATOM   678  N N   . LEU A 1 102 ? -5.327  8.310   -6.126  1.00 63.95  ?  158 LEU A N   1 
ATOM   679  C CA  . LEU A 1 102 ? -5.942  7.847   -4.858  1.00 62.85  ?  158 LEU A CA  1 
ATOM   680  C C   . LEU A 1 102 ? -6.685  9.020   -4.211  1.00 58.95  ?  158 LEU A C   1 
ATOM   681  O O   . LEU A 1 102 ? -7.840  8.815   -3.775  1.00 49.16  ?  158 LEU A O   1 
ATOM   682  C CB  . LEU A 1 102 ? -4.836  7.318   -3.936  1.00 64.88  ?  158 LEU A CB  1 
ATOM   683  C CG  . LEU A 1 102 ? -5.306  6.513   -2.727  1.00 67.17  ?  158 LEU A CG  1 
ATOM   684  C CD1 . LEU A 1 102 ? -5.907  5.186   -3.173  1.00 66.35  ?  158 LEU A CD1 1 
ATOM   685  C CD2 . LEU A 1 102 ? -4.169  6.300   -1.737  1.00 65.33  ?  158 LEU A CD2 1 
ATOM   686  N N   . LYS A 1 103 ? -6.040  10.194  -4.167  1.00 60.76  ?  159 LYS A N   1 
ATOM   687  C CA  . LYS A 1 103 ? -6.539  11.412  -3.474  1.00 65.82  ?  159 LYS A CA  1 
ATOM   688  C C   . LYS A 1 103 ? -7.724  12.000  -4.250  1.00 63.60  ?  159 LYS A C   1 
ATOM   689  O O   . LYS A 1 103 ? -8.685  12.460  -3.593  1.00 60.70  ?  159 LYS A O   1 
ATOM   690  C CB  . LYS A 1 103 ? -5.394  12.405  -3.232  1.00 73.35  ?  159 LYS A CB  1 
ATOM   691  C CG  . LYS A 1 103 ? -4.573  12.105  -1.977  1.00 78.11  ?  159 LYS A CG  1 
ATOM   692  C CD  . LYS A 1 103 ? -3.109  12.532  -2.024  1.00 83.56  ?  159 LYS A CD  1 
ATOM   693  C CE  . LYS A 1 103 ? -2.888  14.007  -1.759  1.00 85.64  ?  159 LYS A CE  1 
ATOM   694  N NZ  . LYS A 1 103 ? -1.638  14.249  -1.000  1.00 82.55  ?  159 LYS A NZ  1 
ATOM   695  N N   . LYS A 1 104 ? -7.704  11.956  -5.581  1.00 60.67  ?  160 LYS A N   1 
ATOM   696  C CA  . LYS A 1 104 ? -8.893  12.339  -6.387  1.00 64.61  ?  160 LYS A CA  1 
ATOM   697  C C   . LYS A 1 104 ? -10.064 11.428  -5.986  1.00 59.75  ?  160 LYS A C   1 
ATOM   698  O O   . LYS A 1 104 ? -11.161 11.958  -5.679  1.00 55.90  ?  160 LYS A O   1 
ATOM   699  C CB  . LYS A 1 104 ? -8.604  12.285  -7.894  1.00 70.29  ?  160 LYS A CB  1 
ATOM   700  C CG  . LYS A 1 104 ? -9.831  12.434  -8.797  1.00 77.95  ?  160 LYS A CG  1 
ATOM   701  C CD  . LYS A 1 104 ? -9.616  11.943  -10.222 1.00 89.05  ?  160 LYS A CD  1 
ATOM   702  C CE  . LYS A 1 104 ? -9.383  10.445  -10.310 1.00 101.96 ?  160 LYS A CE  1 
ATOM   703  N NZ  . LYS A 1 104 ? -8.143  10.116  -11.058 1.00 106.73 ?  160 LYS A NZ  1 
ATOM   704  N N   . ILE A 1 105 ? -9.862  10.105  -5.968  1.00 55.38  ?  161 ILE A N   1 
ATOM   705  C CA  . ILE A 1 105 ? -10.973 9.160   -5.654  1.00 51.40  ?  161 ILE A CA  1 
ATOM   706  C C   . ILE A 1 105 ? -11.423 9.426   -4.216  1.00 46.72  ?  161 ILE A C   1 
ATOM   707  O O   . ILE A 1 105 ? -12.634 9.345   -3.974  1.00 50.42  ?  161 ILE A O   1 
ATOM   708  C CB  . ILE A 1 105 ? -10.602 7.685   -5.903  1.00 50.79  ?  161 ILE A CB  1 
ATOM   709  C CG1 . ILE A 1 105 ? -10.280 7.422   -7.376  1.00 52.02  ?  161 ILE A CG1 1 
ATOM   710  C CG2 . ILE A 1 105 ? -11.730 6.777   -5.411  1.00 51.16  ?  161 ILE A CG2 1 
ATOM   711  C CD1 . ILE A 1 105 ? -9.517  6.141   -7.625  1.00 53.71  ?  161 ILE A CD1 1 
ATOM   712  N N   . ILE A 1 106 ? -10.492 9.764   -3.317  1.00 44.13  ?  162 ILE A N   1 
ATOM   713  C CA  . ILE A 1 106 ? -10.799 10.071  -1.885  1.00 48.27  ?  162 ILE A CA  1 
ATOM   714  C C   . ILE A 1 106 ? -11.741 11.277  -1.812  1.00 50.80  ?  162 ILE A C   1 
ATOM   715  O O   . ILE A 1 106 ? -12.635 11.234  -0.958  1.00 52.49  ?  162 ILE A O   1 
ATOM   716  C CB  . ILE A 1 106 ? -9.525  10.280  -1.035  1.00 50.55  ?  162 ILE A CB  1 
ATOM   717  C CG1 . ILE A 1 106 ? -8.827  8.953   -0.732  1.00 53.45  ?  162 ILE A CG1 1 
ATOM   718  C CG2 . ILE A 1 106 ? -9.845  11.023  0.253   1.00 49.63  ?  162 ILE A CG2 1 
ATOM   719  C CD1 . ILE A 1 106 ? -7.435  9.086   -0.151  1.00 57.29  ?  162 ILE A CD1 1 
ATOM   720  N N   . GLY A 1 107 ? -11.541 12.309  -2.652  1.00 56.75  ?  163 GLY A N   1 
ATOM   721  C CA  . GLY A 1 107 ? -12.407 13.509  -2.708  1.00 54.38  ?  163 GLY A CA  1 
ATOM   722  C C   . GLY A 1 107 ? -13.819 13.176  -3.193  1.00 56.98  ?  163 GLY A C   1 
ATOM   723  O O   . GLY A 1 107 ? -14.794 13.723  -2.631  1.00 53.72  ?  163 GLY A O   1 
ATOM   724  N N   . GLN A 1 108 ? -13.937 12.277  -4.178  1.00 59.63  ?  164 GLN A N   1 
ATOM   725  C CA  . GLN A 1 108 ? -15.239 11.821  -4.752  1.00 59.73  ?  164 GLN A CA  1 
ATOM   726  C C   . GLN A 1 108 ? -16.087 11.111  -3.682  1.00 56.60  ?  164 GLN A C   1 
ATOM   727  O O   . GLN A 1 108 ? -17.318 11.267  -3.728  1.00 60.44  ?  164 GLN A O   1 
ATOM   728  C CB  . GLN A 1 108 ? -15.031 10.906  -5.964  1.00 58.74  ?  164 GLN A CB  1 
ATOM   729  C CG  . GLN A 1 108 ? -13.990 11.414  -6.948  1.00 62.56  ?  164 GLN A CG  1 
ATOM   730  C CD  . GLN A 1 108 ? -14.166 10.832  -8.329  1.00 65.09  ?  164 GLN A CD  1 
ATOM   731  O OE1 . GLN A 1 108 ? -14.981 11.305  -9.118  1.00 69.72  ?  164 GLN A OE1 1 
ATOM   732  N NE2 . GLN A 1 108 ? -13.386 9.807   -8.641  1.00 58.30  ?  164 GLN A NE2 1 
ATOM   733  N N   . VAL A 1 109 ? -15.476 10.366  -2.750  1.00 54.56  ?  165 VAL A N   1 
ATOM   734  C CA  . VAL A 1 109 ? -16.219 9.562   -1.723  1.00 53.13  ?  165 VAL A CA  1 
ATOM   735  C C   . VAL A 1 109 ? -16.192 10.259  -0.367  1.00 53.25  ?  165 VAL A C   1 
ATOM   736  O O   . VAL A 1 109 ? -16.987 9.834   0.494   1.00 50.66  ?  165 VAL A O   1 
ATOM   737  C CB  . VAL A 1 109 ? -15.665 8.131   -1.563  1.00 50.16  ?  165 VAL A CB  1 
ATOM   738  C CG1 . VAL A 1 109 ? -15.740 7.372   -2.864  1.00 55.44  ?  165 VAL A CG1 1 
ATOM   739  C CG2 . VAL A 1 109 ? -14.247 8.094   -1.022  1.00 47.78  ?  165 VAL A CG2 1 
ATOM   740  N N   . ARG A 1 110 ? -15.307 11.247  -0.173  1.00 51.00  ?  166 ARG A N   1 
ATOM   741  C CA  . ARG A 1 110 ? -14.961 11.779  1.173   1.00 53.84  ?  166 ARG A CA  1 
ATOM   742  C C   . ARG A 1 110 ? -16.240 12.001  1.990   1.00 58.03  ?  166 ARG A C   1 
ATOM   743  O O   . ARG A 1 110 ? -16.203 11.743  3.222   1.00 56.28  ?  166 ARG A O   1 
ATOM   744  C CB  . ARG A 1 110 ? -14.142 13.077  1.088   1.00 54.82  ?  166 ARG A CB  1 
ATOM   745  C CG  . ARG A 1 110 ? -13.699 13.632  2.437   1.00 51.09  ?  166 ARG A CG  1 
ATOM   746  C CD  . ARG A 1 110 ? -12.983 12.572  3.256   1.00 51.79  ?  166 ARG A CD  1 
ATOM   747  N NE  . ARG A 1 110 ? -12.605 12.977  4.603   1.00 50.90  ?  166 ARG A NE  1 
ATOM   748  C CZ  . ARG A 1 110 ? -13.302 12.731  5.714   1.00 54.50  ?  166 ARG A CZ  1 
ATOM   749  N NH1 . ARG A 1 110 ? -14.459 12.083  5.675   1.00 54.43  ?  166 ARG A NH1 1 
ATOM   750  N NH2 . ARG A 1 110 ? -12.819 13.123  6.882   1.00 56.36  ?  166 ARG A NH2 1 
ATOM   751  N N   . ASP A 1 111 ? -17.314 12.476  1.345   1.00 56.16  ?  167 ASP A N   1 
ATOM   752  C CA  . ASP A 1 111 ? -18.557 12.903  2.043   1.00 63.23  ?  167 ASP A CA  1 
ATOM   753  C C   . ASP A 1 111 ? -19.549 11.735  2.161   1.00 62.85  ?  167 ASP A C   1 
ATOM   754  O O   . ASP A 1 111 ? -20.640 11.973  2.697   1.00 63.14  ?  167 ASP A O   1 
ATOM   755  C CB  . ASP A 1 111 ? -19.179 14.120  1.352   1.00 68.02  ?  167 ASP A CB  1 
ATOM   756  C CG  . ASP A 1 111 ? -19.818 13.809  0.009   1.00 74.70  ?  167 ASP A CG  1 
ATOM   757  O OD1 . ASP A 1 111 ? -19.745 12.635  -0.433  1.00 75.29  ?  167 ASP A OD1 1 
ATOM   758  O OD2 . ASP A 1 111 ? -20.382 14.742  -0.588  1.00 80.10  ?  167 ASP A OD2 1 
ATOM   759  N N   . GLN A 1 112 ? -19.206 10.535  1.669   1.00 59.85  ?  168 GLN A N   1 
ATOM   760  C CA  . GLN A 1 112 ? -19.983 9.283   1.902   1.00 58.59  ?  168 GLN A CA  1 
ATOM   761  C C   . GLN A 1 112 ? -19.484 8.570   3.165   1.00 55.32  ?  168 GLN A C   1 
ATOM   762  O O   . GLN A 1 112 ? -19.881 7.419   3.372   1.00 56.26  ?  168 GLN A O   1 
ATOM   763  C CB  . GLN A 1 112 ? -19.831 8.274   0.761   1.00 55.32  ?  168 GLN A CB  1 
ATOM   764  C CG  . GLN A 1 112 ? -20.137 8.816   -0.618  1.00 56.03  ?  168 GLN A CG  1 
ATOM   765  C CD  . GLN A 1 112 ? -20.306 7.695   -1.620  1.00 60.46  ?  168 GLN A CD  1 
ATOM   766  O OE1 . GLN A 1 112 ? -20.665 6.566   -1.275  1.00 54.67  ?  168 GLN A OE1 1 
ATOM   767  N NE2 . GLN A 1 112 ? -20.083 8.006   -2.885  1.00 60.87  ?  168 GLN A NE2 1 
ATOM   768  N N   . ALA A 1 113 ? -18.621 9.202   3.965   1.00 55.00  ?  169 ALA A N   1 
ATOM   769  C CA  . ALA A 1 113 ? -17.947 8.549   5.108   1.00 55.16  ?  169 ALA A CA  1 
ATOM   770  C C   . ALA A 1 113 ? -17.627 9.588   6.176   1.00 52.63  ?  169 ALA A C   1 
ATOM   771  O O   . ALA A 1 113 ? -17.072 10.619  5.807   1.00 47.25  ?  169 ALA A O   1 
ATOM   772  C CB  . ALA A 1 113 ? -16.681 7.883   4.626   1.00 58.75  ?  169 ALA A CB  1 
ATOM   773  N N   . GLU A 1 114 ? -17.937 9.300   7.441   1.00 54.95  ?  170 GLU A N   1 
ATOM   774  C CA  . GLU A 1 114 ? -17.543 10.159  8.586   1.00 56.92  ?  170 GLU A CA  1 
ATOM   775  C C   . GLU A 1 114 ? -16.015 10.232  8.634   1.00 53.54  ?  170 GLU A C   1 
ATOM   776  O O   . GLU A 1 114 ? -15.459 11.347  8.530   1.00 56.34  ?  170 GLU A O   1 
ATOM   777  C CB  . GLU A 1 114 ? -18.114 9.614   9.897   1.00 64.03  ?  170 GLU A CB  1 
ATOM   778  C CG  . GLU A 1 114 ? -17.608 10.365  11.123  1.00 76.11  ?  170 GLU A CG  1 
ATOM   779  C CD  . GLU A 1 114 ? -18.336 10.048  12.419  1.00 87.28  ?  170 GLU A CD  1 
ATOM   780  O OE1 . GLU A 1 114 ? -18.826 8.895   12.567  1.00 89.24  ?  170 GLU A OE1 1 
ATOM   781  O OE2 . GLU A 1 114 ? -18.414 10.953  13.282  1.00 90.05  ?  170 GLU A OE2 1 
ATOM   782  N N   . HIS A 1 115 ? -15.361 9.074   8.740   1.00 52.80  ?  171 HIS A N   1 
ATOM   783  C CA  . HIS A 1 115 ? -13.897 8.952   8.980   1.00 50.51  ?  171 HIS A CA  1 
ATOM   784  C C   . HIS A 1 115 ? -13.118 8.961   7.657   1.00 46.03  ?  171 HIS A C   1 
ATOM   785  O O   . HIS A 1 115 ? -13.601 8.401   6.654   1.00 43.17  ?  171 HIS A O   1 
ATOM   786  C CB  . HIS A 1 115 ? -13.610 7.711   9.829   1.00 52.65  ?  171 HIS A CB  1 
ATOM   787  C CG  . HIS A 1 115 ? -14.413 7.676   11.084  1.00 64.51  ?  171 HIS A CG  1 
ATOM   788  N ND1 . HIS A 1 115 ? -15.647 7.046   11.155  1.00 69.39  ?  171 HIS A ND1 1 
ATOM   789  C CD2 . HIS A 1 115 ? -14.186 8.216   12.300  1.00 67.28  ?  171 HIS A CD2 1 
ATOM   790  C CE1 . HIS A 1 115 ? -16.143 7.197   12.367  1.00 72.59  ?  171 HIS A CE1 1 
ATOM   791  N NE2 . HIS A 1 115 ? -15.263 7.910   13.092  1.00 72.79  ?  171 HIS A NE2 1 
ATOM   792  N N   . LEU A 1 116 ? -11.924 9.549   7.688   1.00 42.88  ?  172 LEU A N   1 
ATOM   793  C CA  . LEU A 1 116 ? -10.937 9.540   6.581   1.00 42.38  ?  172 LEU A CA  1 
ATOM   794  C C   . LEU A 1 116 ? -10.534 8.093   6.244   1.00 36.93  ?  172 LEU A C   1 
ATOM   795  O O   . LEU A 1 116 ? -10.480 7.747   5.055   1.00 35.78  ?  172 LEU A O   1 
ATOM   796  C CB  . LEU A 1 116 ? -9.719  10.362  7.019   1.00 39.29  ?  172 LEU A CB  1 
ATOM   797  C CG  . LEU A 1 116 ? -8.616  10.462  5.970   1.00 39.99  ?  172 LEU A CG  1 
ATOM   798  C CD1 . LEU A 1 116 ? -9.188  11.004  4.670   1.00 37.25  ?  172 LEU A CD1 1 
ATOM   799  C CD2 . LEU A 1 116 ? -7.452  11.315  6.466   1.00 40.03  ?  172 LEU A CD2 1 
ATOM   800  N N   . LYS A 1 117 ? -10.271 7.271   7.257   1.00 38.75  ?  173 LYS A N   1 
ATOM   801  C CA  . LYS A 1 117 ? -9.776  5.885   7.060   1.00 40.82  ?  173 LYS A CA  1 
ATOM   802  C C   . LYS A 1 117 ? -10.774 5.151   6.139   1.00 37.67  ?  173 LYS A C   1 
ATOM   803  O O   . LYS A 1 117 ? -10.340 4.483   5.198   1.00 38.32  ?  173 LYS A O   1 
ATOM   804  C CB  . LYS A 1 117 ? -9.533  5.230   8.420   1.00 46.74  ?  173 LYS A CB  1 
ATOM   805  C CG  . LYS A 1 117 ? -10.791 4.877   9.206   1.00 51.10  ?  173 LYS A CG  1 
ATOM   806  C CD  . LYS A 1 117 ? -10.521 4.520   10.643  1.00 59.67  ?  173 LYS A CD  1 
ATOM   807  C CE  . LYS A 1 117 ? -9.341  3.591   10.841  1.00 63.31  ?  173 LYS A CE  1 
ATOM   808  N NZ  . LYS A 1 117 ? -9.415  2.908   12.157  1.00 70.56  ?  173 LYS A NZ  1 
ATOM   809  N N   . THR A 1 118 ? -12.071 5.358   6.342   1.00 35.39  ?  174 THR A N   1 
ATOM   810  C CA  . THR A 1 118 ? -13.159 4.761   5.536   1.00 33.42  ?  174 THR A CA  1 
ATOM   811  C C   . THR A 1 118 ? -13.030 5.257   4.104   1.00 32.54  ?  174 THR A C   1 
ATOM   812  O O   . THR A 1 118 ? -13.069 4.425   3.212   1.00 33.23  ?  174 THR A O   1 
ATOM   813  C CB  . THR A 1 118 ? -14.550 5.077   6.100   1.00 31.22  ?  174 THR A CB  1 
ATOM   814  O OG1 . THR A 1 118 ? -14.585 4.612   7.447   1.00 32.54  ?  174 THR A OG1 1 
ATOM   815  C CG2 . THR A 1 118 ? -15.663 4.410   5.320   1.00 34.12  ?  174 THR A CG2 1 
ATOM   816  N N   . ALA A 1 119 ? -12.910 6.567   3.897   1.00 34.54  ?  175 ALA A N   1 
ATOM   817  C CA  . ALA A 1 119 ? -12.782 7.152   2.542   1.00 30.82  ?  175 ALA A CA  1 
ATOM   818  C C   . ALA A 1 119 ? -11.509 6.605   1.872   1.00 29.49  ?  175 ALA A C   1 
ATOM   819  O O   . ALA A 1 119 ? -11.572 6.196   0.697   1.00 29.28  ?  175 ALA A O   1 
ATOM   820  C CB  . ALA A 1 119 ? -12.835 8.653   2.604   1.00 31.04  ?  175 ALA A CB  1 
ATOM   821  N N   . VAL A 1 120 ? -10.411 6.448   2.602   1.00 29.86  ?  176 VAL A N   1 
ATOM   822  C CA  . VAL A 1 120 ? -9.179  5.837   2.009   1.00 29.28  ?  176 VAL A CA  1 
ATOM   823  C C   . VAL A 1 120 ? -9.492  4.425   1.510   1.00 28.69  ?  176 VAL A C   1 
ATOM   824  O O   . VAL A 1 120 ? -9.198  4.161   0.342   1.00 28.51  ?  176 VAL A O   1 
ATOM   825  C CB  . VAL A 1 120 ? -8.005  5.820   2.993   1.00 30.19  ?  176 VAL A CB  1 
ATOM   826  C CG1 . VAL A 1 120 ? -6.820  5.028   2.440   1.00 31.39  ?  176 VAL A CG1 1 
ATOM   827  C CG2 . VAL A 1 120 ? -7.625  7.248   3.341   1.00 30.19  ?  176 VAL A CG2 1 
ATOM   828  N N   . GLN A 1 121 ? -10.136 3.598   2.331   1.00 27.46  ?  177 GLN A N   1 
ATOM   829  C CA  . GLN A 1 121 ? -10.455 2.196   1.979   1.00 28.80  ?  177 GLN A CA  1 
ATOM   830  C C   . GLN A 1 121 ? -11.449 2.164   0.821   1.00 29.29  ?  177 GLN A C   1 
ATOM   831  O O   . GLN A 1 121 ? -11.306 1.274   -0.013  1.00 30.98  ?  177 GLN A O   1 
ATOM   832  C CB  . GLN A 1 121 ? -10.968 1.413   3.187   1.00 30.94  ?  177 GLN A CB  1 
ATOM   833  C CG  . GLN A 1 121 ? -9.932  1.214   4.274   1.00 30.44  ?  177 GLN A CG  1 
ATOM   834  C CD  . GLN A 1 121 ? -8.562  0.833   3.773   1.00 32.81  ?  177 GLN A CD  1 
ATOM   835  O OE1 . GLN A 1 121 ? -8.384  0.073   2.818   1.00 32.52  ?  177 GLN A OE1 1 
ATOM   836  N NE2 . GLN A 1 121 ? -7.562  1.346   4.455   1.00 36.23  ?  177 GLN A NE2 1 
ATOM   837  N N   . MET A 1 122 ? -12.386 3.110   0.742   1.00 29.11  ?  178 MET A N   1 
ATOM   838  C CA  . MET A 1 122 ? -13.300 3.202   -0.425  1.00 30.06  ?  178 MET A CA  1 
ATOM   839  C C   . MET A 1 122 ? -12.471 3.497   -1.677  1.00 31.24  ?  178 MET A C   1 
ATOM   840  O O   . MET A 1 122 ? -12.734 2.865   -2.714  1.00 28.19  ?  178 MET A O   1 
ATOM   841  C CB  . MET A 1 122 ? -14.354 4.287   -0.228  1.00 32.59  ?  178 MET A CB  1 
ATOM   842  C CG  . MET A 1 122 ? -15.519 3.800   0.606   1.00 33.79  ?  178 MET A CG  1 
ATOM   843  S SD  . MET A 1 122 ? -16.569 5.133   1.166   1.00 33.41  ?  178 MET A SD  1 
ATOM   844  C CE  . MET A 1 122 ? -17.702 4.210   2.213   1.00 31.71  ?  178 MET A CE  1 
ATOM   845  N N   . ALA A 1 123 ? -11.494 4.404   -1.562  1.00 29.93  ?  179 ALA A N   1 
ATOM   846  C CA  . ALA A 1 123 ? -10.591 4.791   -2.659  1.00 29.25  ?  179 ALA A CA  1 
ATOM   847  C C   . ALA A 1 123 ? -9.761  3.574   -3.080  1.00 28.29  ?  179 ALA A C   1 
ATOM   848  O O   . ALA A 1 123 ? -9.664  3.293   -4.275  1.00 34.77  ?  179 ALA A O   1 
ATOM   849  C CB  . ALA A 1 123 ? -9.741  5.960   -2.232  1.00 31.05  ?  179 ALA A CB  1 
ATOM   850  N N   . VAL A 1 124 ? -9.215  2.840   -2.127  1.00 28.40  ?  180 VAL A N   1 
ATOM   851  C CA  . VAL A 1 124 ? -8.405  1.630   -2.415  1.00 30.68  ?  180 VAL A CA  1 
ATOM   852  C C   . VAL A 1 124 ? -9.312  0.606   -3.110  1.00 29.46  ?  180 VAL A C   1 
ATOM   853  O O   . VAL A 1 124 ? -8.908  -0.017  -4.077  1.00 25.78  ?  180 VAL A O   1 
ATOM   854  C CB  . VAL A 1 124 ? -7.785  1.063   -1.128  1.00 28.19  ?  180 VAL A CB  1 
ATOM   855  C CG1 . VAL A 1 124 ? -7.260  -0.354  -1.319  1.00 29.20  ?  180 VAL A CG1 1 
ATOM   856  C CG2 . VAL A 1 124 ? -6.704  1.969   -0.582  1.00 30.67  ?  180 VAL A CG2 1 
ATOM   857  N N   . PHE A 1 125 ? -10.504 0.402   -2.587  1.00 30.56  ?  181 PHE A N   1 
ATOM   858  C CA  . PHE A 1 125 ? -11.454 -0.559  -3.189  1.00 29.53  ?  181 PHE A CA  1 
ATOM   859  C C   . PHE A 1 125 ? -11.624 -0.198  -4.676  1.00 29.54  ?  181 PHE A C   1 
ATOM   860  O O   . PHE A 1 125 ? -11.475 -1.091  -5.521  1.00 23.86  ?  181 PHE A O   1 
ATOM   861  C CB  . PHE A 1 125 ? -12.742 -0.542  -2.380  1.00 27.70  ?  181 PHE A CB  1 
ATOM   862  C CG  . PHE A 1 125 ? -13.842 -1.422  -2.887  1.00 26.17  ?  181 PHE A CG  1 
ATOM   863  C CD1 . PHE A 1 125 ? -14.413 -1.196  -4.127  1.00 28.17  ?  181 PHE A CD1 1 
ATOM   864  C CD2 . PHE A 1 125 ? -14.384 -2.383  -2.070  1.00 24.73  ?  181 PHE A CD2 1 
ATOM   865  C CE1 . PHE A 1 125 ? -15.473 -1.968  -4.563  1.00 29.65  ?  181 PHE A CE1 1 
ATOM   866  C CE2 . PHE A 1 125 ? -15.457 -3.139  -2.499  1.00 28.94  ?  181 PHE A CE2 1 
ATOM   867  C CZ  . PHE A 1 125 ? -15.996 -2.931  -3.745  1.00 28.80  ?  181 PHE A CZ  1 
ATOM   868  N N   . ILE A 1 126 ? -11.922 1.067   -4.982  1.00 29.12  ?  182 ILE A N   1 
ATOM   869  C CA  . ILE A 1 126 ? -12.230 1.484   -6.381  1.00 32.70  ?  182 ILE A CA  1 
ATOM   870  C C   . ILE A 1 126 ? -10.955 1.409   -7.217  1.00 34.62  ?  182 ILE A C   1 
ATOM   871  O O   . ILE A 1 126 ? -11.054 0.928   -8.360  1.00 33.47  ?  182 ILE A O   1 
ATOM   872  C CB  . ILE A 1 126 ? -12.911 2.858   -6.426  1.00 35.60  ?  182 ILE A CB  1 
ATOM   873  C CG1 . ILE A 1 126 ? -14.341 2.741   -5.910  1.00 35.60  ?  182 ILE A CG1 1 
ATOM   874  C CG2 . ILE A 1 126 ? -12.901 3.456   -7.831  1.00 36.11  ?  182 ILE A CG2 1 
ATOM   875  C CD1 . ILE A 1 126 ? -14.766 3.949   -5.160  1.00 43.88  ?  182 ILE A CD1 1 
ATOM   876  N N   . HIS A 1 127 ? -9.793  1.775   -6.661  1.00 33.50  ?  183 HIS A N   1 
ATOM   877  C CA  . HIS A 1 127 ? -8.510  1.677   -7.396  1.00 32.81  ?  183 HIS A CA  1 
ATOM   878  C C   . HIS A 1 127 ? -8.267  0.235   -7.855  1.00 31.47  ?  183 HIS A C   1 
ATOM   879  O O   . HIS A 1 127 ? -7.915  0.026   -9.038  1.00 31.20  ?  183 HIS A O   1 
ATOM   880  C CB  . HIS A 1 127 ? -7.319  2.162   -6.569  1.00 37.06  ?  183 HIS A CB  1 
ATOM   881  C CG  . HIS A 1 127 ? -6.062  1.854   -7.298  1.00 36.17  ?  183 HIS A CG  1 
ATOM   882  N ND1 . HIS A 1 127 ? -5.587  2.683   -8.298  1.00 38.83  ?  183 HIS A ND1 1 
ATOM   883  C CD2 . HIS A 1 127 ? -5.267  0.758   -7.283  1.00 35.92  ?  183 HIS A CD2 1 
ATOM   884  C CE1 . HIS A 1 127 ? -4.513  2.142   -8.825  1.00 39.93  ?  183 HIS A CE1 1 
ATOM   885  N NE2 . HIS A 1 127 ? -4.280  0.963   -8.208  1.00 38.50  ?  183 HIS A NE2 1 
ATOM   886  N N   . ASN A 1 128 ? -8.483  -0.729  -6.963  1.00 29.37  ?  184 ASN A N   1 
ATOM   887  C CA  . ASN A 1 128 ? -8.171  -2.161  -7.184  1.00 28.27  ?  184 ASN A CA  1 
ATOM   888  C C   . ASN A 1 128 ? -9.226  -2.883  -8.037  1.00 30.69  ?  184 ASN A C   1 
ATOM   889  O O   . ASN A 1 128 ? -8.882  -3.838  -8.781  1.00 28.75  ?  184 ASN A O   1 
ATOM   890  C CB  . ASN A 1 128 ? -8.040  -2.857  -5.834  1.00 29.14  ?  184 ASN A CB  1 
ATOM   891  C CG  . ASN A 1 128 ? -6.741  -2.508  -5.133  1.00 30.86  ?  184 ASN A CG  1 
ATOM   892  O OD1 . ASN A 1 128 ? -5.814  -2.000  -5.765  1.00 26.66  ?  184 ASN A OD1 1 
ATOM   893  N ND2 . ASN A 1 128 ? -6.678  -2.773  -3.837  1.00 29.82  ?  184 ASN A ND2 1 
ATOM   894  N N   . LYS A 1 129 ? -10.485 -2.506  -7.893  1.00 31.80  ?  185 LYS A N   1 
ATOM   895  C CA  . LYS A 1 129 ? -11.598 -3.195  -8.574  1.00 34.49  ?  185 LYS A CA  1 
ATOM   896  C C   . LYS A 1 129 ? -11.720 -2.703  -10.022 1.00 37.73  ?  185 LYS A C   1 
ATOM   897  O O   . LYS A 1 129 ? -12.060 -3.532  -10.845 1.00 42.19  ?  185 LYS A O   1 
ATOM   898  C CB  . LYS A 1 129 ? -12.866 -2.982  -7.758  1.00 33.78  ?  185 LYS A CB  1 
ATOM   899  C CG  . LYS A 1 129 ? -12.855 -3.703  -6.424  1.00 36.52  ?  185 LYS A CG  1 
ATOM   900  C CD  . LYS A 1 129 ? -12.738 -5.212  -6.528  1.00 39.64  ?  185 LYS A CD  1 
ATOM   901  C CE  . LYS A 1 129 ? -12.873 -5.832  -5.157  1.00 41.92  ?  185 LYS A CE  1 
ATOM   902  N NZ  . LYS A 1 129 ? -12.701 -7.302  -5.169  1.00 44.01  ?  185 LYS A NZ  1 
ATOM   903  N N   . LYS A 1 130 ? -11.454 -1.423  -10.304 1.00 38.79  ?  186 LYS A N   1 
ATOM   904  C CA  . LYS A 1 130 ? -11.839 -0.762  -11.582 1.00 45.94  ?  186 LYS A CA  1 
ATOM   905  C C   . LYS A 1 130 ? -10.914 -1.231  -12.706 1.00 49.69  ?  186 LYS A C   1 
ATOM   906  O O   . LYS A 1 130 ? -9.803  -1.708  -12.417 1.00 48.47  ?  186 LYS A O   1 
ATOM   907  C CB  . LYS A 1 130 ? -11.835 0.767   -11.469 1.00 44.66  ?  186 LYS A CB  1 
ATOM   908  C CG  . LYS A 1 130 ? -10.469 1.417   -11.604 1.00 53.64  ?  186 LYS A CG  1 
ATOM   909  C CD  . LYS A 1 130 ? -10.497 2.932   -11.570 1.00 61.61  ?  186 LYS A CD  1 
ATOM   910  C CE  . LYS A 1 130 ? -9.344  3.570   -12.320 1.00 69.30  ?  186 LYS A CE  1 
ATOM   911  N NZ  . LYS A 1 130 ? -9.615  3.664   -13.776 1.00 68.59  ?  186 LYS A NZ  1 
ATOM   912  N N   . ARG A 1 131 ? -11.404 -1.129  -13.940 1.00 57.83  ?  187 ARG A N   1 
ATOM   913  C CA  . ARG A 1 131 ? -10.645 -1.404  -15.186 1.00 62.83  ?  187 ARG A CA  1 
ATOM   914  C C   . ARG A 1 131 ? -9.961  -0.113  -15.623 1.00 59.53  ?  187 ARG A C   1 
ATOM   915  O O   . ARG A 1 131 ? -10.569 0.950   -15.435 1.00 55.39  ?  187 ARG A O   1 
ATOM   916  C CB  . ARG A 1 131 ? -11.580 -1.910  -16.287 1.00 69.57  ?  187 ARG A CB  1 
ATOM   917  C CG  . ARG A 1 131 ? -11.708 -3.422  -16.340 1.00 78.18  ?  187 ARG A CG  1 
ATOM   918  C CD  . ARG A 1 131 ? -12.888 -3.979  -15.570 1.00 87.94  ?  187 ARG A CD  1 
ATOM   919  N NE  . ARG A 1 131 ? -12.605 -5.331  -15.094 1.00 106.94 ?  187 ARG A NE  1 
ATOM   920  C CZ  . ARG A 1 131 ? -12.357 -6.390  -15.874 1.00 115.12 ?  187 ARG A CZ  1 
ATOM   921  N NH1 . ARG A 1 131 ? -12.116 -7.571  -15.329 1.00 112.08 ?  187 ARG A NH1 1 
ATOM   922  N NH2 . ARG A 1 131 ? -12.369 -6.276  -17.194 1.00 115.64 ?  187 ARG A NH2 1 
ATOM   923  N N   . LYS A 1 132 ? -8.749  -0.218  -16.176 1.00 72.91  ?  188 LYS A N   1 
ATOM   924  C CA  . LYS A 1 132 ? -7.967  0.933   -16.707 1.00 80.09  ?  188 LYS A CA  1 
ATOM   925  C C   . LYS A 1 132 ? -8.784  1.616   -17.809 1.00 79.11  ?  188 LYS A C   1 
ATOM   926  O O   . LYS A 1 132 ? -9.155  0.919   -18.779 1.00 71.29  ?  188 LYS A O   1 
ATOM   927  C CB  . LYS A 1 132 ? -6.589  0.476   -17.203 1.00 84.18  ?  188 LYS A CB  1 
ATOM   928  C CG  . LYS A 1 132 ? -5.489  0.477   -16.143 1.00 85.37  ?  188 LYS A CG  1 
ATOM   929  C CD  . LYS A 1 132 ? -5.121  1.864   -15.624 1.00 85.75  ?  188 LYS A CD  1 
ATOM   930  C CE  . LYS A 1 132 ? -4.355  2.718   -16.617 1.00 84.10  ?  188 LYS A CE  1 
ATOM   931  N NZ  . LYS A 1 132 ? -2.889  2.544   -16.480 1.00 81.13  ?  188 LYS A NZ  1 
ATOM   932  N N   . GLY A 1 133 ? -9.097  2.907   -17.627 1.00 78.62  ?  189 GLY A N   1 
ATOM   933  C CA  . GLY A 1 133 ? -9.905  3.716   -18.565 1.00 80.37  ?  189 GLY A CA  1 
ATOM   934  C C   . GLY A 1 133 ? -11.348 3.233   -18.695 1.00 80.56  ?  189 GLY A C   1 
ATOM   935  O O   . GLY A 1 133 ? -11.970 3.539   -19.733 1.00 76.77  ?  189 GLY A O   1 
ATOM   936  N N   . GLY A 1 134 ? -11.851 2.475   -17.708 1.00 79.44  ?  190 GLY A N   1 
ATOM   937  C CA  . GLY A 1 134 ? -13.288 2.217   -17.483 1.00 78.29  ?  190 GLY A CA  1 
ATOM   938  C C   . GLY A 1 134 ? -13.796 0.906   -18.073 1.00 74.45  ?  190 GLY A C   1 
ATOM   939  O O   . GLY A 1 134 ? -14.918 0.489   -17.685 1.00 63.06  ?  190 GLY A O   1 
ATOM   940  N N   . ILE A 1 135 ? -13.040 0.269   -18.979 1.00 79.43  ?  191 ILE A N   1 
ATOM   941  C CA  . ILE A 1 135 ? -13.582 -0.824  -19.850 1.00 74.72  ?  191 ILE A CA  1 
ATOM   942  C C   . ILE A 1 135 ? -12.477 -1.805  -20.262 1.00 69.76  ?  191 ILE A C   1 
ATOM   943  O O   . ILE A 1 135 ? -11.415 -1.343  -20.728 1.00 74.17  ?  191 ILE A O   1 
ATOM   944  C CB  . ILE A 1 135 ? -14.291 -0.230  -21.089 1.00 76.43  ?  191 ILE A CB  1 
ATOM   945  C CG1 . ILE A 1 135 ? -14.677 -1.318  -22.094 1.00 72.75  ?  191 ILE A CG1 1 
ATOM   946  C CG2 . ILE A 1 135 ? -13.455 0.868   -21.745 1.00 77.29  ?  191 ILE A CG2 1 
ATOM   947  C CD1 . ILE A 1 135 ? -15.494 -0.803  -23.246 1.00 72.04  ?  191 ILE A CD1 1 
ATOM   948  N N   . GLY A 1 136 ? -12.753 -3.105  -20.114 1.00 65.98  ?  192 GLY A N   1 
ATOM   949  C CA  . GLY A 1 136 ? -12.022 -4.211  -20.764 1.00 66.68  ?  192 GLY A CA  1 
ATOM   950  C C   . GLY A 1 136 ? -10.727 -4.596  -20.049 1.00 65.52  ?  192 GLY A C   1 
ATOM   951  O O   . GLY A 1 136 ? -10.030 -3.700  -19.528 1.00 58.96  ?  192 GLY A O   1 
ATOM   952  N N   . GLY A 1 137 ? -10.383 -5.889  -20.073 1.00 62.36  ?  193 GLY A N   1 
ATOM   953  C CA  . GLY A 1 137 ? -9.156  -6.413  -19.453 1.00 64.75  ?  193 GLY A CA  1 
ATOM   954  C C   . GLY A 1 137 ? -9.166  -6.159  -17.959 1.00 67.68  ?  193 GLY A C   1 
ATOM   955  O O   . GLY A 1 137 ? -10.191 -5.721  -17.446 1.00 73.43  ?  193 GLY A O   1 
ATOM   956  N N   . TYR A 1 138 ? -8.046  -6.381  -17.282 1.00 62.29  ?  194 TYR A N   1 
ATOM   957  C CA  . TYR A 1 138 ? -8.034  -6.728  -15.843 1.00 59.00  ?  194 TYR A CA  1 
ATOM   958  C C   . TYR A 1 138 ? -7.901  -5.472  -14.976 1.00 46.31  ?  194 TYR A C   1 
ATOM   959  O O   . TYR A 1 138 ? -7.268  -4.475  -15.318 1.00 43.52  ?  194 TYR A O   1 
ATOM   960  C CB  . TYR A 1 138 ? -6.969  -7.794  -15.597 1.00 68.24  ?  194 TYR A CB  1 
ATOM   961  C CG  . TYR A 1 138 ? -7.372  -9.180  -16.033 1.00 81.28  ?  194 TYR A CG  1 
ATOM   962  C CD1 . TYR A 1 138 ? -8.202  -9.388  -17.128 1.00 87.44  ?  194 TYR A CD1 1 
ATOM   963  C CD2 . TYR A 1 138 ? -6.895  -10.296 -15.359 1.00 94.38  ?  194 TYR A CD2 1 
ATOM   964  C CE1 . TYR A 1 138 ? -8.567  -10.665 -17.525 1.00 98.13  ?  194 TYR A CE1 1 
ATOM   965  C CE2 . TYR A 1 138 ? -7.249  -11.581 -15.744 1.00 96.85  ?  194 TYR A CE2 1 
ATOM   966  C CZ  . TYR A 1 138 ? -8.091  -11.765 -16.830 1.00 104.16 ?  194 TYR A CZ  1 
ATOM   967  O OH  . TYR A 1 138 ? -8.448  -13.023 -17.224 1.00 113.00 ?  194 TYR A OH  1 
ATOM   968  N N   . SER A 1 139 ? -8.527  -5.526  -13.814 1.00 46.42  ?  195 SER A N   1 
ATOM   969  C CA  . SER A 1 139 ? -8.310  -4.541  -12.727 1.00 40.87  ?  195 SER A CA  1 
ATOM   970  C C   . SER A 1 139 ? -6.980  -4.856  -12.043 1.00 37.96  ?  195 SER A C   1 
ATOM   971  O O   . SER A 1 139 ? -6.496  -5.999  -12.221 1.00 35.01  ?  195 SER A O   1 
ATOM   972  C CB  . SER A 1 139 ? -9.420  -4.630  -11.750 1.00 39.22  ?  195 SER A CB  1 
ATOM   973  O OG  . SER A 1 139 ? -9.298  -5.834  -11.035 1.00 38.60  ?  195 SER A OG  1 
ATOM   974  N N   . ALA A 1 140 ? -6.481  -3.932  -11.207 1.00 38.59  ?  196 ALA A N   1 
ATOM   975  C CA  . ALA A 1 140 ? -5.275  -4.130  -10.365 1.00 34.42  ?  196 ALA A CA  1 
ATOM   976  C C   . ALA A 1 140 ? -5.444  -5.377  -9.485  1.00 34.63  ?  196 ALA A C   1 
ATOM   977  O O   . ALA A 1 140 ? -4.483  -6.174  -9.395  1.00 35.47  ?  196 ALA A O   1 
ATOM   978  C CB  . ALA A 1 140 ? -4.995  -2.888  -9.560  1.00 35.32  ?  196 ALA A CB  1 
ATOM   979  N N   . GLY A 1 141 ? -6.625  -5.588  -8.889  1.00 32.22  ?  197 GLY A N   1 
ATOM   980  C CA  . GLY A 1 141 ? -6.891  -6.744  -8.008  1.00 32.61  ?  197 GLY A CA  1 
ATOM   981  C C   . GLY A 1 141 ? -6.840  -8.072  -8.746  1.00 37.19  ?  197 GLY A C   1 
ATOM   982  O O   . GLY A 1 141 ? -6.402  -9.072  -8.164  1.00 37.23  ?  197 GLY A O   1 
ATOM   983  N N   . GLU A 1 142 ? -7.297  -8.111  -9.997  1.00 47.99  ?  198 GLU A N   1 
ATOM   984  C CA  . GLU A 1 142 ? -7.232  -9.341  -10.834 1.00 49.03  ?  198 GLU A CA  1 
ATOM   985  C C   . GLU A 1 142 ? -5.777  -9.569  -11.256 1.00 44.76  ?  198 GLU A C   1 
ATOM   986  O O   . GLU A 1 142 ? -5.313  -10.718 -11.170 1.00 45.78  ?  198 GLU A O   1 
ATOM   987  C CB  . GLU A 1 142 ? -8.189  -9.218  -12.019 1.00 51.90  ?  198 GLU A CB  1 
ATOM   988  C CG  . GLU A 1 142 ? -9.633  -9.097  -11.568 1.00 56.69  ?  198 GLU A CG  1 
ATOM   989  C CD  . GLU A 1 142 ? -10.651 -8.749  -12.636 1.00 56.73  ?  198 GLU A CD  1 
ATOM   990  O OE1 . GLU A 1 142 ? -11.776 -9.292  -12.554 1.00 57.94  ?  198 GLU A OE1 1 
ATOM   991  O OE2 . GLU A 1 142 ? -10.327 -7.931  -13.528 1.00 54.97  ?  198 GLU A OE2 1 
ATOM   992  N N   . ARG A 1 143 ? -5.082  -8.514  -11.683 1.00 42.99  ?  199 ARG A N   1 
ATOM   993  C CA  . ARG A 1 143 ? -3.668  -8.615  -12.136 1.00 43.05  ?  199 ARG A CA  1 
ATOM   994  C C   . ARG A 1 143 ? -2.810  -9.263  -11.038 1.00 42.23  ?  199 ARG A C   1 
ATOM   995  O O   . ARG A 1 143 ? -2.031  -10.166 -11.382 1.00 37.79  ?  199 ARG A O   1 
ATOM   996  C CB  . ARG A 1 143 ? -3.130  -7.249  -12.567 1.00 43.12  ?  199 ARG A CB  1 
ATOM   997  C CG  . ARG A 1 143 ? -3.536  -6.866  -13.986 1.00 52.48  ?  199 ARG A CG  1 
ATOM   998  C CD  . ARG A 1 143 ? -3.551  -5.371  -14.255 1.00 50.77  ?  199 ARG A CD  1 
ATOM   999  N NE  . ARG A 1 143 ? -2.213  -4.895  -14.574 1.00 54.38  ?  199 ARG A NE  1 
ATOM   1000 C CZ  . ARG A 1 143 ? -1.817  -3.636  -14.503 1.00 51.42  ?  199 ARG A CZ  1 
ATOM   1001 N NH1 . ARG A 1 143 ? -2.668  -2.695  -14.123 1.00 55.06  ?  199 ARG A NH1 1 
ATOM   1002 N NH2 . ARG A 1 143 ? -0.571  -3.325  -14.819 1.00 52.49  ?  199 ARG A NH2 1 
ATOM   1003 N N   . ILE A 1 144 ? -2.924  -8.846  -9.769  1.00 39.59  ?  200 ILE A N   1 
ATOM   1004 C CA  . ILE A 1 144 ? -2.004  -9.352  -8.699  1.00 38.36  ?  200 ILE A CA  1 
ATOM   1005 C C   . ILE A 1 144 ? -2.259  -10.853 -8.511  1.00 38.65  ?  200 ILE A C   1 
ATOM   1006 O O   . ILE A 1 144 ? -1.282  -11.616 -8.369  1.00 35.67  ?  200 ILE A O   1 
ATOM   1007 C CB  . ILE A 1 144 ? -2.090  -8.571  -7.360  1.00 36.52  ?  200 ILE A CB  1 
ATOM   1008 C CG1 . ILE A 1 144 ? -1.073  -9.136  -6.361  1.00 34.20  ?  200 ILE A CG1 1 
ATOM   1009 C CG2 . ILE A 1 144 ? -3.502  -8.559  -6.777  1.00 36.85  ?  200 ILE A CG2 1 
ATOM   1010 C CD1 . ILE A 1 144 ? -0.936  -8.354  -5.063  1.00 34.63  ?  200 ILE A CD1 1 
ATOM   1011 N N   . VAL A 1 145 ? -3.520  -11.266 -8.479  1.00 41.29  ?  201 VAL A N   1 
ATOM   1012 C CA  . VAL A 1 145 ? -3.908  -12.704 -8.377  1.00 50.39  ?  201 VAL A CA  1 
ATOM   1013 C C   . VAL A 1 145 ? -3.361  -13.448 -9.607  1.00 49.69  ?  201 VAL A C   1 
ATOM   1014 O O   . VAL A 1 145 ? -2.742  -14.505 -9.433  1.00 48.45  ?  201 VAL A O   1 
ATOM   1015 C CB  . VAL A 1 145 ? -5.434  -12.853 -8.250  1.00 53.17  ?  201 VAL A CB  1 
ATOM   1016 C CG1 . VAL A 1 145 ? -5.896  -14.289 -8.485  1.00 53.65  ?  201 VAL A CG1 1 
ATOM   1017 C CG2 . VAL A 1 145 ? -5.927  -12.332 -6.905  1.00 56.08  ?  201 VAL A CG2 1 
ATOM   1018 N N   . ASP A 1 146 ? -3.584  -12.895 -10.799 1.00 52.80  ?  202 ASP A N   1 
ATOM   1019 C CA  . ASP A 1 146 ? -3.134  -13.471 -12.094 1.00 51.95  ?  202 ASP A CA  1 
ATOM   1020 C C   . ASP A 1 146 ? -1.609  -13.656 -12.054 1.00 50.46  ?  202 ASP A C   1 
ATOM   1021 O O   . ASP A 1 146 ? -1.152  -14.792 -12.277 1.00 49.74  ?  202 ASP A O   1 
ATOM   1022 C CB  . ASP A 1 146 ? -3.627  -12.615 -13.259 1.00 54.26  ?  202 ASP A CB  1 
ATOM   1023 C CG  . ASP A 1 146 ? -3.586  -13.348 -14.586 1.00 62.25  ?  202 ASP A CG  1 
ATOM   1024 O OD1 . ASP A 1 146 ? -4.465  -14.213 -14.791 1.00 66.18  ?  202 ASP A OD1 1 
ATOM   1025 O OD2 . ASP A 1 146 ? -2.660  -13.056 -15.393 1.00 58.04  ?  202 ASP A OD2 1 
ATOM   1026 N N   . ILE A 1 147 ? -0.852  -12.617 -11.684 1.00 48.08  ?  203 ILE A N   1 
ATOM   1027 C CA  . ILE A 1 147 ? 0.639   -12.683 -11.554 1.00 50.31  ?  203 ILE A CA  1 
ATOM   1028 C C   . ILE A 1 147 ? 1.051   -13.759 -10.528 1.00 49.70  ?  203 ILE A C   1 
ATOM   1029 O O   . ILE A 1 147 ? 1.955   -14.552 -10.855 1.00 56.46  ?  203 ILE A O   1 
ATOM   1030 C CB  . ILE A 1 147 ? 1.232   -11.289 -11.252 1.00 51.66  ?  203 ILE A CB  1 
ATOM   1031 C CG1 . ILE A 1 147 ? 1.152   -10.386 -12.487 1.00 49.47  ?  203 ILE A CG1 1 
ATOM   1032 C CG2 . ILE A 1 147 ? 2.659   -11.394 -10.725 1.00 53.83  ?  203 ILE A CG2 1 
ATOM   1033 C CD1 . ILE A 1 147 ? 1.372   -8.919  -12.205 1.00 51.08  ?  203 ILE A CD1 1 
ATOM   1034 N N   . ILE A 1 148 ? 0.415   -13.821 -9.352  1.00 53.57  ?  204 ILE A N   1 
ATOM   1035 C CA  . ILE A 1 148 ? 0.776   -14.764 -8.242  1.00 49.49  ?  204 ILE A CA  1 
ATOM   1036 C C   . ILE A 1 148 ? 0.351   -16.192 -8.606  1.00 54.78  ?  204 ILE A C   1 
ATOM   1037 O O   . ILE A 1 148 ? 1.022   -17.134 -8.118  1.00 51.95  ?  204 ILE A O   1 
ATOM   1038 C CB  . ILE A 1 148 ? 0.135   -14.366 -6.898  1.00 48.14  ?  204 ILE A CB  1 
ATOM   1039 C CG1 . ILE A 1 148 ? 0.533   -12.961 -6.446  1.00 50.76  ?  204 ILE A CG1 1 
ATOM   1040 C CG2 . ILE A 1 148 ? 0.454   -15.395 -5.814  1.00 44.33  ?  204 ILE A CG2 1 
ATOM   1041 C CD1 . ILE A 1 148 ? -0.417  -12.396 -5.427  1.00 51.65  ?  204 ILE A CD1 1 
ATOM   1042 N N   . ALA A 1 149 ? -0.767  -16.357 -9.328  1.00 52.63  ?  205 ALA A N   1 
ATOM   1043 C CA  . ALA A 1 149 ? -1.241  -17.672 -9.826  1.00 62.09  ?  205 ALA A CA  1 
ATOM   1044 C C   . ALA A 1 149 ? -0.141  -18.307 -10.696 1.00 68.78  ?  205 ALA A C   1 
ATOM   1045 O O   . ALA A 1 149 ? 0.078   -19.531 -10.587 1.00 69.32  ?  205 ALA A O   1 
ATOM   1046 C CB  . ALA A 1 149 ? -2.535  -17.511 -10.584 1.00 63.35  ?  205 ALA A CB  1 
ATOM   1047 N N   . THR A 1 150 ? 0.544   -17.478 -11.496 1.00 73.89  ?  206 THR A N   1 
ATOM   1048 C CA  . THR A 1 150 ? 1.678   -17.837 -12.388 1.00 72.07  ?  206 THR A CA  1 
ATOM   1049 C C   . THR A 1 150 ? 3.013   -17.719 -11.634 1.00 75.54  ?  206 THR A C   1 
ATOM   1050 O O   . THR A 1 150 ? 3.259   -18.264 -10.550 1.00 85.12  ?  206 THR A O   1 
ATOM   1051 C CB  . THR A 1 150 ? 1.666   -16.920 -13.618 1.00 75.85  ?  206 THR A CB  1 
ATOM   1052 O OG1 . THR A 1 150 ? 0.342   -16.895 -14.154 1.00 59.53  ?  206 THR A OG1 1 
ATOM   1053 C CG2 . THR A 1 150 ? 2.656   -17.348 -14.678 1.00 81.34  ?  206 THR A CG2 1 
HETATM 1054 S S   . SO4 B 2 .   ? 11.079  1.781   16.764  1.00 73.23  ?  301 SO4 A S   1 
HETATM 1055 O O1  . SO4 B 2 .   ? 12.478  2.133   16.566  1.00 64.66  ?  301 SO4 A O1  1 
HETATM 1056 O O2  . SO4 B 2 .   ? 10.934  0.363   16.627  1.00 65.58  ?  301 SO4 A O2  1 
HETATM 1057 O O3  . SO4 B 2 .   ? 10.251  2.447   15.801  1.00 63.58  ?  301 SO4 A O3  1 
HETATM 1058 O O4  . SO4 B 2 .   ? 10.655  2.175   18.084  1.00 79.15  ?  301 SO4 A O4  1 
HETATM 1059 S S   . SO4 C 2 .   ? 2.651   14.364  0.234   1.00 85.46  ?  302 SO4 A S   1 
HETATM 1060 O O1  . SO4 C 2 .   ? 3.291   15.624  -0.050  1.00 94.69  ?  302 SO4 A O1  1 
HETATM 1061 O O2  . SO4 C 2 .   ? 3.315   13.732  1.352   1.00 91.74  ?  302 SO4 A O2  1 
HETATM 1062 O O3  . SO4 C 2 .   ? 1.265   14.586  0.566   1.00 77.86  ?  302 SO4 A O3  1 
HETATM 1063 O O4  . SO4 C 2 .   ? 2.744   13.517  -0.933  1.00 85.93  ?  302 SO4 A O4  1 
HETATM 1064 I I   . IOD D 3 .   ? -1.835  17.210  5.579   0.60 50.23  ?  303 IOD A I   1 
HETATM 1065 I I   . IOD E 3 .   ? 10.727  -1.630  4.637   0.38 38.95  ?  304 IOD A I   1 
HETATM 1066 I I   . IOD F 3 .   ? -9.514  8.538   10.453  0.51 65.05  ?  305 IOD A I   1 
HETATM 1067 I I   . IOD G 3 .   ? 10.796  -0.984  -8.037  0.57 76.00  ?  306 IOD A I   1 
HETATM 1068 I I   . IOD H 3 .   ? 10.903  3.875   -4.075  0.30 65.48  ?  307 IOD A I   1 
HETATM 1069 C C10 . XFS I 4 .   ? 1.190   -1.652  16.594  1.00 56.72  ?  308 XFS A C10 1 
HETATM 1070 C C13 . XFS I 4 .   ? -1.011  0.332   17.153  1.00 68.42  ?  308 XFS A C13 1 
HETATM 1071 C C15 . XFS I 4 .   ? -0.387  0.535   19.650  1.00 75.30  ?  308 XFS A C15 1 
HETATM 1072 C C20 . XFS I 4 .   ? 5.667   -4.811  17.880  1.00 40.15  ?  308 XFS A C20 1 
HETATM 1073 C C21 . XFS I 4 .   ? 5.286   -5.965  19.011  1.00 38.59  ?  308 XFS A C21 1 
HETATM 1074 C C24 . XFS I 4 .   ? 5.805   -6.115  15.578  1.00 31.97  ?  308 XFS A C24 1 
HETATM 1075 C C01 . XFS I 4 .   ? 8.334   -8.842  14.681  1.00 35.17  ?  308 XFS A C01 1 
HETATM 1076 C C02 . XFS I 4 .   ? 7.220   -7.898  14.543  1.00 32.63  ?  308 XFS A C02 1 
HETATM 1077 C C03 . XFS I 4 .   ? 6.423   -7.791  13.405  1.00 33.50  ?  308 XFS A C03 1 
HETATM 1078 C C04 . XFS I 4 .   ? 5.363   -6.912  13.338  1.00 31.85  ?  308 XFS A C04 1 
HETATM 1079 C C05 . XFS I 4 .   ? 5.053   -6.063  14.377  1.00 34.48  ?  308 XFS A C05 1 
HETATM 1080 O O06 . XFS I 4 .   ? 4.042   -5.124  14.473  1.00 36.14  ?  308 XFS A O06 1 
HETATM 1081 C C07 . XFS I 4 .   ? 4.138   -4.531  15.818  1.00 35.96  ?  308 XFS A C07 1 
HETATM 1082 C C08 . XFS I 4 .   ? 3.180   -3.472  16.178  1.00 42.92  ?  308 XFS A C08 1 
HETATM 1083 C C09 . XFS I 4 .   ? 2.311   -2.633  16.396  1.00 45.29  ?  308 XFS A C09 1 
HETATM 1084 C C11 . XFS I 4 .   ? 0.188   -1.116  15.628  1.00 61.72  ?  308 XFS A C11 1 
HETATM 1085 C C12 . XFS I 4 .   ? -0.803  -0.217  15.897  1.00 66.94  ?  308 XFS A C12 1 
HETATM 1086 C C14 . XFS I 4 .   ? -0.143  -0.077  18.167  1.00 66.14  ?  308 XFS A C14 1 
HETATM 1087 O O16 . XFS I 4 .   ? 0.221   -0.033  20.603  1.00 80.17  -1 308 XFS A O16 1 
HETATM 1088 O O17 . XFS I 4 .   ? -1.163  1.494   19.806  1.00 73.41  ?  308 XFS A O17 1 
HETATM 1089 C C18 . XFS I 4 .   ? 0.872   -1.037  17.834  1.00 61.09  ?  308 XFS A C18 1 
HETATM 1090 C C19 . XFS I 4 .   ? 5.185   -5.104  16.468  1.00 35.20  ?  308 XFS A C19 1 
HETATM 1091 O O22 . XFS I 4 .   ? 6.190   -6.460  19.649  1.00 47.15  -1 308 XFS A O22 1 
HETATM 1092 O O23 . XFS I 4 .   ? 4.100   -6.205  19.034  1.00 35.27  ?  308 XFS A O23 1 
HETATM 1093 C C25 . XFS I 4 .   ? 6.839   -7.032  15.571  1.00 33.46  ?  308 XFS A C25 1 
HETATM 1094 O O   . HOH J 5 .   ? -7.396  -1.221  -11.029 1.00 34.24  ?  401 HOH A O   1 
HETATM 1095 O O   . HOH J 5 .   ? 9.175   5.382   -0.372  1.00 39.64  ?  402 HOH A O   1 
HETATM 1096 O O   . HOH J 5 .   ? 12.152  0.032   2.112   1.00 73.51  ?  403 HOH A O   1 
HETATM 1097 O O   . HOH J 5 .   ? 9.106   3.770   9.839   1.00 36.55  ?  404 HOH A O   1 
HETATM 1098 O O   . HOH J 5 .   ? 12.950  -11.651 0.564   1.00 39.89  ?  405 HOH A O   1 
HETATM 1099 O O   . HOH J 5 .   ? -10.499 -1.133  0.856   1.00 34.24  ?  406 HOH A O   1 
HETATM 1100 O O   . HOH J 5 .   ? 16.508  -1.611  6.935   1.00 47.75  ?  407 HOH A O   1 
HETATM 1101 O O   . HOH J 5 .   ? -2.211  -11.043 7.030   1.00 41.93  ?  408 HOH A O   1 
HETATM 1102 O O   . HOH J 5 .   ? -6.146  -1.260  1.967   1.00 32.05  ?  409 HOH A O   1 
HETATM 1103 O O   . HOH J 5 .   ? -1.244  -15.720 2.246   1.00 45.87  ?  410 HOH A O   1 
HETATM 1104 O O   . HOH J 5 .   ? -6.551  -8.265  8.211   1.00 59.45  ?  411 HOH A O   1 
HETATM 1105 O O   . HOH J 5 .   ? 19.360  -0.505  -0.048  1.00 44.90  ?  412 HOH A O   1 
HETATM 1106 O O   . HOH J 5 .   ? -2.639  -1.816  9.444   1.00 45.75  ?  413 HOH A O   1 
HETATM 1107 O O   . HOH J 5 .   ? 6.499   3.940   6.721   1.00 49.70  ?  414 HOH A O   1 
HETATM 1108 O O   . HOH J 5 .   ? -6.481  -3.295  -0.191  1.00 36.18  ?  415 HOH A O   1 
HETATM 1109 O O   . HOH J 5 .   ? -11.899 11.418  10.781  1.00 44.10  ?  416 HOH A O   1 
HETATM 1110 O O   . HOH J 5 .   ? -6.491  7.606   12.093  1.00 45.80  ?  417 HOH A O   1 
# 
loop_
_pdbx_poly_seq_scheme.asym_id 
_pdbx_poly_seq_scheme.entity_id 
_pdbx_poly_seq_scheme.seq_id 
_pdbx_poly_seq_scheme.mon_id 
_pdbx_poly_seq_scheme.ndb_seq_num 
_pdbx_poly_seq_scheme.pdb_seq_num 
_pdbx_poly_seq_scheme.auth_seq_num 
_pdbx_poly_seq_scheme.pdb_mon_id 
_pdbx_poly_seq_scheme.auth_mon_id 
_pdbx_poly_seq_scheme.pdb_strand_id 
_pdbx_poly_seq_scheme.pdb_ins_code 
_pdbx_poly_seq_scheme.hetero 
A 1 1   SER 1   57  57  SER SER A . n 
A 1 2   PRO 2   58  58  PRO PRO A . n 
A 1 3   GLY 3   59  59  GLY GLY A . n 
A 1 4   ILE 4   60  60  ILE ILE A . n 
A 1 5   TRP 5   61  61  TRP TRP A . n 
A 1 6   GLN 6   62  62  GLN GLN A . n 
A 1 7   LEU 7   63  63  LEU LEU A . n 
A 1 8   ASP 8   64  64  ASP ASP A . n 
A 1 9   CYS 9   65  65  CYS CYS A . n 
A 1 10  THR 10  66  66  THR THR A . n 
A 1 11  HIS 11  67  67  HIS HIS A . n 
A 1 12  LEU 12  68  68  LEU LEU A . n 
A 1 13  GLU 13  69  69  GLU GLU A . n 
A 1 14  GLY 14  70  70  GLY GLY A . n 
A 1 15  LYS 15  71  71  LYS LYS A . n 
A 1 16  VAL 16  72  72  VAL VAL A . n 
A 1 17  ILE 17  73  73  ILE ILE A . n 
A 1 18  LEU 18  74  74  LEU LEU A . n 
A 1 19  VAL 19  75  75  VAL VAL A . n 
A 1 20  ALA 20  76  76  ALA ALA A . n 
A 1 21  VAL 21  77  77  VAL VAL A . n 
A 1 22  HIS 22  78  78  HIS HIS A . n 
A 1 23  VAL 23  79  79  VAL VAL A . n 
A 1 24  ALA 24  80  80  ALA ALA A . n 
A 1 25  SER 25  81  81  SER SER A . n 
A 1 26  GLY 26  82  82  GLY GLY A . n 
A 1 27  TYR 27  83  83  TYR TYR A . n 
A 1 28  ILE 28  84  84  ILE ILE A . n 
A 1 29  GLU 29  85  85  GLU GLU A . n 
A 1 30  ALA 30  86  86  ALA ALA A . n 
A 1 31  GLU 31  87  87  GLU GLU A . n 
A 1 32  VAL 32  88  88  VAL VAL A . n 
A 1 33  ILE 33  89  89  ILE ILE A . n 
A 1 34  PRO 34  90  90  PRO PRO A . n 
A 1 35  ALA 35  91  91  ALA ALA A . n 
A 1 36  GLU 36  92  92  GLU GLU A . n 
A 1 37  THR 37  93  93  THR THR A . n 
A 1 38  GLY 38  94  94  GLY GLY A . n 
A 1 39  GLN 39  95  95  GLN GLN A . n 
A 1 40  GLU 40  96  96  GLU GLU A . n 
A 1 41  THR 41  97  97  THR THR A . n 
A 1 42  ALA 42  98  98  ALA ALA A . n 
A 1 43  TYR 43  99  99  TYR TYR A . n 
A 1 44  PHE 44  100 100 PHE PHE A . n 
A 1 45  LEU 45  101 101 LEU LEU A . n 
A 1 46  LEU 46  102 102 LEU LEU A . n 
A 1 47  LYS 47  103 103 LYS LYS A . n 
A 1 48  LEU 48  104 104 LEU LEU A . n 
A 1 49  ALA 49  105 105 ALA ALA A . n 
A 1 50  GLY 50  106 106 GLY GLY A . n 
A 1 51  ARG 51  107 107 ARG ARG A . n 
A 1 52  TRP 52  108 108 TRP TRP A . n 
A 1 53  PRO 53  109 109 PRO PRO A . n 
A 1 54  VAL 54  110 110 VAL VAL A . n 
A 1 55  LYS 55  111 111 LYS LYS A . n 
A 1 56  THR 56  112 112 THR THR A . n 
A 1 57  VAL 57  113 113 VAL VAL A . n 
A 1 58  HIS 58  114 114 HIS HIS A . n 
A 1 59  THR 59  115 115 THR THR A . n 
A 1 60  ASP 60  116 116 ASP ASP A . n 
A 1 61  ASN 61  117 117 ASN ASN A . n 
A 1 62  GLY 62  118 118 GLY GLY A . n 
A 1 63  SER 63  119 119 SER SER A . n 
A 1 64  ASN 64  120 120 ASN ASN A . n 
A 1 65  PHE 65  121 121 PHE PHE A . n 
A 1 66  THR 66  122 122 THR THR A . n 
A 1 67  SER 67  123 123 SER SER A . n 
A 1 68  THR 68  124 124 THR THR A . n 
A 1 69  THR 69  125 125 THR THR A . n 
A 1 70  VAL 70  126 126 VAL VAL A . n 
A 1 71  LYS 71  127 127 LYS LYS A . n 
A 1 72  ALA 72  128 128 ALA ALA A . n 
A 1 73  ALA 73  129 129 ALA ALA A . n 
A 1 74  CYS 74  130 130 CYS CYS A . n 
A 1 75  GLU 75  131 131 GLU GLU A . n 
A 1 76  TRP 76  132 132 TRP TRP A . n 
A 1 77  ALA 77  133 133 ALA ALA A . n 
A 1 78  GLY 78  134 134 GLY GLY A . n 
A 1 79  ILE 79  135 135 ILE ILE A . n 
A 1 80  LYS 80  136 136 LYS LYS A . n 
A 1 81  GLN 81  137 137 GLN GLN A . n 
A 1 82  GLU 82  138 138 GLU GLU A . n 
A 1 83  PHE 83  139 139 PHE PHE A . n 
A 1 84  GLY 84  140 140 GLY GLY A . n 
A 1 85  ILE 85  141 ?   ?   ?   A . n 
A 1 86  PRO 86  142 ?   ?   ?   A . n 
A 1 87  TYR 87  143 ?   ?   ?   A . n 
A 1 88  ASN 88  144 ?   ?   ?   A . n 
A 1 89  PRO 89  145 ?   ?   ?   A . n 
A 1 90  GLN 90  146 ?   ?   ?   A . n 
A 1 91  SER 91  147 ?   ?   ?   A . n 
A 1 92  GLN 92  148 ?   ?   ?   A . n 
A 1 93  GLY 93  149 ?   ?   ?   A . n 
A 1 94  VAL 94  150 ?   ?   ?   A . n 
A 1 95  ILE 95  151 ?   ?   ?   A . n 
A 1 96  GLU 96  152 ?   ?   ?   A . n 
A 1 97  SER 97  153 ?   ?   ?   A . n 
A 1 98  SER 98  154 154 SER SER A . n 
A 1 99  ASN 99  155 155 ASN ASN A . n 
A 1 100 LYS 100 156 156 LYS LYS A . n 
A 1 101 GLU 101 157 157 GLU GLU A . n 
A 1 102 LEU 102 158 158 LEU LEU A . n 
A 1 103 LYS 103 159 159 LYS LYS A . n 
A 1 104 LYS 104 160 160 LYS LYS A . n 
A 1 105 ILE 105 161 161 ILE ILE A . n 
A 1 106 ILE 106 162 162 ILE ILE A . n 
A 1 107 GLY 107 163 163 GLY GLY A . n 
A 1 108 GLN 108 164 164 GLN GLN A . n 
A 1 109 VAL 109 165 165 VAL VAL A . n 
A 1 110 ARG 110 166 166 ARG ARG A . n 
A 1 111 ASP 111 167 167 ASP ASP A . n 
A 1 112 GLN 112 168 168 GLN GLN A . n 
A 1 113 ALA 113 169 169 ALA ALA A . n 
A 1 114 GLU 114 170 170 GLU GLU A . n 
A 1 115 HIS 115 171 171 HIS HIS A . n 
A 1 116 LEU 116 172 172 LEU LEU A . n 
A 1 117 LYS 117 173 173 LYS LYS A . n 
A 1 118 THR 118 174 174 THR THR A . n 
A 1 119 ALA 119 175 175 ALA ALA A . n 
A 1 120 VAL 120 176 176 VAL VAL A . n 
A 1 121 GLN 121 177 177 GLN GLN A . n 
A 1 122 MET 122 178 178 MET MET A . n 
A 1 123 ALA 123 179 179 ALA ALA A . n 
A 1 124 VAL 124 180 180 VAL VAL A . n 
A 1 125 PHE 125 181 181 PHE PHE A . n 
A 1 126 ILE 126 182 182 ILE ILE A . n 
A 1 127 HIS 127 183 183 HIS HIS A . n 
A 1 128 ASN 128 184 184 ASN ASN A . n 
A 1 129 LYS 129 185 185 LYS LYS A . n 
A 1 130 LYS 130 186 186 LYS LYS A . n 
A 1 131 ARG 131 187 187 ARG ARG A . n 
A 1 132 LYS 132 188 188 LYS LYS A . n 
A 1 133 GLY 133 189 189 GLY GLY A . n 
A 1 134 GLY 134 190 190 GLY GLY A . n 
A 1 135 ILE 135 191 191 ILE ILE A . n 
A 1 136 GLY 136 192 192 GLY GLY A . n 
A 1 137 GLY 137 193 193 GLY GLY A . n 
A 1 138 TYR 138 194 194 TYR TYR A . n 
A 1 139 SER 139 195 195 SER SER A . n 
A 1 140 ALA 140 196 196 ALA ALA A . n 
A 1 141 GLY 141 197 197 GLY GLY A . n 
A 1 142 GLU 142 198 198 GLU GLU A . n 
A 1 143 ARG 143 199 199 ARG ARG A . n 
A 1 144 ILE 144 200 200 ILE ILE A . n 
A 1 145 VAL 145 201 201 VAL VAL A . n 
A 1 146 ASP 146 202 202 ASP ASP A . n 
A 1 147 ILE 147 203 203 ILE ILE A . n 
A 1 148 ILE 148 204 204 ILE ILE A . n 
A 1 149 ALA 149 205 205 ALA ALA A . n 
A 1 150 THR 150 206 206 THR THR A . n 
# 
loop_
_pdbx_nonpoly_scheme.asym_id 
_pdbx_nonpoly_scheme.entity_id 
_pdbx_nonpoly_scheme.mon_id 
_pdbx_nonpoly_scheme.ndb_seq_num 
_pdbx_nonpoly_scheme.pdb_seq_num 
_pdbx_nonpoly_scheme.auth_seq_num 
_pdbx_nonpoly_scheme.pdb_mon_id 
_pdbx_nonpoly_scheme.auth_mon_id 
_pdbx_nonpoly_scheme.pdb_strand_id 
_pdbx_nonpoly_scheme.pdb_ins_code 
B 2 SO4 1  301 1  SO4 SO4 A . 
C 2 SO4 1  302 2  SO4 SO4 A . 
D 3 IOD 1  303 1  IOD IOD A . 
E 3 IOD 1  304 2  IOD IOD A . 
F 3 IOD 1  305 3  IOD IOD A . 
G 3 IOD 1  306 4  IOD IOD A . 
H 3 IOD 1  307 5  IOD IOD A . 
I 4 XFS 1  308 1  XFS LIG A . 
J 5 HOH 1  401 11 HOH HOH A . 
J 5 HOH 2  402 57 HOH HOH A . 
J 5 HOH 3  403 63 HOH HOH A . 
J 5 HOH 4  404 10 HOH HOH A . 
J 5 HOH 5  405 62 HOH HOH A . 
J 5 HOH 6  406 19 HOH HOH A . 
J 5 HOH 7  407 29 HOH HOH A . 
J 5 HOH 8  408 18 HOH HOH A . 
J 5 HOH 9  409 4  HOH HOH A . 
J 5 HOH 10 410 41 HOH HOH A . 
J 5 HOH 11 411 61 HOH HOH A . 
J 5 HOH 12 412 30 HOH HOH A . 
J 5 HOH 13 413 5  HOH HOH A . 
J 5 HOH 14 414 56 HOH HOH A . 
J 5 HOH 15 415 60 HOH HOH A . 
J 5 HOH 16 416 31 HOH HOH A . 
J 5 HOH 17 417 24 HOH HOH A . 
# 
_pdbx_struct_assembly.id                   1 
_pdbx_struct_assembly.details              author_and_software_defined_assembly 
_pdbx_struct_assembly.method_details       PISA 
_pdbx_struct_assembly.oligomeric_details   dimeric 
_pdbx_struct_assembly.oligomeric_count     2 
# 
_pdbx_struct_assembly_gen.assembly_id       1 
_pdbx_struct_assembly_gen.oper_expression   1,2 
_pdbx_struct_assembly_gen.asym_id_list      A,B,C,D,E,F,G,H,I,J 
# 
loop_
_pdbx_struct_assembly_prop.biol_id 
_pdbx_struct_assembly_prop.type 
_pdbx_struct_assembly_prop.value 
_pdbx_struct_assembly_prop.details 
1 'ABSA (A^2)' 5180  ? 
1 MORE         -59   ? 
1 'SSA (A^2)'  12530 ? 
# 
loop_
_pdbx_struct_oper_list.id 
_pdbx_struct_oper_list.type 
_pdbx_struct_oper_list.name 
_pdbx_struct_oper_list.symmetry_operation 
_pdbx_struct_oper_list.matrix[1][1] 
_pdbx_struct_oper_list.matrix[1][2] 
_pdbx_struct_oper_list.matrix[1][3] 
_pdbx_struct_oper_list.vector[1] 
_pdbx_struct_oper_list.matrix[2][1] 
_pdbx_struct_oper_list.matrix[2][2] 
_pdbx_struct_oper_list.matrix[2][3] 
_pdbx_struct_oper_list.vector[2] 
_pdbx_struct_oper_list.matrix[3][1] 
_pdbx_struct_oper_list.matrix[3][2] 
_pdbx_struct_oper_list.matrix[3][3] 
_pdbx_struct_oper_list.vector[3] 
1 'identity operation'         1_555 x,y,z  1.0000000000  0.0000000000  0.0000000000  0.0000000000   0.0000000000  1.0000000000  0.0000000000 0.0000000000   0.0000000000  0.0000000000 1.0000000000 0.0000000000 
2 'crystal symmetry operation' 7_555 y,x,-z -0.9902947750 -0.0816252940 -0.1124880881 -11.1378442567 -0.0816252940 -0.3134946772 0.9460752606 -13.3879493152 -0.1124880881 0.9460752606 0.3037894522 8.7538158958 
# 
loop_
_pdbx_audit_revision_history.ordinal 
_pdbx_audit_revision_history.data_content_type 
_pdbx_audit_revision_history.major_revision 
_pdbx_audit_revision_history.minor_revision 
_pdbx_audit_revision_history.revision_date 
1 'Structure model' 1 0 2021-12-22 
2 'Structure model' 1 1 2023-10-18 
# 
_pdbx_audit_revision_details.ordinal             1 
_pdbx_audit_revision_details.revision_ordinal    1 
_pdbx_audit_revision_details.data_content_type   'Structure model' 
_pdbx_audit_revision_details.provider            repository 
_pdbx_audit_revision_details.type                'Initial release' 
_pdbx_audit_revision_details.description         ? 
_pdbx_audit_revision_details.details             ? 
# 
loop_
_pdbx_audit_revision_group.ordinal 
_pdbx_audit_revision_group.revision_ordinal 
_pdbx_audit_revision_group.data_content_type 
_pdbx_audit_revision_group.group 
1 2 'Structure model' 'Data collection'        
2 2 'Structure model' 'Refinement description' 
# 
loop_
_pdbx_audit_revision_category.ordinal 
_pdbx_audit_revision_category.revision_ordinal 
_pdbx_audit_revision_category.data_content_type 
_pdbx_audit_revision_category.category 
1 2 'Structure model' chem_comp_atom                
2 2 'Structure model' chem_comp_bond                
3 2 'Structure model' pdbx_initial_refinement_model 
# 
loop_
_software.citation_id 
_software.classification 
_software.compiler_name 
_software.compiler_version 
_software.contact_author 
_software.contact_author_email 
_software.date 
_software.description 
_software.dependencies 
_software.hardware 
_software.language 
_software.location 
_software.mods 
_software.name 
_software.os 
_software.os_version 
_software.type 
_software.version 
_software.pdbx_ordinal 
? refinement       ? ? ? ? ? ? ? ? ? ? ? REFMAC  ? ? ? 5.8.0267 1 
? 'data reduction' ? ? ? ? ? ? ? ? ? ? ? d*TREK  ? ? ? .        2 
? 'data scaling'   ? ? ? ? ? ? ? ? ? ? ? Aimless ? ? ? .        3 
? phasing          ? ? ? ? ? ? ? ? ? ? ? MOLREP  ? ? ? .        4 
# 
_pdbx_entry_details.entry_id                 7L23 
_pdbx_entry_details.has_ligand_of_interest   Y 
_pdbx_entry_details.compound_details         ? 
_pdbx_entry_details.source_details           ? 
_pdbx_entry_details.nonpolymer_details       ? 
_pdbx_entry_details.sequence_details         ? 
# 
loop_
_pdbx_validate_torsion.id 
_pdbx_validate_torsion.PDB_model_num 
_pdbx_validate_torsion.auth_comp_id 
_pdbx_validate_torsion.auth_asym_id 
_pdbx_validate_torsion.auth_seq_id 
_pdbx_validate_torsion.PDB_ins_code 
_pdbx_validate_torsion.label_alt_id 
_pdbx_validate_torsion.phi 
_pdbx_validate_torsion.psi 
1 1 GLU A 92  ? ? -74.44 44.67 
2 1 ASN A 155 ? ? -82.41 38.29 
# 
_pdbx_validate_peptide_omega.id               1 
_pdbx_validate_peptide_omega.PDB_model_num    1 
_pdbx_validate_peptide_omega.auth_comp_id_1   LYS 
_pdbx_validate_peptide_omega.auth_asym_id_1   A 
_pdbx_validate_peptide_omega.auth_seq_id_1    156 
_pdbx_validate_peptide_omega.PDB_ins_code_1   ? 
_pdbx_validate_peptide_omega.label_alt_id_1   ? 
_pdbx_validate_peptide_omega.auth_comp_id_2   GLU 
_pdbx_validate_peptide_omega.auth_asym_id_2   A 
_pdbx_validate_peptide_omega.auth_seq_id_2    157 
_pdbx_validate_peptide_omega.PDB_ins_code_2   ? 
_pdbx_validate_peptide_omega.label_alt_id_2   ? 
_pdbx_validate_peptide_omega.omega            149.69 
# 
loop_
_pdbx_unobs_or_zero_occ_residues.id 
_pdbx_unobs_or_zero_occ_residues.PDB_model_num 
_pdbx_unobs_or_zero_occ_residues.polymer_flag 
_pdbx_unobs_or_zero_occ_residues.occupancy_flag 
_pdbx_unobs_or_zero_occ_residues.auth_asym_id 
_pdbx_unobs_or_zero_occ_residues.auth_comp_id 
_pdbx_unobs_or_zero_occ_residues.auth_seq_id 
_pdbx_unobs_or_zero_occ_residues.PDB_ins_code 
_pdbx_unobs_or_zero_occ_residues.label_asym_id 
_pdbx_unobs_or_zero_occ_residues.label_comp_id 
_pdbx_unobs_or_zero_occ_residues.label_seq_id 
1  1 Y 1 A ILE 141 ? A ILE 85 
2  1 Y 1 A PRO 142 ? A PRO 86 
3  1 Y 1 A TYR 143 ? A TYR 87 
4  1 Y 1 A ASN 144 ? A ASN 88 
5  1 Y 1 A PRO 145 ? A PRO 89 
6  1 Y 1 A GLN 146 ? A GLN 90 
7  1 Y 1 A SER 147 ? A SER 91 
8  1 Y 1 A GLN 148 ? A GLN 92 
9  1 Y 1 A GLY 149 ? A GLY 93 
10 1 Y 1 A VAL 150 ? A VAL 94 
11 1 Y 1 A ILE 151 ? A ILE 95 
12 1 Y 1 A GLU 152 ? A GLU 96 
13 1 Y 1 A SER 153 ? A SER 97 
# 
loop_
_chem_comp_atom.comp_id 
_chem_comp_atom.atom_id 
_chem_comp_atom.type_symbol 
_chem_comp_atom.pdbx_aromatic_flag 
_chem_comp_atom.pdbx_stereo_config 
_chem_comp_atom.pdbx_ordinal 
ALA N    N N N 1   
ALA CA   C N S 2   
ALA C    C N N 3   
ALA O    O N N 4   
ALA CB   C N N 5   
ALA OXT  O N N 6   
ALA H    H N N 7   
ALA H2   H N N 8   
ALA HA   H N N 9   
ALA HB1  H N N 10  
ALA HB2  H N N 11  
ALA HB3  H N N 12  
ALA HXT  H N N 13  
ARG N    N N N 14  
ARG CA   C N S 15  
ARG C    C N N 16  
ARG O    O N N 17  
ARG CB   C N N 18  
ARG CG   C N N 19  
ARG CD   C N N 20  
ARG NE   N N N 21  
ARG CZ   C N N 22  
ARG NH1  N N N 23  
ARG NH2  N N N 24  
ARG OXT  O N N 25  
ARG H    H N N 26  
ARG H2   H N N 27  
ARG HA   H N N 28  
ARG HB2  H N N 29  
ARG HB3  H N N 30  
ARG HG2  H N N 31  
ARG HG3  H N N 32  
ARG HD2  H N N 33  
ARG HD3  H N N 34  
ARG HE   H N N 35  
ARG HH11 H N N 36  
ARG HH12 H N N 37  
ARG HH21 H N N 38  
ARG HH22 H N N 39  
ARG HXT  H N N 40  
ASN N    N N N 41  
ASN CA   C N S 42  
ASN C    C N N 43  
ASN O    O N N 44  
ASN CB   C N N 45  
ASN CG   C N N 46  
ASN OD1  O N N 47  
ASN ND2  N N N 48  
ASN OXT  O N N 49  
ASN H    H N N 50  
ASN H2   H N N 51  
ASN HA   H N N 52  
ASN HB2  H N N 53  
ASN HB3  H N N 54  
ASN HD21 H N N 55  
ASN HD22 H N N 56  
ASN HXT  H N N 57  
ASP N    N N N 58  
ASP CA   C N S 59  
ASP C    C N N 60  
ASP O    O N N 61  
ASP CB   C N N 62  
ASP CG   C N N 63  
ASP OD1  O N N 64  
ASP OD2  O N N 65  
ASP OXT  O N N 66  
ASP H    H N N 67  
ASP H2   H N N 68  
ASP HA   H N N 69  
ASP HB2  H N N 70  
ASP HB3  H N N 71  
ASP HD2  H N N 72  
ASP HXT  H N N 73  
CYS N    N N N 74  
CYS CA   C N R 75  
CYS C    C N N 76  
CYS O    O N N 77  
CYS CB   C N N 78  
CYS SG   S N N 79  
CYS OXT  O N N 80  
CYS H    H N N 81  
CYS H2   H N N 82  
CYS HA   H N N 83  
CYS HB2  H N N 84  
CYS HB3  H N N 85  
CYS HG   H N N 86  
CYS HXT  H N N 87  
GLN N    N N N 88  
GLN CA   C N S 89  
GLN C    C N N 90  
GLN O    O N N 91  
GLN CB   C N N 92  
GLN CG   C N N 93  
GLN CD   C N N 94  
GLN OE1  O N N 95  
GLN NE2  N N N 96  
GLN OXT  O N N 97  
GLN H    H N N 98  
GLN H2   H N N 99  
GLN HA   H N N 100 
GLN HB2  H N N 101 
GLN HB3  H N N 102 
GLN HG2  H N N 103 
GLN HG3  H N N 104 
GLN HE21 H N N 105 
GLN HE22 H N N 106 
GLN HXT  H N N 107 
GLU N    N N N 108 
GLU CA   C N S 109 
GLU C    C N N 110 
GLU O    O N N 111 
GLU CB   C N N 112 
GLU CG   C N N 113 
GLU CD   C N N 114 
GLU OE1  O N N 115 
GLU OE2  O N N 116 
GLU OXT  O N N 117 
GLU H    H N N 118 
GLU H2   H N N 119 
GLU HA   H N N 120 
GLU HB2  H N N 121 
GLU HB3  H N N 122 
GLU HG2  H N N 123 
GLU HG3  H N N 124 
GLU HE2  H N N 125 
GLU HXT  H N N 126 
GLY N    N N N 127 
GLY CA   C N N 128 
GLY C    C N N 129 
GLY O    O N N 130 
GLY OXT  O N N 131 
GLY H    H N N 132 
GLY H2   H N N 133 
GLY HA2  H N N 134 
GLY HA3  H N N 135 
GLY HXT  H N N 136 
HIS N    N N N 137 
HIS CA   C N S 138 
HIS C    C N N 139 
HIS O    O N N 140 
HIS CB   C N N 141 
HIS CG   C Y N 142 
HIS ND1  N Y N 143 
HIS CD2  C Y N 144 
HIS CE1  C Y N 145 
HIS NE2  N Y N 146 
HIS OXT  O N N 147 
HIS H    H N N 148 
HIS H2   H N N 149 
HIS HA   H N N 150 
HIS HB2  H N N 151 
HIS HB3  H N N 152 
HIS HD1  H N N 153 
HIS HD2  H N N 154 
HIS HE1  H N N 155 
HIS HE2  H N N 156 
HIS HXT  H N N 157 
HOH O    O N N 158 
HOH H1   H N N 159 
HOH H2   H N N 160 
ILE N    N N N 161 
ILE CA   C N S 162 
ILE C    C N N 163 
ILE O    O N N 164 
ILE CB   C N S 165 
ILE CG1  C N N 166 
ILE CG2  C N N 167 
ILE CD1  C N N 168 
ILE OXT  O N N 169 
ILE H    H N N 170 
ILE H2   H N N 171 
ILE HA   H N N 172 
ILE HB   H N N 173 
ILE HG12 H N N 174 
ILE HG13 H N N 175 
ILE HG21 H N N 176 
ILE HG22 H N N 177 
ILE HG23 H N N 178 
ILE HD11 H N N 179 
ILE HD12 H N N 180 
ILE HD13 H N N 181 
ILE HXT  H N N 182 
IOD I    I N N 183 
LEU N    N N N 184 
LEU CA   C N S 185 
LEU C    C N N 186 
LEU O    O N N 187 
LEU CB   C N N 188 
LEU CG   C N N 189 
LEU CD1  C N N 190 
LEU CD2  C N N 191 
LEU OXT  O N N 192 
LEU H    H N N 193 
LEU H2   H N N 194 
LEU HA   H N N 195 
LEU HB2  H N N 196 
LEU HB3  H N N 197 
LEU HG   H N N 198 
LEU HD11 H N N 199 
LEU HD12 H N N 200 
LEU HD13 H N N 201 
LEU HD21 H N N 202 
LEU HD22 H N N 203 
LEU HD23 H N N 204 
LEU HXT  H N N 205 
LYS N    N N N 206 
LYS CA   C N S 207 
LYS C    C N N 208 
LYS O    O N N 209 
LYS CB   C N N 210 
LYS CG   C N N 211 
LYS CD   C N N 212 
LYS CE   C N N 213 
LYS NZ   N N N 214 
LYS OXT  O N N 215 
LYS H    H N N 216 
LYS H2   H N N 217 
LYS HA   H N N 218 
LYS HB2  H N N 219 
LYS HB3  H N N 220 
LYS HG2  H N N 221 
LYS HG3  H N N 222 
LYS HD2  H N N 223 
LYS HD3  H N N 224 
LYS HE2  H N N 225 
LYS HE3  H N N 226 
LYS HZ1  H N N 227 
LYS HZ2  H N N 228 
LYS HZ3  H N N 229 
LYS HXT  H N N 230 
MET N    N N N 231 
MET CA   C N S 232 
MET C    C N N 233 
MET O    O N N 234 
MET CB   C N N 235 
MET CG   C N N 236 
MET SD   S N N 237 
MET CE   C N N 238 
MET OXT  O N N 239 
MET H    H N N 240 
MET H2   H N N 241 
MET HA   H N N 242 
MET HB2  H N N 243 
MET HB3  H N N 244 
MET HG2  H N N 245 
MET HG3  H N N 246 
MET HE1  H N N 247 
MET HE2  H N N 248 
MET HE3  H N N 249 
MET HXT  H N N 250 
PHE N    N N N 251 
PHE CA   C N S 252 
PHE C    C N N 253 
PHE O    O N N 254 
PHE CB   C N N 255 
PHE CG   C Y N 256 
PHE CD1  C Y N 257 
PHE CD2  C Y N 258 
PHE CE1  C Y N 259 
PHE CE2  C Y N 260 
PHE CZ   C Y N 261 
PHE OXT  O N N 262 
PHE H    H N N 263 
PHE H2   H N N 264 
PHE HA   H N N 265 
PHE HB2  H N N 266 
PHE HB3  H N N 267 
PHE HD1  H N N 268 
PHE HD2  H N N 269 
PHE HE1  H N N 270 
PHE HE2  H N N 271 
PHE HZ   H N N 272 
PHE HXT  H N N 273 
PRO N    N N N 274 
PRO CA   C N S 275 
PRO C    C N N 276 
PRO O    O N N 277 
PRO CB   C N N 278 
PRO CG   C N N 279 
PRO CD   C N N 280 
PRO OXT  O N N 281 
PRO H    H N N 282 
PRO HA   H N N 283 
PRO HB2  H N N 284 
PRO HB3  H N N 285 
PRO HG2  H N N 286 
PRO HG3  H N N 287 
PRO HD2  H N N 288 
PRO HD3  H N N 289 
PRO HXT  H N N 290 
SER N    N N N 291 
SER CA   C N S 292 
SER C    C N N 293 
SER O    O N N 294 
SER CB   C N N 295 
SER OG   O N N 296 
SER OXT  O N N 297 
SER H    H N N 298 
SER H2   H N N 299 
SER HA   H N N 300 
SER HB2  H N N 301 
SER HB3  H N N 302 
SER HG   H N N 303 
SER HXT  H N N 304 
SO4 S    S N N 305 
SO4 O1   O N N 306 
SO4 O2   O N N 307 
SO4 O3   O N N 308 
SO4 O4   O N N 309 
THR N    N N N 310 
THR CA   C N S 311 
THR C    C N N 312 
THR O    O N N 313 
THR CB   C N R 314 
THR OG1  O N N 315 
THR CG2  C N N 316 
THR OXT  O N N 317 
THR H    H N N 318 
THR H2   H N N 319 
THR HA   H N N 320 
THR HB   H N N 321 
THR HG1  H N N 322 
THR HG21 H N N 323 
THR HG22 H N N 324 
THR HG23 H N N 325 
THR HXT  H N N 326 
TRP N    N N N 327 
TRP CA   C N S 328 
TRP C    C N N 329 
TRP O    O N N 330 
TRP CB   C N N 331 
TRP CG   C Y N 332 
TRP CD1  C Y N 333 
TRP CD2  C Y N 334 
TRP NE1  N Y N 335 
TRP CE2  C Y N 336 
TRP CE3  C Y N 337 
TRP CZ2  C Y N 338 
TRP CZ3  C Y N 339 
TRP CH2  C Y N 340 
TRP OXT  O N N 341 
TRP H    H N N 342 
TRP H2   H N N 343 
TRP HA   H N N 344 
TRP HB2  H N N 345 
TRP HB3  H N N 346 
TRP HD1  H N N 347 
TRP HE1  H N N 348 
TRP HE3  H N N 349 
TRP HZ2  H N N 350 
TRP HZ3  H N N 351 
TRP HH2  H N N 352 
TRP HXT  H N N 353 
TYR N    N N N 354 
TYR CA   C N S 355 
TYR C    C N N 356 
TYR O    O N N 357 
TYR CB   C N N 358 
TYR CG   C Y N 359 
TYR CD1  C Y N 360 
TYR CD2  C Y N 361 
TYR CE1  C Y N 362 
TYR CE2  C Y N 363 
TYR CZ   C Y N 364 
TYR OH   O N N 365 
TYR OXT  O N N 366 
TYR H    H N N 367 
TYR H2   H N N 368 
TYR HA   H N N 369 
TYR HB2  H N N 370 
TYR HB3  H N N 371 
TYR HD1  H N N 372 
TYR HD2  H N N 373 
TYR HE1  H N N 374 
TYR HE2  H N N 375 
TYR HH   H N N 376 
TYR HXT  H N N 377 
VAL N    N N N 378 
VAL CA   C N S 379 
VAL C    C N N 380 
VAL O    O N N 381 
VAL CB   C N N 382 
VAL CG1  C N N 383 
VAL CG2  C N N 384 
VAL OXT  O N N 385 
VAL H    H N N 386 
VAL H2   H N N 387 
VAL HA   H N N 388 
VAL HB   H N N 389 
VAL HG11 H N N 390 
VAL HG12 H N N 391 
VAL HG13 H N N 392 
VAL HG21 H N N 393 
VAL HG22 H N N 394 
VAL HG23 H N N 395 
VAL HXT  H N N 396 
XFS C10  C Y N 397 
XFS C13  C Y N 398 
XFS C15  C N N 399 
XFS C20  C N N 400 
XFS C21  C N N 401 
XFS C24  C Y N 402 
XFS C01  C N N 403 
XFS C02  C Y N 404 
XFS C03  C Y N 405 
XFS C04  C Y N 406 
XFS C05  C Y N 407 
XFS O06  O Y N 408 
XFS C07  C Y N 409 
XFS C08  C N N 410 
XFS C09  C N N 411 
XFS C11  C Y N 412 
XFS C12  C Y N 413 
XFS C14  C Y N 414 
XFS O16  O N N 415 
XFS O17  O N N 416 
XFS C18  C Y N 417 
XFS C19  C Y N 418 
XFS O22  O N N 419 
XFS O23  O N N 420 
XFS C25  C Y N 421 
XFS H1   H N N 422 
XFS H2   H N N 423 
XFS H3   H N N 424 
XFS H4   H N N 425 
XFS H5   H N N 426 
XFS H6   H N N 427 
XFS H7   H N N 428 
XFS H8   H N N 429 
XFS H9   H N N 430 
XFS H10  H N N 431 
XFS H11  H N N 432 
XFS H12  H N N 433 
XFS H13  H N N 434 
XFS H14  H N N 435 
# 
loop_
_chem_comp_bond.comp_id 
_chem_comp_bond.atom_id_1 
_chem_comp_bond.atom_id_2 
_chem_comp_bond.value_order 
_chem_comp_bond.pdbx_aromatic_flag 
_chem_comp_bond.pdbx_stereo_config 
_chem_comp_bond.pdbx_ordinal 
ALA N   CA   sing N N 1   
ALA N   H    sing N N 2   
ALA N   H2   sing N N 3   
ALA CA  C    sing N N 4   
ALA CA  CB   sing N N 5   
ALA CA  HA   sing N N 6   
ALA C   O    doub N N 7   
ALA C   OXT  sing N N 8   
ALA CB  HB1  sing N N 9   
ALA CB  HB2  sing N N 10  
ALA CB  HB3  sing N N 11  
ALA OXT HXT  sing N N 12  
ARG N   CA   sing N N 13  
ARG N   H    sing N N 14  
ARG N   H2   sing N N 15  
ARG CA  C    sing N N 16  
ARG CA  CB   sing N N 17  
ARG CA  HA   sing N N 18  
ARG C   O    doub N N 19  
ARG C   OXT  sing N N 20  
ARG CB  CG   sing N N 21  
ARG CB  HB2  sing N N 22  
ARG CB  HB3  sing N N 23  
ARG CG  CD   sing N N 24  
ARG CG  HG2  sing N N 25  
ARG CG  HG3  sing N N 26  
ARG CD  NE   sing N N 27  
ARG CD  HD2  sing N N 28  
ARG CD  HD3  sing N N 29  
ARG NE  CZ   sing N N 30  
ARG NE  HE   sing N N 31  
ARG CZ  NH1  sing N N 32  
ARG CZ  NH2  doub N N 33  
ARG NH1 HH11 sing N N 34  
ARG NH1 HH12 sing N N 35  
ARG NH2 HH21 sing N N 36  
ARG NH2 HH22 sing N N 37  
ARG OXT HXT  sing N N 38  
ASN N   CA   sing N N 39  
ASN N   H    sing N N 40  
ASN N   H2   sing N N 41  
ASN CA  C    sing N N 42  
ASN CA  CB   sing N N 43  
ASN CA  HA   sing N N 44  
ASN C   O    doub N N 45  
ASN C   OXT  sing N N 46  
ASN CB  CG   sing N N 47  
ASN CB  HB2  sing N N 48  
ASN CB  HB3  sing N N 49  
ASN CG  OD1  doub N N 50  
ASN CG  ND2  sing N N 51  
ASN ND2 HD21 sing N N 52  
ASN ND2 HD22 sing N N 53  
ASN OXT HXT  sing N N 54  
ASP N   CA   sing N N 55  
ASP N   H    sing N N 56  
ASP N   H2   sing N N 57  
ASP CA  C    sing N N 58  
ASP CA  CB   sing N N 59  
ASP CA  HA   sing N N 60  
ASP C   O    doub N N 61  
ASP C   OXT  sing N N 62  
ASP CB  CG   sing N N 63  
ASP CB  HB2  sing N N 64  
ASP CB  HB3  sing N N 65  
ASP CG  OD1  doub N N 66  
ASP CG  OD2  sing N N 67  
ASP OD2 HD2  sing N N 68  
ASP OXT HXT  sing N N 69  
CYS N   CA   sing N N 70  
CYS N   H    sing N N 71  
CYS N   H2   sing N N 72  
CYS CA  C    sing N N 73  
CYS CA  CB   sing N N 74  
CYS CA  HA   sing N N 75  
CYS C   O    doub N N 76  
CYS C   OXT  sing N N 77  
CYS CB  SG   sing N N 78  
CYS CB  HB2  sing N N 79  
CYS CB  HB3  sing N N 80  
CYS SG  HG   sing N N 81  
CYS OXT HXT  sing N N 82  
GLN N   CA   sing N N 83  
GLN N   H    sing N N 84  
GLN N   H2   sing N N 85  
GLN CA  C    sing N N 86  
GLN CA  CB   sing N N 87  
GLN CA  HA   sing N N 88  
GLN C   O    doub N N 89  
GLN C   OXT  sing N N 90  
GLN CB  CG   sing N N 91  
GLN CB  HB2  sing N N 92  
GLN CB  HB3  sing N N 93  
GLN CG  CD   sing N N 94  
GLN CG  HG2  sing N N 95  
GLN CG  HG3  sing N N 96  
GLN CD  OE1  doub N N 97  
GLN CD  NE2  sing N N 98  
GLN NE2 HE21 sing N N 99  
GLN NE2 HE22 sing N N 100 
GLN OXT HXT  sing N N 101 
GLU N   CA   sing N N 102 
GLU N   H    sing N N 103 
GLU N   H2   sing N N 104 
GLU CA  C    sing N N 105 
GLU CA  CB   sing N N 106 
GLU CA  HA   sing N N 107 
GLU C   O    doub N N 108 
GLU C   OXT  sing N N 109 
GLU CB  CG   sing N N 110 
GLU CB  HB2  sing N N 111 
GLU CB  HB3  sing N N 112 
GLU CG  CD   sing N N 113 
GLU CG  HG2  sing N N 114 
GLU CG  HG3  sing N N 115 
GLU CD  OE1  doub N N 116 
GLU CD  OE2  sing N N 117 
GLU OE2 HE2  sing N N 118 
GLU OXT HXT  sing N N 119 
GLY N   CA   sing N N 120 
GLY N   H    sing N N 121 
GLY N   H2   sing N N 122 
GLY CA  C    sing N N 123 
GLY CA  HA2  sing N N 124 
GLY CA  HA3  sing N N 125 
GLY C   O    doub N N 126 
GLY C   OXT  sing N N 127 
GLY OXT HXT  sing N N 128 
HIS N   CA   sing N N 129 
HIS N   H    sing N N 130 
HIS N   H2   sing N N 131 
HIS CA  C    sing N N 132 
HIS CA  CB   sing N N 133 
HIS CA  HA   sing N N 134 
HIS C   O    doub N N 135 
HIS C   OXT  sing N N 136 
HIS CB  CG   sing N N 137 
HIS CB  HB2  sing N N 138 
HIS CB  HB3  sing N N 139 
HIS CG  ND1  sing Y N 140 
HIS CG  CD2  doub Y N 141 
HIS ND1 CE1  doub Y N 142 
HIS ND1 HD1  sing N N 143 
HIS CD2 NE2  sing Y N 144 
HIS CD2 HD2  sing N N 145 
HIS CE1 NE2  sing Y N 146 
HIS CE1 HE1  sing N N 147 
HIS NE2 HE2  sing N N 148 
HIS OXT HXT  sing N N 149 
HOH O   H1   sing N N 150 
HOH O   H2   sing N N 151 
ILE N   CA   sing N N 152 
ILE N   H    sing N N 153 
ILE N   H2   sing N N 154 
ILE CA  C    sing N N 155 
ILE CA  CB   sing N N 156 
ILE CA  HA   sing N N 157 
ILE C   O    doub N N 158 
ILE C   OXT  sing N N 159 
ILE CB  CG1  sing N N 160 
ILE CB  CG2  sing N N 161 
ILE CB  HB   sing N N 162 
ILE CG1 CD1  sing N N 163 
ILE CG1 HG12 sing N N 164 
ILE CG1 HG13 sing N N 165 
ILE CG2 HG21 sing N N 166 
ILE CG2 HG22 sing N N 167 
ILE CG2 HG23 sing N N 168 
ILE CD1 HD11 sing N N 169 
ILE CD1 HD12 sing N N 170 
ILE CD1 HD13 sing N N 171 
ILE OXT HXT  sing N N 172 
LEU N   CA   sing N N 173 
LEU N   H    sing N N 174 
LEU N   H2   sing N N 175 
LEU CA  C    sing N N 176 
LEU CA  CB   sing N N 177 
LEU CA  HA   sing N N 178 
LEU C   O    doub N N 179 
LEU C   OXT  sing N N 180 
LEU CB  CG   sing N N 181 
LEU CB  HB2  sing N N 182 
LEU CB  HB3  sing N N 183 
LEU CG  CD1  sing N N 184 
LEU CG  CD2  sing N N 185 
LEU CG  HG   sing N N 186 
LEU CD1 HD11 sing N N 187 
LEU CD1 HD12 sing N N 188 
LEU CD1 HD13 sing N N 189 
LEU CD2 HD21 sing N N 190 
LEU CD2 HD22 sing N N 191 
LEU CD2 HD23 sing N N 192 
LEU OXT HXT  sing N N 193 
LYS N   CA   sing N N 194 
LYS N   H    sing N N 195 
LYS N   H2   sing N N 196 
LYS CA  C    sing N N 197 
LYS CA  CB   sing N N 198 
LYS CA  HA   sing N N 199 
LYS C   O    doub N N 200 
LYS C   OXT  sing N N 201 
LYS CB  CG   sing N N 202 
LYS CB  HB2  sing N N 203 
LYS CB  HB3  sing N N 204 
LYS CG  CD   sing N N 205 
LYS CG  HG2  sing N N 206 
LYS CG  HG3  sing N N 207 
LYS CD  CE   sing N N 208 
LYS CD  HD2  sing N N 209 
LYS CD  HD3  sing N N 210 
LYS CE  NZ   sing N N 211 
LYS CE  HE2  sing N N 212 
LYS CE  HE3  sing N N 213 
LYS NZ  HZ1  sing N N 214 
LYS NZ  HZ2  sing N N 215 
LYS NZ  HZ3  sing N N 216 
LYS OXT HXT  sing N N 217 
MET N   CA   sing N N 218 
MET N   H    sing N N 219 
MET N   H2   sing N N 220 
MET CA  C    sing N N 221 
MET CA  CB   sing N N 222 
MET CA  HA   sing N N 223 
MET C   O    doub N N 224 
MET C   OXT  sing N N 225 
MET CB  CG   sing N N 226 
MET CB  HB2  sing N N 227 
MET CB  HB3  sing N N 228 
MET CG  SD   sing N N 229 
MET CG  HG2  sing N N 230 
MET CG  HG3  sing N N 231 
MET SD  CE   sing N N 232 
MET CE  HE1  sing N N 233 
MET CE  HE2  sing N N 234 
MET CE  HE3  sing N N 235 
MET OXT HXT  sing N N 236 
PHE N   CA   sing N N 237 
PHE N   H    sing N N 238 
PHE N   H2   sing N N 239 
PHE CA  C    sing N N 240 
PHE CA  CB   sing N N 241 
PHE CA  HA   sing N N 242 
PHE C   O    doub N N 243 
PHE C   OXT  sing N N 244 
PHE CB  CG   sing N N 245 
PHE CB  HB2  sing N N 246 
PHE CB  HB3  sing N N 247 
PHE CG  CD1  doub Y N 248 
PHE CG  CD2  sing Y N 249 
PHE CD1 CE1  sing Y N 250 
PHE CD1 HD1  sing N N 251 
PHE CD2 CE2  doub Y N 252 
PHE CD2 HD2  sing N N 253 
PHE CE1 CZ   doub Y N 254 
PHE CE1 HE1  sing N N 255 
PHE CE2 CZ   sing Y N 256 
PHE CE2 HE2  sing N N 257 
PHE CZ  HZ   sing N N 258 
PHE OXT HXT  sing N N 259 
PRO N   CA   sing N N 260 
PRO N   CD   sing N N 261 
PRO N   H    sing N N 262 
PRO CA  C    sing N N 263 
PRO CA  CB   sing N N 264 
PRO CA  HA   sing N N 265 
PRO C   O    doub N N 266 
PRO C   OXT  sing N N 267 
PRO CB  CG   sing N N 268 
PRO CB  HB2  sing N N 269 
PRO CB  HB3  sing N N 270 
PRO CG  CD   sing N N 271 
PRO CG  HG2  sing N N 272 
PRO CG  HG3  sing N N 273 
PRO CD  HD2  sing N N 274 
PRO CD  HD3  sing N N 275 
PRO OXT HXT  sing N N 276 
SER N   CA   sing N N 277 
SER N   H    sing N N 278 
SER N   H2   sing N N 279 
SER CA  C    sing N N 280 
SER CA  CB   sing N N 281 
SER CA  HA   sing N N 282 
SER C   O    doub N N 283 
SER C   OXT  sing N N 284 
SER CB  OG   sing N N 285 
SER CB  HB2  sing N N 286 
SER CB  HB3  sing N N 287 
SER OG  HG   sing N N 288 
SER OXT HXT  sing N N 289 
SO4 S   O1   doub N N 290 
SO4 S   O2   doub N N 291 
SO4 S   O3   sing N N 292 
SO4 S   O4   sing N N 293 
THR N   CA   sing N N 294 
THR N   H    sing N N 295 
THR N   H2   sing N N 296 
THR CA  C    sing N N 297 
THR CA  CB   sing N N 298 
THR CA  HA   sing N N 299 
THR C   O    doub N N 300 
THR C   OXT  sing N N 301 
THR CB  OG1  sing N N 302 
THR CB  CG2  sing N N 303 
THR CB  HB   sing N N 304 
THR OG1 HG1  sing N N 305 
THR CG2 HG21 sing N N 306 
THR CG2 HG22 sing N N 307 
THR CG2 HG23 sing N N 308 
THR OXT HXT  sing N N 309 
TRP N   CA   sing N N 310 
TRP N   H    sing N N 311 
TRP N   H2   sing N N 312 
TRP CA  C    sing N N 313 
TRP CA  CB   sing N N 314 
TRP CA  HA   sing N N 315 
TRP C   O    doub N N 316 
TRP C   OXT  sing N N 317 
TRP CB  CG   sing N N 318 
TRP CB  HB2  sing N N 319 
TRP CB  HB3  sing N N 320 
TRP CG  CD1  doub Y N 321 
TRP CG  CD2  sing Y N 322 
TRP CD1 NE1  sing Y N 323 
TRP CD1 HD1  sing N N 324 
TRP CD2 CE2  doub Y N 325 
TRP CD2 CE3  sing Y N 326 
TRP NE1 CE2  sing Y N 327 
TRP NE1 HE1  sing N N 328 
TRP CE2 CZ2  sing Y N 329 
TRP CE3 CZ3  doub Y N 330 
TRP CE3 HE3  sing N N 331 
TRP CZ2 CH2  doub Y N 332 
TRP CZ2 HZ2  sing N N 333 
TRP CZ3 CH2  sing Y N 334 
TRP CZ3 HZ3  sing N N 335 
TRP CH2 HH2  sing N N 336 
TRP OXT HXT  sing N N 337 
TYR N   CA   sing N N 338 
TYR N   H    sing N N 339 
TYR N   H2   sing N N 340 
TYR CA  C    sing N N 341 
TYR CA  CB   sing N N 342 
TYR CA  HA   sing N N 343 
TYR C   O    doub N N 344 
TYR C   OXT  sing N N 345 
TYR CB  CG   sing N N 346 
TYR CB  HB2  sing N N 347 
TYR CB  HB3  sing N N 348 
TYR CG  CD1  doub Y N 349 
TYR CG  CD2  sing Y N 350 
TYR CD1 CE1  sing Y N 351 
TYR CD1 HD1  sing N N 352 
TYR CD2 CE2  doub Y N 353 
TYR CD2 HD2  sing N N 354 
TYR CE1 CZ   doub Y N 355 
TYR CE1 HE1  sing N N 356 
TYR CE2 CZ   sing Y N 357 
TYR CE2 HE2  sing N N 358 
TYR CZ  OH   sing N N 359 
TYR OH  HH   sing N N 360 
TYR OXT HXT  sing N N 361 
VAL N   CA   sing N N 362 
VAL N   H    sing N N 363 
VAL N   H2   sing N N 364 
VAL CA  C    sing N N 365 
VAL CA  CB   sing N N 366 
VAL CA  HA   sing N N 367 
VAL C   O    doub N N 368 
VAL C   OXT  sing N N 369 
VAL CB  CG1  sing N N 370 
VAL CB  CG2  sing N N 371 
VAL CB  HB   sing N N 372 
VAL CG1 HG11 sing N N 373 
VAL CG1 HG12 sing N N 374 
VAL CG1 HG13 sing N N 375 
VAL CG2 HG21 sing N N 376 
VAL CG2 HG22 sing N N 377 
VAL CG2 HG23 sing N N 378 
VAL OXT HXT  sing N N 379 
XFS C01 C02  sing N N 380 
XFS C02 C25  doub Y N 381 
XFS C02 C03  sing Y N 382 
XFS C25 C24  sing Y N 383 
XFS O22 C21  doub N N 384 
XFS C03 C04  doub Y N 385 
XFS C20 C21  sing N N 386 
XFS C20 C19  sing N N 387 
XFS C24 C19  sing Y N 388 
XFS C24 C05  doub Y N 389 
XFS C21 O23  sing N N 390 
XFS C19 C07  doub Y N 391 
XFS C04 C05  sing Y N 392 
XFS C05 O06  sing Y N 393 
XFS C07 O06  sing Y N 394 
XFS C07 C08  sing N N 395 
XFS C08 C09  trip N N 396 
XFS C09 C10  sing N N 397 
XFS C10 C18  doub Y N 398 
XFS C10 C11  sing Y N 399 
XFS C18 C14  sing Y N 400 
XFS O16 C15  doub N N 401 
XFS C11 C12  doub Y N 402 
XFS C14 C15  sing N N 403 
XFS C14 C13  doub Y N 404 
XFS C15 O17  sing N N 405 
XFS C12 C13  sing Y N 406 
XFS C13 H1   sing N N 407 
XFS C20 H2   sing N N 408 
XFS C20 H3   sing N N 409 
XFS C01 H4   sing N N 410 
XFS C01 H5   sing N N 411 
XFS C01 H6   sing N N 412 
XFS C03 H7   sing N N 413 
XFS C04 H8   sing N N 414 
XFS C11 H9   sing N N 415 
XFS C12 H10  sing N N 416 
XFS O17 H11  sing N N 417 
XFS C18 H12  sing N N 418 
XFS O23 H13  sing N N 419 
XFS C25 H14  sing N N 420 
# 
_pdbx_audit_support.funding_organization   'Not funded' 
_pdbx_audit_support.country                Australia 
_pdbx_audit_support.grant_number           ? 
_pdbx_audit_support.ordinal                1 
# 
_pdbx_entity_instance_feature.ordinal        1 
_pdbx_entity_instance_feature.comp_id        XFS 
_pdbx_entity_instance_feature.asym_id        ? 
_pdbx_entity_instance_feature.seq_num        ? 
_pdbx_entity_instance_feature.auth_comp_id   XFS 
_pdbx_entity_instance_feature.auth_asym_id   ? 
_pdbx_entity_instance_feature.auth_seq_num   ? 
_pdbx_entity_instance_feature.feature_type   'SUBJECT OF INVESTIGATION' 
_pdbx_entity_instance_feature.details        ? 
# 
loop_
_pdbx_entity_nonpoly.entity_id 
_pdbx_entity_nonpoly.name 
_pdbx_entity_nonpoly.comp_id 
2 'SULFATE ION'                                                           SO4 
3 'IODIDE ION'                                                            IOD 
4 '3-{[3-(carboxymethyl)-5-methyl-1-benzofuran-2-yl]ethynyl}benzoic acid' XFS 
5 water                                                                   HOH 
# 
_pdbx_initial_refinement_model.id               1 
_pdbx_initial_refinement_model.entity_id_list   ? 
_pdbx_initial_refinement_model.type             'experimental model' 
_pdbx_initial_refinement_model.source_name      PDB 
_pdbx_initial_refinement_model.accession_code   3VQA 
_pdbx_initial_refinement_model.details          ? 
# 
